data_6SMR
#
_entry.id   6SMR
#
_cell.length_a   118.856
_cell.length_b   120.975
_cell.length_c   131.800
_cell.angle_alpha   90.000
_cell.angle_beta   90.000
_cell.angle_gamma   90.000
#
_symmetry.space_group_name_H-M   'P 21 21 21'
#
loop_
_entity.id
_entity.type
_entity.pdbx_description
1 polymer 'Serine hydroxymethyltransferase 4'
2 non-polymer [3-HYDROXY-2-METHYL-5-PHOSPHONOOXYMETHYL-PYRIDIN-4-YLMETHYL]-SERINE
3 non-polymer 1,2-ETHANEDIOL
4 non-polymer METHOTREXATE
5 non-polymer 2-AMINO-2-HYDROXYMETHYL-PROPANE-1,3-DIOL
6 water water
#
_entity_poly.entity_id   1
_entity_poly.type   'polypeptide(L)'
_entity_poly.pdbx_seq_one_letter_code
;SNAMEPVSSWGNTSLVSVDPEIHDLIEKEKRRQCRGIELIASENFTSFAVIEALGSALTNKYSEGIPGNRYYGGNEFIDE
IENLCRSRALEAFHCDPAAWGVNVQPYSGSPANFAAYTALLQPHDRIMGLDLPSGGHLTHGYYTSGGKKISATSIYFESL
PYKVNFTTGYIDYDKLEEKALDFRPKLLICGGSAYPRDWDYARFRAIADKVGALLLCDMAHISGLVAAQEAANPFEYCDV
VTTTTHKSLRGPRAGMIFYRKGPKPPKKGQPEGAVYDFEDKINFAVFPALQGGPHNHQIGALAVALKQANTPGFKVYAKQ
VKANAVALGNYLMSKGYQIVTNGTENHLVLWDLRPLGLTGNKVEKLCDLCSITLNKNAVFGDSSALAPGGVRIGAPAMTS
RGLVEKDFEQIGEFLSRAVTLTLDIQKTYGKLLKDFNKGLVNNKDLDQLKADVEKFSASYEMPGFLMSEMKYKD
;
_entity_poly.pdbx_strand_id   A,B,C,D
#
# COMPACT_ATOMS: atom_id res chain seq x y z
N SER A 1 9.96 -24.55 -50.75
CA SER A 1 10.66 -23.70 -49.81
C SER A 1 11.53 -24.52 -48.87
N ASN A 2 11.21 -24.44 -47.57
CA ASN A 2 11.89 -25.17 -46.49
C ASN A 2 13.41 -25.09 -46.56
N ALA A 3 13.98 -24.06 -47.19
CA ALA A 3 15.42 -23.80 -47.07
C ALA A 3 15.65 -22.38 -46.56
N MET A 4 16.45 -22.27 -45.51
CA MET A 4 16.71 -20.97 -44.91
C MET A 4 17.52 -20.07 -45.84
N GLU A 5 17.26 -18.78 -45.73
CA GLU A 5 18.10 -17.81 -46.39
C GLU A 5 19.53 -17.96 -45.90
N PRO A 6 20.53 -17.87 -46.79
CA PRO A 6 21.93 -18.01 -46.33
C PRO A 6 22.29 -16.95 -45.29
N VAL A 7 23.15 -17.34 -44.36
CA VAL A 7 23.54 -16.44 -43.27
C VAL A 7 24.18 -15.18 -43.82
N SER A 8 25.04 -15.31 -44.83
CA SER A 8 25.66 -14.13 -45.43
C SER A 8 24.61 -13.17 -45.98
N SER A 9 23.47 -13.69 -46.42
CA SER A 9 22.44 -12.84 -47.01
C SER A 9 21.81 -11.93 -45.97
N TRP A 10 21.11 -12.50 -44.98
CA TRP A 10 20.40 -11.69 -44.00
C TRP A 10 21.32 -11.24 -42.87
N GLY A 11 22.34 -12.03 -42.53
CA GLY A 11 23.08 -11.80 -41.30
C GLY A 11 24.38 -11.01 -41.41
N ASN A 12 24.98 -10.95 -42.61
CA ASN A 12 26.22 -10.23 -42.77
C ASN A 12 26.12 -9.02 -43.70
N THR A 13 25.06 -8.92 -44.49
CA THR A 13 24.93 -7.80 -45.40
C THR A 13 24.79 -6.50 -44.59
N SER A 14 25.35 -5.42 -45.12
CA SER A 14 25.34 -4.17 -44.39
C SER A 14 23.94 -3.55 -44.36
N LEU A 15 23.75 -2.62 -43.44
CA LEU A 15 22.44 -2.01 -43.24
C LEU A 15 21.95 -1.29 -44.49
N VAL A 16 22.87 -0.68 -45.23
CA VAL A 16 22.44 0.14 -46.38
C VAL A 16 21.74 -0.72 -47.43
N SER A 17 22.12 -2.00 -47.55
CA SER A 17 21.43 -2.92 -48.44
C SER A 17 20.25 -3.63 -47.79
N VAL A 18 20.34 -3.94 -46.50
CA VAL A 18 19.26 -4.67 -45.84
C VAL A 18 18.04 -3.77 -45.63
N ASP A 19 18.26 -2.50 -45.31
CA ASP A 19 17.16 -1.60 -44.94
C ASP A 19 17.50 -0.19 -45.42
N PRO A 20 17.38 0.05 -46.73
CA PRO A 20 17.63 1.40 -47.25
C PRO A 20 16.83 2.48 -46.55
N GLU A 21 15.58 2.21 -46.17
CA GLU A 21 14.77 3.23 -45.48
C GLU A 21 15.40 3.67 -44.17
N ILE A 22 15.73 2.72 -43.30
CA ILE A 22 16.32 3.08 -42.01
C ILE A 22 17.69 3.70 -42.22
N HIS A 23 18.51 3.12 -43.11
CA HIS A 23 19.81 3.71 -43.39
C HIS A 23 19.68 5.18 -43.77
N ASP A 24 18.73 5.49 -44.66
CA ASP A 24 18.55 6.85 -45.14
C ASP A 24 18.14 7.79 -44.02
N LEU A 25 17.27 7.33 -43.12
CA LEU A 25 16.85 8.17 -42.01
C LEU A 25 17.98 8.46 -41.04
N ILE A 26 18.85 7.47 -40.81
CA ILE A 26 19.98 7.69 -39.91
C ILE A 26 20.95 8.69 -40.53
N GLU A 27 21.08 8.68 -41.86
CA GLU A 27 21.96 9.63 -42.54
C GLU A 27 21.38 11.04 -42.48
N LYS A 28 20.07 11.17 -42.64
CA LYS A 28 19.42 12.46 -42.40
C LYS A 28 19.65 12.92 -40.96
N GLU A 29 19.49 12.02 -39.98
CA GLU A 29 19.71 12.38 -38.60
C GLU A 29 21.17 12.72 -38.33
N LYS A 30 22.10 12.05 -39.03
CA LYS A 30 23.51 12.40 -38.91
C LYS A 30 23.77 13.81 -39.40
N ARG A 31 23.24 14.16 -40.58
CA ARG A 31 23.42 15.52 -41.09
C ARG A 31 22.78 16.54 -40.15
N ARG A 32 21.59 16.23 -39.64
CA ARG A 32 20.93 17.13 -38.72
C ARG A 32 21.81 17.45 -37.52
N GLN A 33 22.47 16.43 -36.96
CA GLN A 33 23.28 16.61 -35.76
C GLN A 33 24.49 17.49 -36.02
N CYS A 34 25.03 17.50 -37.25
CA CYS A 34 26.20 18.33 -37.53
C CYS A 34 25.88 19.57 -38.35
N ARG A 35 24.61 19.93 -38.50
CA ARG A 35 24.25 21.13 -39.23
C ARG A 35 23.33 22.05 -38.42
N GLY A 36 22.96 21.67 -37.21
CA GLY A 36 22.25 22.53 -36.31
C GLY A 36 23.12 23.04 -35.18
N ILE A 37 22.53 23.88 -34.35
CA ILE A 37 23.15 24.32 -33.11
C ILE A 37 22.44 23.59 -31.98
N GLU A 38 23.11 22.60 -31.40
CA GLU A 38 22.50 21.67 -30.46
C GLU A 38 22.75 22.15 -29.03
N LEU A 39 21.71 22.70 -28.39
CA LEU A 39 21.81 23.31 -27.07
C LEU A 39 20.99 22.59 -26.00
N ILE A 40 20.42 21.42 -26.31
CA ILE A 40 19.73 20.68 -25.26
C ILE A 40 20.75 20.22 -24.25
N ALA A 41 20.61 20.70 -23.00
CA ALA A 41 21.66 20.55 -21.99
C ALA A 41 21.94 19.09 -21.65
N SER A 42 20.97 18.22 -21.82
CA SER A 42 21.21 16.81 -21.50
C SER A 42 21.83 16.03 -22.65
N GLU A 43 22.08 16.63 -23.82
CA GLU A 43 22.62 15.91 -24.96
C GLU A 43 24.12 16.09 -25.06
N ASN A 44 24.74 15.17 -25.81
CA ASN A 44 26.16 15.22 -26.08
C ASN A 44 26.44 14.42 -27.34
N PHE A 45 27.65 14.57 -27.85
CA PHE A 45 28.11 13.82 -29.02
C PHE A 45 29.23 12.90 -28.54
N THR A 46 28.92 11.61 -28.48
CA THR A 46 29.84 10.61 -27.97
C THR A 46 30.81 10.15 -29.07
N SER A 47 31.85 9.44 -28.67
CA SER A 47 32.91 9.08 -29.60
C SER A 47 32.50 7.92 -30.51
N PHE A 48 33.21 7.82 -31.63
CA PHE A 48 33.08 6.65 -32.49
C PHE A 48 33.49 5.38 -31.78
N ALA A 49 34.46 5.46 -30.88
CA ALA A 49 34.91 4.26 -30.20
C ALA A 49 33.84 3.72 -29.28
N VAL A 50 33.19 4.61 -28.51
CA VAL A 50 32.02 4.20 -27.72
C VAL A 50 30.97 3.55 -28.62
N ILE A 51 30.70 4.17 -29.77
CA ILE A 51 29.68 3.69 -30.69
C ILE A 51 30.07 2.34 -31.27
N GLU A 52 31.37 2.11 -31.49
CA GLU A 52 31.79 0.80 -31.97
C GLU A 52 31.54 -0.28 -30.95
N ALA A 53 31.75 0.02 -29.67
CA ALA A 53 31.47 -0.97 -28.63
C ALA A 53 29.97 -1.23 -28.50
N LEU A 54 29.18 -0.16 -28.63
CA LEU A 54 27.73 -0.25 -28.52
C LEU A 54 27.13 -1.13 -29.61
N GLY A 55 27.55 -0.94 -30.86
CA GLY A 55 27.10 -1.80 -31.93
C GLY A 55 28.03 -2.98 -32.12
N SER A 56 27.93 -3.99 -31.26
CA SER A 56 28.87 -5.11 -31.27
C SER A 56 28.15 -6.38 -30.86
N ALA A 57 28.89 -7.49 -30.95
CA ALA A 57 28.38 -8.81 -30.60
C ALA A 57 28.01 -8.94 -29.13
N LEU A 58 28.36 -7.97 -28.30
CA LEU A 58 27.97 -8.02 -26.89
C LEU A 58 26.46 -8.03 -26.73
N THR A 59 25.72 -7.58 -27.75
CA THR A 59 24.27 -7.53 -27.65
C THR A 59 23.65 -8.92 -27.59
N ASN A 60 24.38 -9.96 -28.03
CA ASN A 60 23.80 -11.31 -28.12
C ASN A 60 23.79 -12.06 -26.79
N LYS A 61 24.53 -11.61 -25.77
CA LYS A 61 24.78 -12.45 -24.61
C LYS A 61 23.80 -12.17 -23.49
N TYR A 62 23.22 -13.23 -22.93
CA TYR A 62 22.46 -13.14 -21.68
C TYR A 62 23.41 -13.37 -20.52
N SER A 63 23.40 -12.45 -19.53
CA SER A 63 24.32 -12.58 -18.41
C SER A 63 23.67 -12.09 -17.11
N GLU A 64 22.47 -12.58 -16.81
CA GLU A 64 21.82 -12.20 -15.56
C GLU A 64 22.72 -12.51 -14.37
N GLY A 65 22.73 -11.59 -13.40
CA GLY A 65 23.58 -11.70 -12.23
C GLY A 65 24.63 -10.61 -12.19
N ILE A 66 25.74 -10.91 -11.51
CA ILE A 66 26.88 -9.98 -11.47
C ILE A 66 28.17 -10.76 -11.75
N PRO A 67 29.29 -10.09 -12.05
CA PRO A 67 30.55 -10.83 -12.20
C PRO A 67 30.83 -11.65 -10.96
N GLY A 68 31.19 -12.91 -11.17
CA GLY A 68 31.48 -13.82 -10.07
C GLY A 68 30.28 -14.45 -9.44
N ASN A 69 29.09 -14.23 -9.99
CA ASN A 69 27.85 -14.80 -9.47
C ASN A 69 26.76 -14.63 -10.52
N ARG A 70 26.88 -15.39 -11.60
CA ARG A 70 25.94 -15.35 -12.70
C ARG A 70 24.92 -16.46 -12.54
N TYR A 71 23.81 -16.34 -13.28
CA TYR A 71 22.88 -17.47 -13.38
C TYR A 71 23.34 -18.49 -14.42
N TYR A 72 23.88 -18.03 -15.55
CA TYR A 72 24.27 -18.89 -16.66
C TYR A 72 25.79 -18.88 -16.82
N GLY A 73 26.27 -19.75 -17.71
CA GLY A 73 27.67 -19.78 -18.07
C GLY A 73 27.96 -18.99 -19.33
N GLY A 74 29.19 -19.15 -19.81
CA GLY A 74 29.64 -18.40 -20.97
C GLY A 74 29.99 -16.95 -20.71
N ASN A 75 30.09 -16.54 -19.43
CA ASN A 75 30.25 -15.15 -19.06
C ASN A 75 31.70 -14.76 -18.75
N GLU A 76 32.67 -15.58 -19.14
CA GLU A 76 34.08 -15.29 -18.84
C GLU A 76 34.47 -13.89 -19.30
N PHE A 77 34.14 -13.53 -20.55
CA PHE A 77 34.57 -12.25 -21.07
C PHE A 77 33.61 -11.13 -20.73
N ILE A 78 32.31 -11.42 -20.65
CA ILE A 78 31.37 -10.44 -20.12
C ILE A 78 31.76 -10.04 -18.70
N ASP A 79 32.21 -11.01 -17.90
CA ASP A 79 32.66 -10.70 -16.55
C ASP A 79 33.87 -9.75 -16.57
N GLU A 80 34.84 -10.00 -17.46
CA GLU A 80 36.00 -9.13 -17.52
C GLU A 80 35.62 -7.73 -17.97
N ILE A 81 34.65 -7.63 -18.88
CA ILE A 81 34.20 -6.33 -19.35
C ILE A 81 33.45 -5.58 -18.24
N GLU A 82 32.55 -6.27 -17.55
CA GLU A 82 31.79 -5.55 -16.52
C GLU A 82 32.68 -5.16 -15.34
N ASN A 83 33.62 -6.04 -14.96
CA ASN A 83 34.53 -5.71 -13.88
C ASN A 83 35.39 -4.51 -14.26
N LEU A 84 35.81 -4.44 -15.53
CA LEU A 84 36.55 -3.29 -16.02
C LEU A 84 35.69 -2.03 -16.00
N CYS A 85 34.42 -2.16 -16.36
CA CYS A 85 33.52 -1.00 -16.35
C CYS A 85 33.38 -0.44 -14.93
N ARG A 86 33.16 -1.31 -13.94
CA ARG A 86 33.03 -0.88 -12.55
C ARG A 86 34.29 -0.17 -12.06
N SER A 87 35.45 -0.79 -12.24
CA SER A 87 36.66 -0.20 -11.67
C SER A 87 37.06 1.07 -12.41
N ARG A 88 36.75 1.20 -13.71
CA ARG A 88 36.97 2.48 -14.36
C ARG A 88 35.97 3.53 -13.87
N ALA A 89 34.74 3.11 -13.55
CA ALA A 89 33.78 4.01 -12.94
C ALA A 89 34.29 4.57 -11.62
N LEU A 90 34.77 3.70 -10.74
CA LEU A 90 35.27 4.15 -9.45
C LEU A 90 36.51 5.02 -9.62
N GLU A 91 37.36 4.68 -10.58
CA GLU A 91 38.53 5.51 -10.87
C GLU A 91 38.12 6.90 -11.37
N ALA A 92 37.19 6.96 -12.33
CA ALA A 92 36.84 8.27 -12.90
C ALA A 92 36.28 9.20 -11.83
N PHE A 93 35.64 8.66 -10.81
CA PHE A 93 35.03 9.45 -9.76
C PHE A 93 35.83 9.43 -8.46
N HIS A 94 37.03 8.85 -8.48
CA HIS A 94 38.00 8.99 -7.40
C HIS A 94 37.48 8.37 -6.11
N CYS A 95 36.80 7.23 -6.25
CA CYS A 95 36.32 6.46 -5.11
C CYS A 95 37.32 5.39 -4.74
N ASP A 96 37.61 5.29 -3.46
CA ASP A 96 38.33 4.15 -2.92
C ASP A 96 37.43 2.93 -3.01
N PRO A 97 37.84 1.86 -3.72
CA PRO A 97 36.95 0.69 -3.88
C PRO A 97 36.64 -0.03 -2.59
N ALA A 98 37.36 0.26 -1.49
CA ALA A 98 37.02 -0.29 -0.20
C ALA A 98 35.87 0.46 0.47
N ALA A 99 35.60 1.67 0.03
CA ALA A 99 34.55 2.51 0.61
C ALA A 99 33.40 2.75 -0.34
N TRP A 100 33.49 2.25 -1.57
CA TRP A 100 32.54 2.54 -2.62
C TRP A 100 32.48 1.36 -3.59
N GLY A 101 31.25 0.97 -3.96
CA GLY A 101 31.04 0.03 -5.03
C GLY A 101 30.10 0.66 -6.05
N VAL A 102 29.88 -0.08 -7.14
CA VAL A 102 29.05 0.49 -8.20
C VAL A 102 28.38 -0.64 -8.97
N ASN A 103 27.11 -0.43 -9.31
CA ASN A 103 26.39 -1.33 -10.20
C ASN A 103 26.19 -0.60 -11.53
N VAL A 104 26.63 -1.21 -12.62
CA VAL A 104 26.65 -0.55 -13.92
C VAL A 104 25.62 -1.14 -14.85
N GLN A 105 24.67 -1.91 -14.33
CA GLN A 105 23.65 -2.50 -15.17
C GLN A 105 22.40 -1.66 -15.45
N PRO A 106 22.08 -0.58 -14.71
CA PRO A 106 20.82 0.13 -15.00
C PRO A 106 20.72 0.51 -16.47
N TYR A 107 19.55 0.27 -17.04
CA TYR A 107 19.36 0.51 -18.46
C TYR A 107 19.57 1.97 -18.80
N SER A 108 19.11 2.87 -17.94
CA SER A 108 19.19 4.30 -18.18
C SER A 108 19.13 4.99 -16.82
N GLY A 109 18.92 6.30 -16.83
CA GLY A 109 18.94 7.05 -15.59
C GLY A 109 17.69 6.79 -14.75
N SER A 110 16.52 6.84 -15.37
CA SER A 110 15.30 6.55 -14.62
C SER A 110 15.30 5.14 -14.05
N PRO A 111 15.74 4.09 -14.79
CA PRO A 111 15.92 2.78 -14.14
C PRO A 111 16.88 2.81 -12.96
N ALA A 112 17.97 3.58 -13.06
CA ALA A 112 18.91 3.66 -11.95
C ALA A 112 18.24 4.22 -10.71
N ASN A 113 17.45 5.29 -10.87
CA ASN A 113 16.82 5.91 -9.71
C ASN A 113 15.74 5.01 -9.12
N PHE A 114 14.90 4.42 -9.98
CA PHE A 114 13.86 3.56 -9.42
C PHE A 114 14.47 2.35 -8.73
N ALA A 115 15.63 1.87 -9.23
CA ALA A 115 16.28 0.76 -8.55
C ALA A 115 16.85 1.20 -7.21
N ALA A 116 17.51 2.36 -7.17
CA ALA A 116 17.99 2.90 -5.91
C ALA A 116 16.86 3.03 -4.90
N TYR A 117 15.71 3.57 -5.32
CA TYR A 117 14.58 3.72 -4.41
C TYR A 117 14.12 2.35 -3.91
N THR A 118 13.95 1.39 -4.84
CA THR A 118 13.50 0.04 -4.49
C THR A 118 14.45 -0.63 -3.50
N ALA A 119 15.76 -0.41 -3.68
CA ALA A 119 16.74 -0.99 -2.77
C ALA A 119 16.60 -0.43 -1.35
N LEU A 120 16.36 0.87 -1.22
CA LEU A 120 16.49 1.53 0.08
C LEU A 120 15.16 1.79 0.77
N LEU A 121 14.05 1.79 0.05
CA LEU A 121 12.77 2.16 0.64
C LEU A 121 11.77 1.02 0.54
N GLN A 122 10.82 1.01 1.48
CA GLN A 122 9.61 0.21 1.29
C GLN A 122 8.60 0.99 0.47
N PRO A 123 7.64 0.32 -0.16
CA PRO A 123 6.58 1.06 -0.87
C PRO A 123 5.89 2.04 0.07
N HIS A 124 5.60 3.23 -0.45
CA HIS A 124 4.92 4.34 0.22
C HIS A 124 5.84 5.07 1.20
N ASP A 125 7.13 4.74 1.28
CA ASP A 125 8.06 5.52 2.10
C ASP A 125 8.25 6.92 1.50
N ARG A 126 8.55 7.88 2.38
CA ARG A 126 8.56 9.28 1.98
C ARG A 126 9.89 9.69 1.34
N ILE A 127 9.78 10.52 0.29
CA ILE A 127 10.91 11.00 -0.50
C ILE A 127 10.77 12.49 -0.70
N MET A 128 11.90 13.22 -0.73
CA MET A 128 11.90 14.64 -1.07
C MET A 128 12.95 14.92 -2.14
N GLY A 129 12.57 15.71 -3.15
CA GLY A 129 13.49 16.09 -4.20
C GLY A 129 13.20 17.49 -4.70
N LEU A 130 14.10 17.97 -5.56
CA LEU A 130 13.98 19.34 -6.08
C LEU A 130 12.77 19.47 -7.02
N ASP A 131 11.90 20.42 -6.69
CA ASP A 131 10.69 20.72 -7.44
C ASP A 131 11.02 21.02 -8.91
N LEU A 132 10.19 20.51 -9.83
CA LEU A 132 10.44 20.73 -11.25
C LEU A 132 10.51 22.20 -11.63
N PRO A 133 9.59 23.08 -11.20
CA PRO A 133 9.77 24.50 -11.53
C PRO A 133 10.98 25.15 -10.84
N SER A 134 11.64 24.45 -9.92
CA SER A 134 12.87 24.91 -9.28
C SER A 134 14.12 24.28 -9.88
N GLY A 135 13.99 23.47 -10.93
CA GLY A 135 15.11 22.86 -11.60
C GLY A 135 15.26 21.37 -11.40
N GLY A 136 14.31 20.72 -10.72
CA GLY A 136 14.40 19.30 -10.47
C GLY A 136 13.91 18.48 -11.64
N HIS A 137 13.86 17.18 -11.43
CA HIS A 137 13.50 16.21 -12.46
C HIS A 137 12.34 15.34 -11.99
N LEU A 138 11.55 14.88 -12.96
CA LEU A 138 10.41 13.99 -12.71
C LEU A 138 10.78 12.81 -11.80
N THR A 139 11.90 12.14 -12.08
CA THR A 139 12.21 10.90 -11.37
C THR A 139 12.46 11.12 -9.90
N HIS A 140 12.61 12.37 -9.47
CA HIS A 140 12.71 12.66 -8.04
C HIS A 140 11.34 12.88 -7.42
N GLY A 141 10.27 12.66 -8.19
CA GLY A 141 8.93 12.83 -7.67
C GLY A 141 8.17 13.96 -8.34
N TYR A 142 6.90 13.75 -8.66
CA TYR A 142 6.10 14.82 -9.24
C TYR A 142 4.62 14.47 -9.27
N TYR A 143 3.80 15.33 -8.66
CA TYR A 143 2.35 15.24 -8.76
C TYR A 143 1.81 16.64 -9.00
N THR A 144 0.67 16.70 -9.68
CA THR A 144 0.09 17.98 -10.06
C THR A 144 -0.76 18.56 -8.92
N SER A 145 -1.11 19.84 -9.09
CA SER A 145 -2.00 20.50 -8.13
C SER A 145 -3.33 19.77 -8.00
N GLY A 146 -3.82 19.17 -9.10
CA GLY A 146 -5.02 18.36 -9.05
C GLY A 146 -4.88 17.06 -8.30
N GLY A 147 -3.65 16.67 -7.95
CA GLY A 147 -3.38 15.41 -7.30
C GLY A 147 -2.98 14.30 -8.22
N LYS A 148 -2.67 14.60 -9.49
CA LYS A 148 -2.32 13.57 -10.46
C LYS A 148 -0.87 13.15 -10.29
N LYS A 149 -0.66 11.85 -10.13
CA LYS A 149 0.66 11.28 -9.89
C LYS A 149 1.33 11.03 -11.24
N ILE A 150 2.32 11.85 -11.56
CA ILE A 150 2.93 11.81 -12.89
C ILE A 150 4.13 10.89 -12.92
N SER A 151 5.08 11.08 -12.02
CA SER A 151 6.23 10.21 -11.89
C SER A 151 5.88 8.93 -11.14
N ALA A 152 6.43 7.80 -11.60
CA ALA A 152 6.29 6.57 -10.83
C ALA A 152 6.92 6.69 -9.44
N THR A 153 7.87 7.59 -9.26
CA THR A 153 8.35 7.87 -7.90
C THR A 153 7.22 8.31 -7.00
N SER A 154 6.23 9.03 -7.53
CA SER A 154 5.11 9.50 -6.72
C SER A 154 3.95 8.52 -6.68
N ILE A 155 3.93 7.53 -7.59
CA ILE A 155 2.90 6.50 -7.56
C ILE A 155 3.22 5.46 -6.50
N TYR A 156 4.46 5.01 -6.45
CA TYR A 156 4.87 3.92 -5.59
C TYR A 156 5.50 4.38 -4.28
N PHE A 157 5.87 5.65 -4.20
CA PHE A 157 6.39 6.24 -2.98
C PHE A 157 5.63 7.54 -2.72
N GLU A 158 5.94 8.18 -1.59
CA GLU A 158 5.25 9.38 -1.12
C GLU A 158 6.21 10.57 -1.21
N SER A 159 6.09 11.37 -2.26
CA SER A 159 7.08 12.41 -2.50
C SER A 159 6.57 13.77 -2.05
N LEU A 160 7.51 14.68 -1.77
CA LEU A 160 7.21 16.07 -1.44
C LEU A 160 8.38 16.90 -1.93
N PRO A 161 8.16 17.91 -2.76
CA PRO A 161 9.30 18.63 -3.33
C PRO A 161 9.80 19.72 -2.38
N TYR A 162 11.04 20.15 -2.64
CA TYR A 162 11.56 21.37 -2.05
C TYR A 162 11.93 22.33 -3.18
N LYS A 163 12.05 23.61 -2.85
CA LYS A 163 12.12 24.67 -3.86
C LYS A 163 13.38 25.51 -3.68
N VAL A 164 13.65 26.33 -4.70
CA VAL A 164 14.64 27.39 -4.56
C VAL A 164 14.03 28.59 -3.83
N ASN A 165 14.90 29.47 -3.34
CA ASN A 165 14.44 30.70 -2.73
C ASN A 165 13.72 31.55 -3.78
N PHE A 166 12.54 32.00 -3.41
CA PHE A 166 11.70 32.84 -4.26
C PHE A 166 12.50 33.98 -4.89
N THR A 167 13.50 34.50 -4.16
CA THR A 167 14.19 35.72 -4.55
C THR A 167 15.53 35.46 -5.23
N THR A 168 16.40 34.68 -4.59
CA THR A 168 17.76 34.53 -5.09
C THR A 168 17.87 33.48 -6.20
N GLY A 169 16.94 32.54 -6.27
CA GLY A 169 17.07 31.44 -7.21
C GLY A 169 17.97 30.31 -6.76
N TYR A 170 18.51 30.37 -5.54
CA TYR A 170 19.28 29.30 -4.95
C TYR A 170 18.40 28.41 -4.10
N ILE A 171 18.81 27.14 -3.94
CA ILE A 171 18.11 26.21 -3.06
C ILE A 171 17.87 26.89 -1.72
N ASP A 172 16.64 26.82 -1.24
CA ASP A 172 16.27 27.45 0.03
C ASP A 172 16.45 26.40 1.12
N TYR A 173 17.64 26.41 1.73
CA TYR A 173 18.00 25.34 2.66
C TYR A 173 17.18 25.40 3.94
N ASP A 174 16.82 26.60 4.40
CA ASP A 174 16.05 26.66 5.63
C ASP A 174 14.64 26.12 5.43
N LYS A 175 13.98 26.52 4.34
CA LYS A 175 12.68 25.92 4.02
C LYS A 175 12.81 24.42 3.81
N LEU A 176 13.83 23.99 3.09
CA LEU A 176 14.09 22.55 2.99
C LEU A 176 14.18 21.91 4.37
N GLU A 177 15.04 22.45 5.23
CA GLU A 177 15.18 21.87 6.56
C GLU A 177 13.82 21.82 7.27
N GLU A 178 13.08 22.94 7.24
CA GLU A 178 11.78 22.98 7.89
C GLU A 178 10.85 21.90 7.37
N LYS A 179 10.72 21.80 6.04
CA LYS A 179 9.80 20.80 5.48
C LYS A 179 10.21 19.39 5.87
N ALA A 180 11.50 19.08 5.83
CA ALA A 180 11.93 17.72 6.13
C ALA A 180 11.74 17.38 7.60
N LEU A 181 11.89 18.36 8.50
CA LEU A 181 11.58 18.13 9.91
C LEU A 181 10.11 17.72 10.10
N ASP A 182 9.22 18.28 9.29
CA ASP A 182 7.79 17.98 9.41
C ASP A 182 7.42 16.71 8.65
N PHE A 183 7.90 16.59 7.41
CA PHE A 183 7.52 15.50 6.52
C PHE A 183 8.27 14.21 6.85
N ARG A 184 9.52 14.34 7.33
CA ARG A 184 10.36 13.22 7.72
C ARG A 184 10.59 12.23 6.57
N PRO A 185 11.22 12.65 5.48
CA PRO A 185 11.55 11.70 4.40
C PRO A 185 12.52 10.63 4.88
N LYS A 186 12.32 9.41 4.38
CA LYS A 186 13.31 8.35 4.51
C LYS A 186 14.49 8.57 3.57
N LEU A 187 14.27 9.28 2.48
CA LEU A 187 15.31 9.54 1.49
C LEU A 187 15.23 10.99 1.05
N LEU A 188 16.34 11.69 1.18
CA LEU A 188 16.49 13.05 0.70
C LEU A 188 17.36 13.02 -0.54
N ILE A 189 16.90 13.66 -1.61
CA ILE A 189 17.56 13.59 -2.92
C ILE A 189 18.03 14.99 -3.29
N CYS A 190 19.28 15.08 -3.75
CA CYS A 190 19.85 16.30 -4.31
C CYS A 190 20.27 16.03 -5.76
N GLY A 191 20.57 17.10 -6.48
CA GLY A 191 20.80 17.05 -7.91
C GLY A 191 19.57 17.52 -8.69
N GLY A 192 19.79 17.91 -9.94
CA GLY A 192 18.67 18.42 -10.72
C GLY A 192 18.99 18.45 -12.19
N SER A 193 18.03 18.99 -12.96
CA SER A 193 18.06 19.05 -14.41
C SER A 193 18.19 20.45 -14.99
N ALA A 194 17.81 21.50 -14.24
CA ALA A 194 17.89 22.85 -14.78
C ALA A 194 18.28 23.86 -13.71
N TYR A 195 19.03 23.42 -12.70
CA TYR A 195 19.51 24.33 -11.67
C TYR A 195 20.89 24.83 -12.09
N PRO A 196 21.13 26.14 -12.16
CA PRO A 196 22.36 26.67 -12.76
C PRO A 196 23.53 26.82 -11.80
N ARG A 197 23.44 26.33 -10.56
CA ARG A 197 24.48 26.58 -9.58
C ARG A 197 24.93 25.26 -8.97
N ASP A 198 26.10 25.27 -8.36
CA ASP A 198 26.57 24.04 -7.74
C ASP A 198 25.77 23.77 -6.47
N TRP A 199 25.96 22.58 -5.91
CA TRP A 199 25.22 22.07 -4.77
C TRP A 199 26.09 22.04 -3.53
N ASP A 200 25.49 22.33 -2.38
CA ASP A 200 26.19 22.25 -1.08
C ASP A 200 25.84 20.92 -0.43
N TYR A 201 26.61 19.88 -0.74
CA TYR A 201 26.32 18.55 -0.21
C TYR A 201 26.54 18.48 1.30
N ALA A 202 27.43 19.30 1.84
CA ALA A 202 27.67 19.31 3.27
C ALA A 202 26.42 19.77 4.03
N ARG A 203 25.70 20.73 3.46
CA ARG A 203 24.47 21.19 4.10
C ARG A 203 23.37 20.13 3.95
N PHE A 204 23.27 19.52 2.77
CA PHE A 204 22.31 18.43 2.61
C PHE A 204 22.60 17.29 3.60
N ARG A 205 23.86 17.00 3.85
CA ARG A 205 24.17 15.95 4.82
C ARG A 205 23.70 16.36 6.22
N ALA A 206 24.05 17.58 6.64
CA ALA A 206 23.60 18.10 7.93
C ALA A 206 22.09 17.99 8.07
N ILE A 207 21.34 18.40 7.05
CA ILE A 207 19.88 18.29 7.11
C ILE A 207 19.47 16.83 7.15
N ALA A 208 20.09 16.01 6.29
CA ALA A 208 19.76 14.58 6.25
C ALA A 208 20.00 13.94 7.61
N ASP A 209 21.14 14.23 8.24
CA ASP A 209 21.40 13.69 9.58
C ASP A 209 20.40 14.24 10.58
N LYS A 210 20.05 15.52 10.47
CA LYS A 210 19.13 16.11 11.43
C LYS A 210 17.77 15.43 11.36
N VAL A 211 17.31 15.10 10.16
CA VAL A 211 15.98 14.49 10.03
C VAL A 211 16.02 12.98 10.04
N GLY A 212 17.19 12.36 9.91
CA GLY A 212 17.25 10.92 9.85
C GLY A 212 17.01 10.32 8.47
N ALA A 213 17.40 11.01 7.41
CA ALA A 213 17.17 10.52 6.05
C ALA A 213 18.48 10.03 5.44
N LEU A 214 18.33 9.08 4.52
CA LEU A 214 19.42 8.75 3.61
C LEU A 214 19.57 9.87 2.59
N LEU A 215 20.81 10.13 2.22
CA LEU A 215 21.10 11.21 1.29
C LEU A 215 21.60 10.61 -0.02
N LEU A 216 20.91 10.94 -1.11
CA LEU A 216 21.23 10.46 -2.44
C LEU A 216 21.43 11.65 -3.37
N CYS A 217 22.51 11.62 -4.15
CA CYS A 217 22.74 12.62 -5.18
C CYS A 217 22.54 11.98 -6.55
N ASP A 218 21.64 12.56 -7.34
CA ASP A 218 21.51 12.19 -8.75
C ASP A 218 22.36 13.17 -9.54
N MET A 219 23.56 12.74 -9.94
CA MET A 219 24.50 13.67 -10.56
C MET A 219 24.44 13.64 -12.08
N ALA A 220 23.36 13.08 -12.65
CA ALA A 220 23.27 12.85 -14.09
C ALA A 220 23.80 14.00 -14.93
N HIS A 221 23.25 15.20 -14.73
CA HIS A 221 23.58 16.30 -15.64
C HIS A 221 25.05 16.73 -15.53
N ILE A 222 25.62 16.67 -14.33
CA ILE A 222 26.96 17.19 -14.08
C ILE A 222 27.99 16.08 -13.92
N SER A 223 27.66 14.86 -14.35
CA SER A 223 28.55 13.72 -14.16
C SER A 223 29.94 13.99 -14.70
N GLY A 224 30.03 14.54 -15.91
CA GLY A 224 31.34 14.78 -16.50
C GLY A 224 32.12 15.84 -15.75
N LEU A 225 31.43 16.87 -15.25
CA LEU A 225 32.08 17.93 -14.48
C LEU A 225 32.59 17.42 -13.14
N VAL A 226 31.82 16.57 -12.48
CA VAL A 226 32.27 15.96 -11.23
C VAL A 226 33.51 15.09 -11.46
N ALA A 227 33.43 14.20 -12.45
CA ALA A 227 34.58 13.34 -12.78
C ALA A 227 35.81 14.18 -13.05
N ALA A 228 35.64 15.28 -13.77
CA ALA A 228 36.75 16.17 -14.07
C ALA A 228 37.17 17.03 -12.89
N GLN A 229 36.52 16.89 -11.72
CA GLN A 229 36.79 17.73 -10.56
C GLN A 229 36.56 19.21 -10.90
N GLU A 230 35.52 19.46 -11.70
CA GLU A 230 35.06 20.80 -12.04
C GLU A 230 33.72 21.11 -11.38
N ALA A 231 33.35 20.33 -10.37
CA ALA A 231 32.12 20.53 -9.62
C ALA A 231 32.31 19.92 -8.23
N ALA A 232 31.52 20.40 -7.28
CA ALA A 232 31.55 19.84 -5.93
C ALA A 232 31.33 18.34 -5.96
N ASN A 233 31.99 17.63 -5.05
CA ASN A 233 32.04 16.17 -5.09
C ASN A 233 30.97 15.59 -4.19
N PRO A 234 29.90 15.00 -4.73
CA PRO A 234 28.83 14.46 -3.86
C PRO A 234 29.25 13.24 -3.08
N PHE A 235 30.21 12.47 -3.59
CA PHE A 235 30.67 11.27 -2.91
C PHE A 235 31.21 11.56 -1.52
N GLU A 236 31.62 12.79 -1.24
CA GLU A 236 32.15 13.14 0.07
C GLU A 236 31.07 13.18 1.15
N TYR A 237 29.79 13.32 0.79
CA TYR A 237 28.75 13.45 1.79
C TYR A 237 27.54 12.54 1.61
N CYS A 238 27.30 12.00 0.42
CA CYS A 238 26.09 11.25 0.15
C CYS A 238 26.29 9.75 0.36
N ASP A 239 25.20 9.08 0.75
CA ASP A 239 25.21 7.62 0.89
C ASP A 239 25.25 6.94 -0.48
N VAL A 240 24.45 7.42 -1.42
CA VAL A 240 24.28 6.81 -2.73
C VAL A 240 24.36 7.91 -3.78
N VAL A 241 25.05 7.63 -4.89
CA VAL A 241 25.10 8.54 -6.03
C VAL A 241 24.60 7.78 -7.25
N THR A 242 23.61 8.34 -7.92
CA THR A 242 23.13 7.82 -9.19
C THR A 242 23.54 8.77 -10.30
N THR A 243 23.53 8.25 -11.53
CA THR A 243 23.93 9.05 -12.66
C THR A 243 23.48 8.38 -13.96
N THR A 244 23.27 9.19 -14.97
CA THR A 244 23.30 8.73 -16.35
C THR A 244 24.74 8.84 -16.85
N THR A 245 24.98 8.28 -18.03
CA THR A 245 26.32 8.36 -18.57
C THR A 245 26.38 9.03 -19.94
N HIS A 246 25.25 9.45 -20.50
CA HIS A 246 25.19 10.01 -21.84
C HIS A 246 25.17 11.52 -21.88
N LYS A 247 25.20 12.20 -20.74
CA LYS A 247 25.10 13.65 -20.80
C LYS A 247 26.49 14.26 -20.81
N SER A 248 26.82 15.09 -19.81
CA SER A 248 28.15 15.69 -19.81
C SER A 248 29.26 14.64 -19.69
N LEU A 249 28.95 13.43 -19.22
CA LEU A 249 29.95 12.38 -19.17
C LEU A 249 30.26 11.80 -20.56
N ARG A 250 29.41 12.07 -21.54
CA ARG A 250 29.71 11.81 -22.95
C ARG A 250 29.84 10.32 -23.27
N GLY A 251 29.11 9.46 -22.55
CA GLY A 251 29.16 8.04 -22.81
C GLY A 251 27.94 7.53 -23.54
N PRO A 252 27.72 6.21 -23.50
CA PRO A 252 26.49 5.67 -24.09
C PRO A 252 25.31 6.01 -23.19
N ARG A 253 24.11 5.61 -23.59
CA ARG A 253 22.94 5.83 -22.75
C ARG A 253 22.83 4.70 -21.74
N ALA A 254 23.07 5.02 -20.45
CA ALA A 254 23.10 4.01 -19.40
C ALA A 254 22.94 4.71 -18.05
N GLY A 255 22.80 3.91 -17.00
CA GLY A 255 22.81 4.41 -15.64
C GLY A 255 23.85 3.70 -14.81
N MET A 256 24.25 4.35 -13.72
CA MET A 256 25.11 3.74 -12.72
C MET A 256 24.56 4.07 -11.33
N ILE A 257 24.75 3.15 -10.39
CA ILE A 257 24.40 3.38 -8.98
C ILE A 257 25.63 3.13 -8.13
N PHE A 258 26.19 4.19 -7.56
CA PHE A 258 27.25 4.10 -6.58
C PHE A 258 26.68 4.06 -5.17
N TYR A 259 27.36 3.35 -4.29
CA TYR A 259 26.87 3.17 -2.92
C TYR A 259 28.07 3.00 -1.99
N ARG A 260 27.94 3.51 -0.76
CA ARG A 260 29.00 3.34 0.22
C ARG A 260 29.11 1.89 0.68
N LYS A 261 30.32 1.51 1.12
CA LYS A 261 30.61 0.20 1.67
C LYS A 261 31.52 0.37 2.87
N GLY A 262 31.48 -0.61 3.77
CA GLY A 262 32.43 -0.67 4.87
C GLY A 262 31.98 0.12 6.09
N PRO A 263 32.93 0.50 6.94
CA PRO A 263 32.58 1.11 8.23
C PRO A 263 31.82 2.41 8.07
N LYS A 264 30.78 2.56 8.89
CA LYS A 264 30.02 3.79 8.92
C LYS A 264 30.74 4.86 9.75
N PRO A 265 30.55 6.14 9.41
CA PRO A 265 31.11 7.22 10.24
C PRO A 265 30.45 7.26 11.60
N PRO A 266 31.09 7.84 12.61
CA PRO A 266 30.50 7.84 13.96
C PRO A 266 29.21 8.62 13.99
N LYS A 267 28.14 7.94 14.40
CA LYS A 267 26.88 8.59 14.75
C LYS A 267 26.45 8.08 16.11
N LYS A 268 25.75 8.92 16.85
CA LYS A 268 25.41 8.62 18.24
C LYS A 268 24.25 7.64 18.30
N GLY A 269 24.31 6.71 19.26
CA GLY A 269 23.34 5.64 19.33
C GLY A 269 23.52 4.56 18.29
N GLN A 270 24.62 4.60 17.52
CA GLN A 270 24.95 3.65 16.47
C GLN A 270 25.91 2.59 17.00
N PRO A 271 25.61 1.31 16.81
CA PRO A 271 26.49 0.25 17.34
C PRO A 271 27.89 0.36 16.75
N GLU A 272 28.90 0.14 17.60
CA GLU A 272 30.28 0.27 17.17
C GLU A 272 30.63 -0.81 16.14
N GLY A 273 31.54 -0.47 15.24
CA GLY A 273 31.85 -1.33 14.12
C GLY A 273 30.77 -1.46 13.09
N ALA A 274 29.77 -0.56 13.11
CA ALA A 274 28.67 -0.65 12.16
C ALA A 274 29.19 -0.51 10.74
N VAL A 275 28.60 -1.26 9.83
CA VAL A 275 29.04 -1.31 8.45
C VAL A 275 27.85 -0.94 7.56
N TYR A 276 28.16 -0.28 6.44
CA TYR A 276 27.12 -0.06 5.44
C TYR A 276 26.68 -1.40 4.85
N ASP A 277 25.40 -1.48 4.49
CA ASP A 277 24.91 -2.63 3.73
C ASP A 277 23.98 -2.13 2.63
N PHE A 278 24.49 -1.19 1.83
CA PHE A 278 23.84 -0.81 0.59
C PHE A 278 24.08 -1.83 -0.52
N GLU A 279 25.25 -2.49 -0.53
CA GLU A 279 25.70 -3.23 -1.72
C GLU A 279 24.71 -4.32 -2.10
N ASP A 280 24.35 -5.17 -1.14
CA ASP A 280 23.47 -6.28 -1.47
C ASP A 280 22.08 -5.78 -1.86
N LYS A 281 21.59 -4.74 -1.19
CA LYS A 281 20.23 -4.27 -1.49
C LYS A 281 20.16 -3.66 -2.88
N ILE A 282 21.18 -2.88 -3.24
CA ILE A 282 21.19 -2.23 -4.55
C ILE A 282 21.36 -3.23 -5.68
N ASN A 283 22.27 -4.18 -5.54
CA ASN A 283 22.44 -5.20 -6.57
C ASN A 283 21.15 -5.98 -6.76
N PHE A 284 20.50 -6.35 -5.64
CA PHE A 284 19.28 -7.13 -5.70
C PHE A 284 18.15 -6.37 -6.38
N ALA A 285 18.05 -5.06 -6.13
CA ALA A 285 16.98 -4.28 -6.75
C ALA A 285 17.15 -4.25 -8.27
N VAL A 286 18.36 -3.96 -8.74
CA VAL A 286 18.63 -4.00 -10.17
C VAL A 286 18.28 -5.37 -10.73
N PHE A 287 18.76 -6.42 -10.08
CA PHE A 287 18.49 -7.79 -10.51
C PHE A 287 18.58 -8.70 -9.28
N PRO A 288 17.56 -9.51 -9.00
CA PRO A 288 16.45 -9.86 -9.90
C PRO A 288 15.14 -9.07 -9.74
N ALA A 289 15.14 -8.00 -8.93
CA ALA A 289 13.88 -7.33 -8.65
C ALA A 289 13.33 -6.62 -9.89
N LEU A 290 14.13 -5.78 -10.53
CA LEU A 290 13.60 -4.86 -11.52
C LEU A 290 13.94 -5.20 -12.98
N GLN A 291 15.20 -5.48 -13.29
CA GLN A 291 15.60 -5.64 -14.67
C GLN A 291 15.82 -7.12 -15.00
N GLY A 292 16.08 -7.37 -16.28
CA GLY A 292 16.41 -8.70 -16.73
C GLY A 292 17.87 -8.80 -17.07
N GLY A 293 18.18 -9.32 -18.25
CA GLY A 293 19.54 -9.32 -18.70
C GLY A 293 20.10 -7.91 -18.80
N PRO A 294 21.33 -7.74 -18.39
CA PRO A 294 22.04 -6.48 -18.65
C PRO A 294 22.29 -6.31 -20.13
N HIS A 295 22.42 -5.06 -20.56
CA HIS A 295 22.73 -4.77 -21.95
C HIS A 295 24.25 -4.64 -22.06
N ASN A 296 24.91 -5.74 -22.37
CA ASN A 296 26.36 -5.75 -22.28
C ASN A 296 26.99 -4.80 -23.29
N HIS A 297 26.35 -4.57 -24.43
CA HIS A 297 26.94 -3.64 -25.38
C HIS A 297 26.99 -2.21 -24.79
N GLN A 298 26.00 -1.85 -23.97
CA GLN A 298 26.08 -0.57 -23.25
C GLN A 298 27.20 -0.57 -22.23
N ILE A 299 27.36 -1.68 -21.53
CA ILE A 299 28.35 -1.75 -20.46
C ILE A 299 29.75 -1.64 -21.04
N GLY A 300 30.02 -2.42 -22.09
CA GLY A 300 31.30 -2.29 -22.77
C GLY A 300 31.54 -0.90 -23.31
N ALA A 301 30.48 -0.27 -23.84
CA ALA A 301 30.61 1.09 -24.36
C ALA A 301 30.82 2.09 -23.23
N LEU A 302 30.19 1.83 -22.08
CA LEU A 302 30.41 2.68 -20.91
C LEU A 302 31.86 2.58 -20.46
N ALA A 303 32.42 1.37 -20.44
CA ALA A 303 33.84 1.24 -20.07
C ALA A 303 34.72 2.08 -20.98
N VAL A 304 34.45 2.09 -22.29
CA VAL A 304 35.21 2.97 -23.20
C VAL A 304 35.07 4.43 -22.74
N ALA A 305 33.84 4.85 -22.49
CA ALA A 305 33.60 6.24 -22.11
C ALA A 305 34.25 6.57 -20.77
N LEU A 306 34.22 5.63 -19.81
CA LEU A 306 34.86 5.88 -18.52
C LEU A 306 36.37 5.99 -18.65
N LYS A 307 36.96 5.23 -19.57
CA LYS A 307 38.36 5.43 -19.87
C LYS A 307 38.59 6.84 -20.44
N GLN A 308 37.79 7.23 -21.43
CA GLN A 308 37.99 8.53 -22.07
C GLN A 308 37.79 9.68 -21.10
N ALA A 309 36.86 9.53 -20.16
CA ALA A 309 36.54 10.59 -19.22
C ALA A 309 37.68 10.82 -18.21
N ASN A 310 38.47 9.80 -17.94
CA ASN A 310 39.52 9.92 -16.92
C ASN A 310 40.85 10.28 -17.56
N THR A 311 40.87 11.35 -18.34
CA THR A 311 42.08 11.81 -19.00
C THR A 311 42.27 13.29 -18.73
N PRO A 312 43.50 13.79 -18.87
CA PRO A 312 43.68 15.25 -18.82
C PRO A 312 42.88 15.98 -19.89
N GLY A 313 42.74 15.39 -21.09
CA GLY A 313 41.99 16.05 -22.14
C GLY A 313 40.53 16.22 -21.79
N PHE A 314 39.95 15.26 -21.05
CA PHE A 314 38.56 15.39 -20.66
C PHE A 314 38.37 16.50 -19.63
N LYS A 315 39.37 16.75 -18.78
CA LYS A 315 39.25 17.85 -17.85
C LYS A 315 39.28 19.19 -18.56
N VAL A 316 40.16 19.35 -19.56
CA VAL A 316 40.15 20.56 -20.39
C VAL A 316 38.76 20.79 -20.99
N TYR A 317 38.12 19.73 -21.48
CA TYR A 317 36.79 19.85 -22.09
C TYR A 317 35.76 20.29 -21.06
N ALA A 318 35.85 19.77 -19.84
CA ALA A 318 34.88 20.13 -18.81
C ALA A 318 35.05 21.60 -18.42
N LYS A 319 36.31 22.05 -18.26
CA LYS A 319 36.59 23.46 -18.07
C LYS A 319 36.02 24.30 -19.21
N GLN A 320 36.19 23.84 -20.46
CA GLN A 320 35.67 24.61 -21.59
C GLN A 320 34.15 24.64 -21.58
N VAL A 321 33.51 23.50 -21.23
CA VAL A 321 32.05 23.46 -21.14
C VAL A 321 31.56 24.53 -20.19
N LYS A 322 32.16 24.62 -19.00
CA LYS A 322 31.76 25.64 -18.04
C LYS A 322 32.10 27.04 -18.54
N ALA A 323 33.25 27.19 -19.21
CA ALA A 323 33.59 28.51 -19.76
C ALA A 323 32.65 28.90 -20.88
N ASN A 324 32.15 27.92 -21.66
CA ASN A 324 31.27 28.26 -22.76
C ASN A 324 29.88 28.64 -22.27
N ALA A 325 29.41 27.95 -21.23
CA ALA A 325 28.14 28.34 -20.59
C ALA A 325 28.22 29.76 -20.06
N VAL A 326 29.30 30.11 -19.37
CA VAL A 326 29.44 31.46 -18.83
C VAL A 326 29.48 32.48 -19.96
N ALA A 327 30.26 32.19 -21.01
CA ALA A 327 30.38 33.12 -22.13
C ALA A 327 29.03 33.39 -22.77
N LEU A 328 28.25 32.33 -23.01
CA LEU A 328 26.90 32.52 -23.51
C LEU A 328 26.05 33.30 -22.52
N GLY A 329 26.17 32.96 -21.22
CA GLY A 329 25.35 33.60 -20.21
C GLY A 329 25.64 35.09 -20.10
N ASN A 330 26.92 35.45 -20.07
CA ASN A 330 27.27 36.86 -20.08
C ASN A 330 26.81 37.53 -21.36
N TYR A 331 26.88 36.82 -22.48
CA TYR A 331 26.45 37.45 -23.73
C TYR A 331 24.97 37.77 -23.70
N LEU A 332 24.15 36.85 -23.19
CA LEU A 332 22.71 37.09 -23.15
C LEU A 332 22.35 38.19 -22.16
N MET A 333 23.05 38.25 -21.02
CA MET A 333 22.76 39.33 -20.07
C MET A 333 23.14 40.69 -20.62
N SER A 334 24.25 40.78 -21.36
CA SER A 334 24.67 42.05 -21.95
C SER A 334 23.72 42.54 -23.02
N LYS A 335 22.80 41.70 -23.50
CA LYS A 335 21.75 42.15 -24.40
C LYS A 335 20.46 42.54 -23.67
N GLY A 336 20.48 42.52 -22.33
CA GLY A 336 19.31 42.86 -21.55
C GLY A 336 18.43 41.70 -21.15
N TYR A 337 18.86 40.47 -21.41
CA TYR A 337 18.05 39.31 -21.09
C TYR A 337 18.20 38.92 -19.63
N GLN A 338 17.21 38.18 -19.14
CA GLN A 338 17.14 37.75 -17.74
C GLN A 338 17.57 36.29 -17.62
N ILE A 339 18.72 36.06 -17.01
CA ILE A 339 19.26 34.72 -16.77
C ILE A 339 19.04 34.38 -15.30
N VAL A 340 18.60 33.14 -15.03
CA VAL A 340 18.24 32.78 -13.67
C VAL A 340 19.49 32.70 -12.80
N THR A 341 19.46 33.40 -11.66
CA THR A 341 20.56 33.66 -10.73
C THR A 341 21.68 34.50 -11.34
N ASN A 342 21.43 35.13 -12.50
CA ASN A 342 22.39 36.02 -13.15
C ASN A 342 23.74 35.36 -13.38
N GLY A 343 23.71 34.12 -13.88
CA GLY A 343 24.93 33.43 -14.28
C GLY A 343 24.80 31.93 -14.09
N THR A 344 25.96 31.27 -14.07
CA THR A 344 25.99 29.82 -13.96
C THR A 344 27.33 29.35 -13.41
N GLU A 345 27.32 28.16 -12.79
CA GLU A 345 28.53 27.53 -12.28
C GLU A 345 28.69 26.13 -12.84
N ASN A 346 27.85 25.75 -13.81
CA ASN A 346 27.94 24.42 -14.38
C ASN A 346 27.82 24.49 -15.91
N HIS A 347 27.13 23.53 -16.52
CA HIS A 347 27.13 23.38 -17.97
C HIS A 347 25.99 24.10 -18.68
N LEU A 348 25.06 24.72 -17.95
CA LEU A 348 23.84 25.20 -18.57
C LEU A 348 23.51 26.63 -18.18
N VAL A 349 22.64 27.23 -18.98
CA VAL A 349 22.07 28.54 -18.73
C VAL A 349 20.56 28.38 -18.68
N LEU A 350 19.92 29.00 -17.70
CA LEU A 350 18.47 29.02 -17.56
C LEU A 350 17.99 30.43 -17.84
N TRP A 351 17.20 30.59 -18.90
CA TRP A 351 16.83 31.88 -19.46
C TRP A 351 15.36 32.16 -19.17
N ASP A 352 15.08 33.28 -18.52
CA ASP A 352 13.71 33.65 -18.16
C ASP A 352 13.12 34.52 -19.26
N LEU A 353 12.08 34.03 -19.93
CA LEU A 353 11.45 34.74 -21.04
C LEU A 353 10.24 35.56 -20.63
N ARG A 354 9.67 35.28 -19.44
CA ARG A 354 8.51 36.03 -18.96
C ARG A 354 8.66 37.54 -19.04
N PRO A 355 9.78 38.17 -18.69
CA PRO A 355 9.87 39.63 -18.84
C PRO A 355 9.74 40.08 -20.28
N LEU A 356 10.01 39.21 -21.25
CA LEU A 356 9.83 39.56 -22.65
C LEU A 356 8.38 39.41 -23.12
N GLY A 357 7.48 38.92 -22.27
CA GLY A 357 6.15 38.60 -22.74
C GLY A 357 6.10 37.40 -23.65
N LEU A 358 7.02 36.45 -23.47
CA LEU A 358 7.18 35.30 -24.34
C LEU A 358 7.08 34.02 -23.53
N THR A 359 6.53 32.99 -24.16
CA THR A 359 6.47 31.67 -23.53
C THR A 359 7.55 30.76 -24.09
N GLY A 360 8.02 29.84 -23.25
CA GLY A 360 9.16 29.02 -23.61
C GLY A 360 8.92 28.18 -24.85
N ASN A 361 7.68 27.73 -25.06
CA ASN A 361 7.39 26.88 -26.20
C ASN A 361 7.43 27.67 -27.50
N LYS A 362 7.03 28.94 -27.48
CA LYS A 362 7.12 29.74 -28.69
C LYS A 362 8.57 29.83 -29.17
N VAL A 363 9.49 30.16 -28.27
CA VAL A 363 10.90 30.27 -28.63
C VAL A 363 11.46 28.91 -29.01
N GLU A 364 11.03 27.85 -28.31
CA GLU A 364 11.48 26.51 -28.66
C GLU A 364 11.04 26.14 -30.07
N LYS A 365 9.77 26.39 -30.39
CA LYS A 365 9.29 25.98 -31.71
C LYS A 365 9.92 26.82 -32.82
N LEU A 366 10.20 28.11 -32.57
CA LEU A 366 10.83 28.90 -33.61
C LEU A 366 12.27 28.50 -33.82
N CYS A 367 13.00 28.20 -32.74
CA CYS A 367 14.39 27.76 -32.86
C CYS A 367 14.49 26.46 -33.64
N ASP A 368 13.64 25.48 -33.27
CA ASP A 368 13.64 24.21 -33.98
C ASP A 368 13.55 24.41 -35.49
N LEU A 369 12.76 25.40 -35.93
CA LEU A 369 12.61 25.68 -37.36
C LEU A 369 13.85 26.33 -37.95
N CYS A 370 14.74 26.86 -37.11
CA CYS A 370 15.98 27.48 -37.57
C CYS A 370 17.19 26.58 -37.28
N SER A 371 16.95 25.30 -37.00
CA SER A 371 17.98 24.33 -36.65
C SER A 371 18.70 24.70 -35.35
N ILE A 372 18.00 25.39 -34.45
CA ILE A 372 18.49 25.60 -33.09
C ILE A 372 17.62 24.74 -32.19
N THR A 373 18.23 23.82 -31.47
CA THR A 373 17.47 22.90 -30.64
C THR A 373 17.79 23.19 -29.18
N LEU A 374 16.75 23.49 -28.41
CA LEU A 374 16.81 23.69 -26.99
C LEU A 374 15.49 23.17 -26.44
N ASN A 375 15.21 23.43 -25.17
CA ASN A 375 13.88 23.07 -24.68
C ASN A 375 13.34 24.14 -23.77
N LYS A 376 12.04 24.40 -23.93
CA LYS A 376 11.30 25.16 -22.94
C LYS A 376 11.53 24.54 -21.57
N ASN A 377 11.48 25.38 -20.54
CA ASN A 377 11.74 24.85 -19.21
C ASN A 377 10.98 25.69 -18.20
N ALA A 378 10.35 25.02 -17.24
CA ALA A 378 9.73 25.75 -16.14
C ALA A 378 10.78 26.63 -15.48
N VAL A 379 10.34 27.82 -15.06
CA VAL A 379 11.11 28.70 -14.19
C VAL A 379 10.26 28.97 -12.96
N PHE A 380 10.88 29.51 -11.92
CA PHE A 380 10.20 29.57 -10.61
C PHE A 380 8.84 30.20 -10.73
N GLY A 381 7.82 29.48 -10.24
CA GLY A 381 6.45 29.95 -10.24
C GLY A 381 5.58 29.30 -11.30
N ASP A 382 6.18 28.71 -12.33
CA ASP A 382 5.41 28.17 -13.45
C ASP A 382 4.40 27.14 -12.97
N SER A 383 3.26 27.11 -13.66
CA SER A 383 2.22 26.12 -13.45
C SER A 383 1.99 25.24 -14.67
N SER A 384 2.32 25.71 -15.86
CA SER A 384 2.02 24.97 -17.08
C SER A 384 3.11 23.94 -17.38
N ALA A 385 2.76 23.00 -18.24
CA ALA A 385 3.68 22.02 -18.81
C ALA A 385 3.85 22.19 -20.31
N LEU A 386 2.76 22.49 -21.02
CA LEU A 386 2.85 22.85 -22.43
C LEU A 386 3.50 24.21 -22.64
N ALA A 387 3.26 25.16 -21.72
CA ALA A 387 3.71 26.55 -21.87
C ALA A 387 4.36 27.08 -20.60
N PRO A 388 5.59 26.68 -20.31
CA PRO A 388 6.35 27.27 -19.20
C PRO A 388 7.03 28.55 -19.65
N GLY A 389 7.72 29.20 -18.71
CA GLY A 389 8.18 30.56 -18.88
C GLY A 389 9.61 30.77 -19.31
N GLY A 390 10.40 29.69 -19.47
CA GLY A 390 11.79 29.85 -19.80
C GLY A 390 12.27 28.84 -20.82
N VAL A 391 13.55 28.98 -21.19
CA VAL A 391 14.25 27.98 -21.98
C VAL A 391 15.55 27.63 -21.26
N ARG A 392 15.96 26.36 -21.37
CA ARG A 392 17.20 25.85 -20.80
C ARG A 392 18.18 25.57 -21.93
N ILE A 393 19.42 26.01 -21.76
CA ILE A 393 20.44 25.96 -22.79
C ILE A 393 21.71 25.38 -22.17
N GLY A 394 22.30 24.38 -22.83
CA GLY A 394 23.51 23.75 -22.34
C GLY A 394 24.64 23.82 -23.34
N ALA A 395 25.88 23.79 -22.82
CA ALA A 395 27.10 23.84 -23.62
C ALA A 395 27.74 22.50 -24.01
N PRO A 396 27.46 21.36 -23.37
CA PRO A 396 28.28 20.16 -23.65
C PRO A 396 28.34 19.72 -25.11
N ALA A 397 27.21 19.66 -25.82
CA ALA A 397 27.23 19.06 -27.16
C ALA A 397 28.02 19.91 -28.14
N MET A 398 27.76 21.22 -28.19
CA MET A 398 28.52 22.06 -29.12
C MET A 398 29.97 22.22 -28.67
N THR A 399 30.25 22.16 -27.36
CA THR A 399 31.64 22.16 -26.93
C THR A 399 32.36 20.91 -27.41
N SER A 400 31.69 19.75 -27.43
CA SER A 400 32.34 18.53 -27.89
C SER A 400 32.73 18.62 -29.36
N ARG A 401 32.09 19.49 -30.14
CA ARG A 401 32.48 19.75 -31.51
C ARG A 401 33.64 20.74 -31.63
N GLY A 402 34.20 21.18 -30.50
CA GLY A 402 35.36 22.04 -30.52
C GLY A 402 35.09 23.52 -30.36
N LEU A 403 33.83 23.94 -30.23
CA LEU A 403 33.53 25.35 -30.07
C LEU A 403 34.09 25.89 -28.76
N VAL A 404 34.57 27.14 -28.81
CA VAL A 404 35.10 27.82 -27.63
C VAL A 404 34.27 29.07 -27.37
N GLU A 405 34.78 29.98 -26.53
CA GLU A 405 33.97 31.09 -26.02
C GLU A 405 33.45 31.96 -27.15
N LYS A 406 34.33 32.30 -28.10
CA LYS A 406 33.92 33.17 -29.19
C LYS A 406 32.77 32.56 -29.99
N ASP A 407 32.83 31.25 -30.23
CA ASP A 407 31.77 30.57 -30.96
C ASP A 407 30.48 30.58 -30.17
N PHE A 408 30.57 30.45 -28.85
CA PHE A 408 29.37 30.47 -28.03
C PHE A 408 28.74 31.87 -27.95
N GLU A 409 29.53 32.91 -28.18
CA GLU A 409 28.94 34.24 -28.28
C GLU A 409 28.22 34.42 -29.62
N GLN A 410 28.71 33.80 -30.70
CA GLN A 410 27.96 33.76 -31.95
C GLN A 410 26.65 32.98 -31.77
N ILE A 411 26.69 31.89 -31.00
CA ILE A 411 25.46 31.20 -30.62
C ILE A 411 24.52 32.15 -29.88
N GLY A 412 25.07 32.94 -28.96
CA GLY A 412 24.24 33.90 -28.25
C GLY A 412 23.59 34.92 -29.18
N GLU A 413 24.30 35.32 -30.23
CA GLU A 413 23.72 36.25 -31.19
C GLU A 413 22.65 35.57 -32.03
N PHE A 414 22.86 34.30 -32.40
CA PHE A 414 21.82 33.53 -33.06
C PHE A 414 20.60 33.41 -32.16
N LEU A 415 20.81 33.18 -30.86
CA LEU A 415 19.70 33.12 -29.93
C LEU A 415 18.98 34.46 -29.84
N SER A 416 19.72 35.57 -29.94
CA SER A 416 19.08 36.88 -29.90
C SER A 416 18.23 37.11 -31.15
N ARG A 417 18.76 36.76 -32.32
CA ARG A 417 17.99 36.91 -33.55
C ARG A 417 16.69 36.10 -33.50
N ALA A 418 16.77 34.86 -32.98
CA ALA A 418 15.59 34.01 -32.89
C ALA A 418 14.55 34.60 -31.93
N VAL A 419 14.97 35.09 -30.77
CA VAL A 419 14.00 35.68 -29.85
C VAL A 419 13.40 36.94 -30.45
N THR A 420 14.20 37.72 -31.18
CA THR A 420 13.65 38.91 -31.82
C THR A 420 12.66 38.55 -32.92
N LEU A 421 12.96 37.50 -33.70
CA LEU A 421 11.99 37.02 -34.68
C LEU A 421 10.73 36.51 -33.99
N THR A 422 10.89 35.87 -32.83
CA THR A 422 9.73 35.42 -32.08
C THR A 422 8.86 36.58 -31.63
N LEU A 423 9.48 37.67 -31.17
CA LEU A 423 8.70 38.85 -30.79
C LEU A 423 8.12 39.54 -32.02
N ASP A 424 8.86 39.56 -33.13
CA ASP A 424 8.32 40.11 -34.36
C ASP A 424 7.03 39.40 -34.76
N ILE A 425 7.04 38.06 -34.71
CA ILE A 425 5.83 37.31 -35.03
C ILE A 425 4.70 37.65 -34.07
N GLN A 426 4.99 37.59 -32.76
CA GLN A 426 4.00 37.92 -31.75
C GLN A 426 3.44 39.33 -31.96
N LYS A 427 4.31 40.31 -32.22
CA LYS A 427 3.86 41.67 -32.45
C LYS A 427 2.95 41.77 -33.68
N THR A 428 3.18 40.93 -34.68
CA THR A 428 2.44 41.02 -35.94
C THR A 428 1.14 40.23 -35.92
N TYR A 429 1.15 39.02 -35.38
CA TYR A 429 -0.02 38.15 -35.47
C TYR A 429 -0.81 38.03 -34.18
N GLY A 430 -0.16 38.12 -33.03
CA GLY A 430 -0.84 38.04 -31.74
C GLY A 430 -0.09 37.16 -30.78
N LYS A 431 -0.54 37.20 -29.53
CA LYS A 431 0.11 36.39 -28.49
C LYS A 431 -0.46 34.98 -28.39
N LEU A 432 -1.65 34.75 -28.93
CA LEU A 432 -2.21 33.40 -28.94
C LEU A 432 -1.43 32.52 -29.91
N LEU A 433 -1.19 31.28 -29.50
CA LEU A 433 -0.37 30.37 -30.29
C LEU A 433 -0.95 30.18 -31.69
N LYS A 434 -2.27 29.97 -31.78
CA LYS A 434 -2.89 29.78 -33.09
C LYS A 434 -2.63 30.98 -33.99
N ASP A 435 -2.67 32.19 -33.43
CA ASP A 435 -2.21 33.36 -34.17
C ASP A 435 -0.72 33.27 -34.45
N PHE A 436 0.07 32.90 -33.44
CA PHE A 436 1.53 32.90 -33.57
C PHE A 436 1.99 31.99 -34.69
N ASN A 437 1.38 30.81 -34.82
CA ASN A 437 1.80 29.84 -35.83
C ASN A 437 1.75 30.40 -37.25
N LYS A 438 1.02 31.49 -37.47
CA LYS A 438 0.95 32.07 -38.80
C LYS A 438 2.27 32.73 -39.21
N GLY A 439 3.05 33.20 -38.24
CA GLY A 439 4.33 33.80 -38.57
C GLY A 439 5.43 32.82 -38.92
N LEU A 440 5.23 31.54 -38.66
CA LEU A 440 6.25 30.52 -38.86
C LEU A 440 6.22 29.94 -40.26
N VAL A 441 5.44 30.52 -41.16
CA VAL A 441 5.20 29.98 -42.49
C VAL A 441 5.63 31.03 -43.50
N ASN A 442 6.43 30.60 -44.48
CA ASN A 442 6.89 31.47 -45.57
C ASN A 442 7.47 32.77 -44.99
N ASN A 443 8.36 32.61 -44.02
CA ASN A 443 8.98 33.71 -43.30
C ASN A 443 10.40 33.88 -43.81
N LYS A 444 10.69 35.01 -44.43
CA LYS A 444 11.99 35.21 -45.06
C LYS A 444 13.11 35.37 -44.04
N ASP A 445 12.88 36.14 -42.97
CA ASP A 445 13.90 36.26 -41.93
C ASP A 445 14.15 34.93 -41.25
N LEU A 446 13.12 34.08 -41.16
CA LEU A 446 13.30 32.76 -40.59
C LEU A 446 14.10 31.86 -41.53
N ASP A 447 13.85 31.95 -42.84
CA ASP A 447 14.68 31.22 -43.80
C ASP A 447 16.12 31.69 -43.72
N GLN A 448 16.33 33.02 -43.63
CA GLN A 448 17.68 33.55 -43.52
C GLN A 448 18.37 33.06 -42.24
N LEU A 449 17.65 33.08 -41.11
CA LEU A 449 18.26 32.63 -39.86
C LEU A 449 18.67 31.17 -39.96
N LYS A 450 17.79 30.34 -40.50
CA LYS A 450 18.09 28.91 -40.65
C LYS A 450 19.31 28.69 -41.54
N ALA A 451 19.51 29.52 -42.55
CA ALA A 451 20.67 29.34 -43.43
C ALA A 451 21.97 29.74 -42.71
N ASP A 452 21.96 30.89 -42.04
CA ASP A 452 23.12 31.29 -41.26
C ASP A 452 23.49 30.24 -40.23
N VAL A 453 22.48 29.65 -39.58
CA VAL A 453 22.75 28.72 -38.48
C VAL A 453 23.47 27.48 -39.00
N GLU A 454 22.99 26.92 -40.11
CA GLU A 454 23.58 25.71 -40.66
C GLU A 454 24.92 25.98 -41.33
N LYS A 455 25.07 27.15 -41.97
CA LYS A 455 26.39 27.58 -42.41
C LYS A 455 27.36 27.59 -41.23
N PHE A 456 26.95 28.20 -40.13
CA PHE A 456 27.76 28.23 -38.92
C PHE A 456 28.12 26.82 -38.47
N SER A 457 27.11 25.98 -38.25
CA SER A 457 27.35 24.66 -37.66
C SER A 457 28.27 23.81 -38.52
N ALA A 458 28.16 23.94 -39.85
CA ALA A 458 28.93 23.12 -40.78
C ALA A 458 30.43 23.28 -40.62
N SER A 459 30.88 24.36 -39.99
CA SER A 459 32.30 24.72 -39.96
C SER A 459 33.11 23.97 -38.90
N TYR A 460 32.50 23.12 -38.08
CA TYR A 460 33.20 22.45 -37.00
C TYR A 460 33.28 20.95 -37.27
N GLU A 461 34.20 20.30 -36.58
CA GLU A 461 34.32 18.84 -36.63
C GLU A 461 33.11 18.19 -35.95
N MET A 462 32.93 16.89 -36.19
CA MET A 462 31.87 16.12 -35.56
C MET A 462 32.42 14.81 -35.03
N PRO A 463 32.28 14.51 -33.74
CA PRO A 463 32.66 13.20 -33.23
C PRO A 463 31.59 12.13 -33.47
N GLY A 464 32.05 10.88 -33.54
CA GLY A 464 31.17 9.72 -33.61
C GLY A 464 30.99 9.13 -34.99
N PHE A 465 31.23 9.91 -36.05
CA PHE A 465 31.22 9.41 -37.41
C PHE A 465 32.01 10.38 -38.27
N LEU A 466 32.21 10.01 -39.52
CA LEU A 466 32.98 10.83 -40.46
C LEU A 466 32.03 11.60 -41.35
N MET A 467 32.01 12.92 -41.21
CA MET A 467 31.22 13.75 -42.12
C MET A 467 31.66 13.53 -43.56
N SER A 468 32.96 13.35 -43.79
CA SER A 468 33.46 13.08 -45.14
C SER A 468 32.86 11.82 -45.75
N GLU A 469 32.17 10.99 -44.98
CA GLU A 469 31.57 9.76 -45.50
C GLU A 469 30.05 9.76 -45.49
N MET A 470 29.40 10.80 -44.98
CA MET A 470 27.96 10.72 -44.81
C MET A 470 27.24 10.84 -46.15
N LYS A 471 25.99 10.36 -46.17
CA LYS A 471 25.21 10.37 -47.42
C LYS A 471 24.89 11.79 -47.87
N TYR A 472 24.54 12.68 -46.93
CA TYR A 472 24.03 14.02 -47.26
C TYR A 472 25.09 15.07 -46.93
N LYS A 473 25.72 15.63 -47.96
CA LYS A 473 26.70 16.69 -47.82
C LYS A 473 26.18 18.02 -48.39
N ALA B 3 44.01 24.05 -24.01
CA ALA B 3 43.75 23.67 -25.40
C ALA B 3 43.09 22.30 -25.50
N MET B 4 41.87 22.25 -26.03
CA MET B 4 41.11 21.00 -26.03
C MET B 4 41.75 19.98 -26.96
N GLU B 5 41.59 18.72 -26.58
CA GLU B 5 42.03 17.63 -27.45
C GLU B 5 41.18 17.63 -28.72
N PRO B 6 41.78 17.66 -29.90
CA PRO B 6 40.99 17.80 -31.14
C PRO B 6 39.95 16.71 -31.28
N VAL B 7 38.87 17.06 -31.97
CA VAL B 7 37.73 16.16 -32.09
C VAL B 7 38.14 14.86 -32.76
N SER B 8 38.99 14.94 -33.80
CA SER B 8 39.31 13.73 -34.56
C SER B 8 40.02 12.70 -33.69
N SER B 9 40.77 13.15 -32.68
CA SER B 9 41.53 12.26 -31.81
C SER B 9 40.65 11.40 -30.93
N TRP B 10 40.00 12.01 -29.94
CA TRP B 10 39.15 11.26 -29.01
C TRP B 10 37.86 10.80 -29.67
N GLY B 11 37.36 11.55 -30.65
CA GLY B 11 35.99 11.38 -31.07
C GLY B 11 35.78 10.65 -32.37
N ASN B 12 36.81 10.54 -33.18
CA ASN B 12 36.71 9.83 -34.45
C ASN B 12 37.59 8.59 -34.52
N THR B 13 38.57 8.42 -33.64
CA THR B 13 39.47 7.27 -33.72
C THR B 13 38.74 5.98 -33.38
N SER B 14 39.12 4.89 -34.05
CA SER B 14 38.44 3.62 -33.88
C SER B 14 38.67 3.03 -32.49
N LEU B 15 37.75 2.15 -32.10
CA LEU B 15 37.82 1.51 -30.79
C LEU B 15 39.15 0.81 -30.57
N VAL B 16 39.64 0.09 -31.59
CA VAL B 16 40.88 -0.68 -31.48
C VAL B 16 42.03 0.19 -31.02
N SER B 17 42.07 1.46 -31.45
CA SER B 17 43.13 2.35 -30.98
C SER B 17 42.75 3.06 -29.68
N VAL B 18 41.49 3.48 -29.55
CA VAL B 18 41.09 4.19 -28.34
C VAL B 18 41.19 3.29 -27.11
N ASP B 19 40.71 2.05 -27.20
CA ASP B 19 40.56 1.19 -26.03
C ASP B 19 40.91 -0.25 -26.40
N PRO B 20 42.20 -0.53 -26.61
CA PRO B 20 42.58 -1.90 -26.99
C PRO B 20 42.13 -2.94 -25.98
N GLU B 21 42.00 -2.57 -24.71
CA GLU B 21 41.59 -3.54 -23.70
C GLU B 21 40.17 -4.02 -23.95
N ILE B 22 39.22 -3.09 -24.09
CA ILE B 22 37.85 -3.49 -24.37
C ILE B 22 37.76 -4.13 -25.76
N HIS B 23 38.47 -3.56 -26.74
CA HIS B 23 38.44 -4.15 -28.08
C HIS B 23 38.87 -5.60 -28.03
N ASP B 24 39.93 -5.90 -27.29
CA ASP B 24 40.41 -7.27 -27.16
C ASP B 24 39.35 -8.17 -26.49
N LEU B 25 38.65 -7.65 -25.49
CA LEU B 25 37.64 -8.44 -24.83
C LEU B 25 36.47 -8.73 -25.76
N ILE B 26 36.06 -7.75 -26.57
CA ILE B 26 34.95 -8.01 -27.49
C ILE B 26 35.37 -9.06 -28.51
N GLU B 27 36.63 -9.01 -28.96
CA GLU B 27 37.13 -9.99 -29.91
C GLU B 27 37.23 -11.40 -29.31
N LYS B 28 37.52 -11.49 -28.01
CA LYS B 28 37.48 -12.78 -27.34
C LYS B 28 36.04 -13.26 -27.19
N GLU B 29 35.10 -12.34 -26.94
CA GLU B 29 33.70 -12.74 -26.88
C GLU B 29 33.15 -13.11 -28.26
N LYS B 30 33.62 -12.45 -29.33
CA LYS B 30 33.24 -12.85 -30.67
C LYS B 30 33.71 -14.27 -30.97
N ARG B 31 34.93 -14.62 -30.55
CA ARG B 31 35.43 -15.96 -30.77
C ARG B 31 34.61 -16.98 -29.97
N ARG B 32 34.30 -16.65 -28.71
CA ARG B 32 33.51 -17.55 -27.89
C ARG B 32 32.17 -17.87 -28.55
N GLN B 33 31.55 -16.86 -29.18
CA GLN B 33 30.21 -17.07 -29.72
C GLN B 33 30.22 -18.02 -30.92
N CYS B 34 31.24 -17.95 -31.78
CA CYS B 34 31.22 -18.83 -32.95
C CYS B 34 32.01 -20.10 -32.74
N ARG B 35 32.58 -20.33 -31.56
CA ARG B 35 33.20 -21.60 -31.26
C ARG B 35 32.42 -22.43 -30.27
N GLY B 36 31.28 -21.93 -29.79
CA GLY B 36 30.47 -22.69 -28.86
C GLY B 36 29.20 -23.24 -29.46
N ILE B 37 28.61 -24.24 -28.81
CA ILE B 37 27.26 -24.67 -29.12
C ILE B 37 26.34 -23.91 -28.18
N GLU B 38 25.68 -22.87 -28.70
CA GLU B 38 24.91 -21.92 -27.87
C GLU B 38 23.45 -22.35 -27.80
N LEU B 39 23.06 -22.94 -26.66
CA LEU B 39 21.74 -23.53 -26.48
C LEU B 39 20.88 -22.79 -25.47
N ILE B 40 21.25 -21.58 -25.07
CA ILE B 40 20.41 -20.85 -24.14
C ILE B 40 19.17 -20.37 -24.89
N ALA B 41 17.98 -20.79 -24.43
CA ALA B 41 16.76 -20.66 -25.22
C ALA B 41 16.40 -19.22 -25.53
N SER B 42 16.91 -18.27 -24.73
CA SER B 42 16.59 -16.87 -24.85
C SER B 42 17.62 -16.07 -25.63
N GLU B 43 18.64 -16.73 -26.19
CA GLU B 43 19.69 -16.04 -26.93
C GLU B 43 19.54 -16.30 -28.42
N ASN B 44 20.13 -15.39 -29.19
CA ASN B 44 20.13 -15.49 -30.64
C ASN B 44 21.34 -14.74 -31.16
N PHE B 45 21.54 -14.83 -32.47
CA PHE B 45 22.59 -14.06 -33.13
C PHE B 45 21.90 -13.11 -34.09
N THR B 46 21.89 -11.82 -33.75
CA THR B 46 21.20 -10.85 -34.56
C THR B 46 22.08 -10.45 -35.76
N SER B 47 21.51 -9.67 -36.67
CA SER B 47 22.20 -9.44 -37.93
C SER B 47 23.16 -8.25 -37.83
N PHE B 48 24.08 -8.20 -38.80
CA PHE B 48 24.98 -7.06 -38.88
C PHE B 48 24.21 -5.77 -39.15
N ALA B 49 23.17 -5.84 -39.98
CA ALA B 49 22.37 -4.65 -40.27
C ALA B 49 21.71 -4.13 -39.00
N VAL B 50 21.19 -5.02 -38.16
CA VAL B 50 20.67 -4.59 -36.86
C VAL B 50 21.77 -3.93 -36.04
N ILE B 51 22.94 -4.55 -35.99
CA ILE B 51 24.00 -4.01 -35.16
C ILE B 51 24.48 -2.66 -35.68
N GLU B 52 24.51 -2.47 -37.00
CA GLU B 52 24.94 -1.18 -37.55
C GLU B 52 23.98 -0.06 -37.18
N ALA B 53 22.69 -0.35 -37.08
CA ALA B 53 21.77 0.65 -36.57
C ALA B 53 21.93 0.80 -35.06
N LEU B 54 22.20 -0.30 -34.36
CA LEU B 54 22.36 -0.24 -32.92
C LEU B 54 23.57 0.62 -32.55
N GLY B 55 24.68 0.45 -33.25
CA GLY B 55 25.83 1.29 -33.03
C GLY B 55 25.83 2.45 -33.99
N SER B 56 25.08 3.50 -33.68
CA SER B 56 24.90 4.62 -34.59
C SER B 56 24.70 5.91 -33.81
N ALA B 57 24.73 7.02 -34.55
CA ALA B 57 24.54 8.34 -33.99
C ALA B 57 23.14 8.55 -33.42
N LEU B 58 22.23 7.59 -33.61
CA LEU B 58 20.92 7.67 -32.98
C LEU B 58 21.02 7.68 -31.46
N THR B 59 22.12 7.16 -30.91
CA THR B 59 22.30 7.16 -29.47
C THR B 59 22.38 8.58 -28.88
N ASN B 60 22.63 9.59 -29.71
CA ASN B 60 22.90 10.92 -29.20
C ASN B 60 21.63 11.72 -28.86
N LYS B 61 20.45 11.31 -29.31
CA LYS B 61 19.28 12.19 -29.35
C LYS B 61 18.35 11.95 -28.17
N TYR B 62 18.00 13.03 -27.47
CA TYR B 62 16.92 13.00 -26.47
C TYR B 62 15.60 13.31 -27.17
N SER B 63 14.59 12.46 -26.94
CA SER B 63 13.37 12.55 -27.75
C SER B 63 12.14 12.15 -26.92
N GLU B 64 12.12 12.56 -25.65
CA GLU B 64 11.01 12.21 -24.75
C GLU B 64 9.65 12.59 -25.32
N GLY B 65 8.67 11.74 -25.11
CA GLY B 65 7.37 11.87 -25.70
C GLY B 65 7.06 10.75 -26.68
N ILE B 66 6.16 11.05 -27.61
CA ILE B 66 5.82 10.11 -28.68
C ILE B 66 5.83 10.88 -30.00
N PRO B 67 5.90 10.18 -31.12
CA PRO B 67 5.85 10.87 -32.41
C PRO B 67 4.62 11.75 -32.49
N GLY B 68 4.81 12.97 -32.97
CA GLY B 68 3.75 13.93 -33.07
C GLY B 68 3.42 14.66 -31.78
N ASN B 69 4.00 14.23 -30.65
CA ASN B 69 3.72 14.83 -29.35
C ASN B 69 4.99 14.72 -28.51
N ARG B 70 6.03 15.44 -28.91
CA ARG B 70 7.32 15.40 -28.25
C ARG B 70 7.43 16.54 -27.25
N TYR B 71 8.29 16.36 -26.25
CA TYR B 71 8.51 17.42 -25.28
C TYR B 71 9.36 18.54 -25.84
N TYR B 72 10.18 18.25 -26.85
CA TYR B 72 11.00 19.28 -27.47
C TYR B 72 11.28 18.86 -28.92
N GLY B 73 12.30 19.45 -29.52
CA GLY B 73 12.43 19.41 -30.96
C GLY B 73 13.68 18.73 -31.46
N GLY B 74 13.96 18.91 -32.75
CA GLY B 74 15.00 18.15 -33.40
C GLY B 74 14.62 16.74 -33.77
N ASN B 75 13.35 16.37 -33.64
CA ASN B 75 12.92 14.99 -33.76
C ASN B 75 12.31 14.65 -35.11
N GLU B 76 12.49 15.50 -36.13
CA GLU B 76 11.90 15.23 -37.44
C GLU B 76 12.17 13.80 -37.89
N PHE B 77 13.42 13.34 -37.77
CA PHE B 77 13.79 12.02 -38.29
C PHE B 77 13.64 10.93 -37.24
N ILE B 78 13.97 11.22 -35.97
CA ILE B 78 13.59 10.31 -34.90
C ILE B 78 12.13 9.93 -35.02
N ASP B 79 11.28 10.89 -35.39
CA ASP B 79 9.85 10.60 -35.49
C ASP B 79 9.57 9.62 -36.61
N GLU B 80 10.21 9.80 -37.77
CA GLU B 80 9.99 8.86 -38.87
C GLU B 80 10.46 7.47 -38.50
N ILE B 81 11.60 7.38 -37.81
CA ILE B 81 12.15 6.09 -37.42
C ILE B 81 11.19 5.40 -36.47
N GLU B 82 10.69 6.12 -35.46
CA GLU B 82 9.82 5.48 -34.49
C GLU B 82 8.48 5.16 -35.11
N ASN B 83 7.95 6.05 -35.95
CA ASN B 83 6.73 5.72 -36.68
C ASN B 83 6.92 4.48 -37.53
N LEU B 84 8.04 4.39 -38.23
CA LEU B 84 8.29 3.21 -39.06
C LEU B 84 8.46 1.96 -38.19
N CYS B 85 9.12 2.09 -37.04
CA CYS B 85 9.29 0.95 -36.15
C CYS B 85 7.95 0.43 -35.64
N ARG B 86 7.03 1.34 -35.30
CA ARG B 86 5.75 0.93 -34.76
C ARG B 86 4.90 0.22 -35.81
N SER B 87 4.84 0.76 -37.03
CA SER B 87 3.97 0.17 -38.03
C SER B 87 4.59 -1.12 -38.58
N ARG B 88 5.91 -1.22 -38.61
CA ARG B 88 6.55 -2.49 -38.92
C ARG B 88 6.27 -3.53 -37.85
N ALA B 89 6.05 -3.09 -36.62
CA ALA B 89 5.75 -4.00 -35.52
C ALA B 89 4.34 -4.57 -35.64
N LEU B 90 3.38 -3.67 -35.89
CA LEU B 90 2.01 -4.11 -36.14
C LEU B 90 1.92 -4.98 -37.39
N GLU B 91 2.72 -4.67 -38.41
CA GLU B 91 2.73 -5.47 -39.63
C GLU B 91 3.31 -6.87 -39.36
N ALA B 92 4.42 -6.94 -38.63
CA ALA B 92 5.02 -8.24 -38.35
C ALA B 92 4.07 -9.15 -37.61
N PHE B 93 3.20 -8.60 -36.76
CA PHE B 93 2.29 -9.42 -35.97
C PHE B 93 0.87 -9.40 -36.51
N HIS B 94 0.68 -8.88 -37.73
CA HIS B 94 -0.58 -8.96 -38.45
C HIS B 94 -1.72 -8.27 -37.68
N CYS B 95 -1.41 -7.11 -37.12
CA CYS B 95 -2.40 -6.30 -36.41
C CYS B 95 -2.97 -5.23 -37.33
N ASP B 96 -4.29 -5.17 -37.40
CA ASP B 96 -4.99 -4.03 -37.95
C ASP B 96 -4.70 -2.81 -37.09
N PRO B 97 -4.09 -1.73 -37.63
CA PRO B 97 -3.74 -0.58 -36.78
C PRO B 97 -4.93 0.20 -36.25
N ALA B 98 -6.15 -0.08 -36.71
CA ALA B 98 -7.33 0.52 -36.10
C ALA B 98 -7.80 -0.24 -34.87
N ALA B 99 -7.28 -1.45 -34.68
CA ALA B 99 -7.63 -2.28 -33.54
C ALA B 99 -6.47 -2.53 -32.59
N TRP B 100 -5.26 -2.13 -32.96
CA TRP B 100 -4.05 -2.41 -32.19
C TRP B 100 -3.09 -1.24 -32.30
N GLY B 101 -2.50 -0.86 -31.16
CA GLY B 101 -1.40 0.07 -31.12
C GLY B 101 -0.22 -0.59 -30.43
N VAL B 102 0.92 0.09 -30.47
CA VAL B 102 2.15 -0.46 -29.88
C VAL B 102 3.06 0.67 -29.47
N ASN B 103 3.73 0.49 -28.32
CA ASN B 103 4.76 1.39 -27.82
C ASN B 103 6.09 0.63 -27.90
N VAL B 104 7.06 1.18 -28.64
CA VAL B 104 8.32 0.49 -28.87
C VAL B 104 9.46 1.15 -28.10
N GLN B 105 9.13 1.93 -27.07
CA GLN B 105 10.15 2.57 -26.24
C GLN B 105 10.66 1.77 -25.03
N PRO B 106 10.00 0.71 -24.52
CA PRO B 106 10.54 0.02 -23.35
C PRO B 106 11.97 -0.44 -23.56
N TYR B 107 12.81 -0.25 -22.54
CA TYR B 107 14.23 -0.54 -22.68
C TYR B 107 14.52 -2.02 -22.88
N SER B 108 13.69 -2.89 -22.30
CA SER B 108 13.91 -4.32 -22.35
C SER B 108 12.59 -4.99 -21.99
N GLY B 109 12.63 -6.30 -21.75
CA GLY B 109 11.41 -7.04 -21.49
C GLY B 109 10.83 -6.74 -20.12
N SER B 110 11.67 -6.79 -19.09
CA SER B 110 11.19 -6.46 -17.75
C SER B 110 10.69 -5.03 -17.66
N PRO B 111 11.38 -4.03 -18.23
CA PRO B 111 10.76 -2.69 -18.26
C PRO B 111 9.41 -2.69 -18.95
N ALA B 112 9.25 -3.47 -20.03
CA ALA B 112 7.98 -3.51 -20.72
C ALA B 112 6.90 -4.12 -19.85
N ASN B 113 7.23 -5.18 -19.12
CA ASN B 113 6.20 -5.79 -18.28
C ASN B 113 5.80 -4.84 -17.15
N PHE B 114 6.78 -4.27 -16.43
CA PHE B 114 6.43 -3.41 -15.31
C PHE B 114 5.66 -2.16 -15.77
N ALA B 115 5.93 -1.68 -16.99
CA ALA B 115 5.16 -0.54 -17.49
C ALA B 115 3.73 -0.94 -17.81
N ALA B 116 3.54 -2.13 -18.41
CA ALA B 116 2.19 -2.64 -18.59
C ALA B 116 1.45 -2.76 -17.26
N TYR B 117 2.10 -3.28 -16.22
CA TYR B 117 1.39 -3.42 -14.95
C TYR B 117 1.04 -2.04 -14.41
N THR B 118 1.97 -1.09 -14.54
CA THR B 118 1.74 0.25 -14.02
C THR B 118 0.59 0.93 -14.73
N ALA B 119 0.40 0.62 -16.01
CA ALA B 119 -0.65 1.29 -16.79
C ALA B 119 -2.02 0.75 -16.42
N LEU B 120 -2.11 -0.54 -16.14
CA LEU B 120 -3.39 -1.22 -16.01
C LEU B 120 -3.82 -1.44 -14.56
N LEU B 121 -2.92 -1.31 -13.60
CA LEU B 121 -3.22 -1.67 -12.22
C LEU B 121 -2.80 -0.57 -11.24
N GLN B 122 -3.47 -0.53 -10.11
CA GLN B 122 -3.02 0.27 -8.99
C GLN B 122 -2.02 -0.52 -8.16
N PRO B 123 -1.20 0.15 -7.35
CA PRO B 123 -0.38 -0.57 -6.40
C PRO B 123 -1.20 -1.56 -5.56
N HIS B 124 -0.63 -2.74 -5.37
CA HIS B 124 -1.19 -3.88 -4.63
C HIS B 124 -2.35 -4.57 -5.33
N ASP B 125 -2.73 -4.19 -6.54
CA ASP B 125 -3.70 -4.99 -7.29
C ASP B 125 -3.14 -6.40 -7.51
N ARG B 126 -4.04 -7.35 -7.68
CA ARG B 126 -3.68 -8.76 -7.75
C ARG B 126 -3.35 -9.20 -9.17
N ILE B 127 -2.33 -10.07 -9.28
CA ILE B 127 -1.80 -10.58 -10.55
C ILE B 127 -1.58 -12.09 -10.40
N MET B 128 -1.79 -12.82 -11.50
CA MET B 128 -1.49 -14.25 -11.59
C MET B 128 -0.68 -14.53 -12.85
N GLY B 129 0.47 -15.21 -12.69
CA GLY B 129 1.26 -15.64 -13.82
C GLY B 129 1.77 -17.06 -13.62
N LEU B 130 2.37 -17.62 -14.66
CA LEU B 130 2.83 -19.00 -14.58
C LEU B 130 3.97 -19.12 -13.56
N ASP B 131 3.81 -20.06 -12.62
CA ASP B 131 4.82 -20.32 -11.58
C ASP B 131 6.19 -20.57 -12.19
N LEU B 132 7.23 -20.03 -11.57
CA LEU B 132 8.57 -20.20 -12.11
C LEU B 132 8.95 -21.66 -12.32
N PRO B 133 8.87 -22.56 -11.32
CA PRO B 133 9.21 -23.97 -11.59
C PRO B 133 8.23 -24.68 -12.53
N SER B 134 7.13 -24.05 -12.94
CA SER B 134 6.29 -24.59 -14.00
C SER B 134 6.63 -23.97 -15.34
N GLY B 135 7.64 -23.11 -15.39
CA GLY B 135 8.13 -22.53 -16.63
C GLY B 135 7.83 -21.07 -16.83
N GLY B 136 7.39 -20.35 -15.78
CA GLY B 136 7.10 -18.94 -15.90
C GLY B 136 8.34 -18.11 -15.71
N HIS B 137 8.16 -16.80 -15.76
CA HIS B 137 9.26 -15.86 -15.65
C HIS B 137 9.12 -15.02 -14.39
N LEU B 138 10.27 -14.63 -13.84
CA LEU B 138 10.32 -13.81 -12.63
C LEU B 138 9.38 -12.61 -12.71
N THR B 139 9.38 -11.91 -13.85
CA THR B 139 8.58 -10.68 -13.96
C THR B 139 7.10 -10.94 -13.90
N HIS B 140 6.67 -12.19 -13.88
CA HIS B 140 5.25 -12.48 -13.75
C HIS B 140 4.86 -12.66 -12.28
N GLY B 141 5.80 -12.44 -11.37
CA GLY B 141 5.61 -12.51 -9.93
C GLY B 141 6.44 -13.65 -9.39
N TYR B 142 7.12 -13.39 -8.28
CA TYR B 142 7.83 -14.47 -7.61
C TYR B 142 8.10 -14.10 -6.15
N TYR B 143 7.72 -15.00 -5.25
CA TYR B 143 8.08 -14.91 -3.84
C TYR B 143 8.41 -16.31 -3.34
N THR B 144 9.25 -16.37 -2.31
CA THR B 144 9.72 -17.64 -1.77
C THR B 144 8.73 -18.20 -0.75
N SER B 145 8.99 -19.46 -0.35
CA SER B 145 8.19 -20.09 0.69
C SER B 145 8.31 -19.35 2.02
N GLY B 146 9.48 -18.77 2.28
CA GLY B 146 9.67 -17.99 3.48
C GLY B 146 9.06 -16.61 3.39
N GLY B 147 8.33 -16.35 2.30
CA GLY B 147 7.67 -15.08 2.10
C GLY B 147 8.54 -13.95 1.60
N LYS B 148 9.74 -14.25 1.10
CA LYS B 148 10.60 -13.19 0.56
C LYS B 148 10.19 -12.85 -0.86
N LYS B 149 10.01 -11.57 -1.14
CA LYS B 149 9.48 -11.10 -2.42
C LYS B 149 10.63 -10.80 -3.38
N ILE B 150 10.75 -11.60 -4.43
CA ILE B 150 11.92 -11.52 -5.30
C ILE B 150 11.67 -10.59 -6.48
N SER B 151 10.57 -10.75 -7.19
CA SER B 151 10.23 -9.85 -8.29
C SER B 151 9.68 -8.54 -7.76
N ALA B 152 10.03 -7.44 -8.41
CA ALA B 152 9.35 -6.18 -8.11
C ALA B 152 7.87 -6.28 -8.41
N THR B 153 7.49 -7.19 -9.32
CA THR B 153 6.09 -7.51 -9.53
C THR B 153 5.41 -7.94 -8.24
N SER B 154 6.13 -8.69 -7.41
CA SER B 154 5.58 -9.13 -6.14
C SER B 154 5.75 -8.11 -5.04
N ILE B 155 6.60 -7.10 -5.26
CA ILE B 155 6.79 -6.08 -4.23
C ILE B 155 5.69 -5.03 -4.31
N TYR B 156 5.42 -4.53 -5.52
CA TYR B 156 4.50 -3.44 -5.73
C TYR B 156 3.10 -3.90 -6.08
N PHE B 157 2.94 -5.19 -6.40
CA PHE B 157 1.64 -5.78 -6.63
C PHE B 157 1.55 -7.07 -5.82
N GLU B 158 0.36 -7.69 -5.84
CA GLU B 158 0.08 -8.93 -5.12
C GLU B 158 -0.07 -10.07 -6.13
N SER B 159 0.91 -10.98 -6.15
CA SER B 159 0.95 -12.02 -7.17
C SER B 159 0.63 -13.39 -6.58
N LEU B 160 0.07 -14.26 -7.42
CA LEU B 160 -0.16 -15.65 -7.07
C LEU B 160 0.07 -16.51 -8.30
N PRO B 161 0.95 -17.51 -8.24
CA PRO B 161 1.24 -18.31 -9.43
C PRO B 161 0.22 -19.42 -9.66
N TYR B 162 0.06 -19.78 -10.92
CA TYR B 162 -0.59 -21.03 -11.30
C TYR B 162 0.47 -21.96 -11.88
N LYS B 163 0.15 -23.26 -11.91
CA LYS B 163 1.14 -24.30 -12.13
C LYS B 163 0.73 -25.24 -13.26
N VAL B 164 1.72 -26.00 -13.74
CA VAL B 164 1.43 -27.12 -14.64
C VAL B 164 0.90 -28.29 -13.84
N ASN B 165 0.14 -29.16 -14.50
CA ASN B 165 -0.21 -30.46 -13.96
C ASN B 165 1.07 -31.26 -13.78
N PHE B 166 1.30 -31.78 -12.57
CA PHE B 166 2.58 -32.43 -12.30
C PHE B 166 2.69 -33.83 -12.91
N THR B 167 1.59 -34.39 -13.41
CA THR B 167 1.66 -35.66 -14.12
C THR B 167 2.04 -35.45 -15.58
N THR B 168 1.33 -34.57 -16.27
CA THR B 168 1.46 -34.40 -17.70
C THR B 168 2.47 -33.32 -18.08
N GLY B 169 2.66 -32.33 -17.24
CA GLY B 169 3.53 -31.21 -17.57
C GLY B 169 2.87 -30.12 -18.38
N TYR B 170 1.58 -30.25 -18.68
CA TYR B 170 0.82 -29.20 -19.35
C TYR B 170 0.12 -28.32 -18.32
N ILE B 171 -0.25 -27.11 -18.76
CA ILE B 171 -0.93 -26.17 -17.89
C ILE B 171 -2.23 -26.78 -17.42
N ASP B 172 -2.41 -26.85 -16.09
CA ASP B 172 -3.64 -27.39 -15.53
C ASP B 172 -4.65 -26.25 -15.58
N TYR B 173 -5.44 -26.23 -16.66
CA TYR B 173 -6.36 -25.12 -16.85
C TYR B 173 -7.49 -25.14 -15.83
N ASP B 174 -7.87 -26.32 -15.32
CA ASP B 174 -8.88 -26.39 -14.28
C ASP B 174 -8.39 -25.78 -12.97
N LYS B 175 -7.15 -26.09 -12.58
CA LYS B 175 -6.62 -25.52 -11.35
C LYS B 175 -6.39 -24.02 -11.48
N LEU B 176 -5.94 -23.56 -12.66
CA LEU B 176 -5.86 -22.13 -12.91
C LEU B 176 -7.22 -21.47 -12.71
N GLU B 177 -8.28 -22.05 -13.31
CA GLU B 177 -9.60 -21.44 -13.19
C GLU B 177 -10.08 -21.43 -11.75
N GLU B 178 -9.90 -22.53 -11.02
CA GLU B 178 -10.25 -22.57 -9.61
C GLU B 178 -9.51 -21.49 -8.82
N LYS B 179 -8.19 -21.38 -9.03
CA LYS B 179 -7.41 -20.39 -8.29
C LYS B 179 -7.83 -18.97 -8.66
N ALA B 180 -8.05 -18.69 -9.94
CA ALA B 180 -8.46 -17.34 -10.32
C ALA B 180 -9.83 -16.98 -9.74
N LEU B 181 -10.75 -17.95 -9.62
CA LEU B 181 -12.05 -17.62 -9.05
C LEU B 181 -11.95 -17.30 -7.56
N ASP B 182 -10.99 -17.91 -6.85
CA ASP B 182 -10.82 -17.57 -5.44
C ASP B 182 -10.06 -16.26 -5.29
N PHE B 183 -8.94 -16.12 -5.99
CA PHE B 183 -8.01 -15.02 -5.77
C PHE B 183 -8.49 -13.72 -6.43
N ARG B 184 -9.21 -13.85 -7.55
CA ARG B 184 -9.77 -12.75 -8.32
C ARG B 184 -8.69 -11.78 -8.75
N PRO B 185 -7.75 -12.22 -9.59
CA PRO B 185 -6.71 -11.30 -10.07
C PRO B 185 -7.33 -10.24 -10.98
N LYS B 186 -6.77 -9.04 -10.92
CA LYS B 186 -7.17 -8.02 -11.88
C LYS B 186 -6.44 -8.19 -13.21
N LEU B 187 -5.30 -8.88 -13.20
CA LEU B 187 -4.54 -9.17 -14.40
C LEU B 187 -4.16 -10.63 -14.39
N LEU B 188 -4.42 -11.31 -15.49
CA LEU B 188 -4.03 -12.70 -15.69
C LEU B 188 -3.00 -12.71 -16.81
N ILE B 189 -1.80 -13.19 -16.50
CA ILE B 189 -0.70 -13.22 -17.45
C ILE B 189 -0.56 -14.64 -18.00
N CYS B 190 -0.40 -14.76 -19.31
CA CYS B 190 0.03 -15.98 -19.95
C CYS B 190 1.34 -15.70 -20.69
N GLY B 191 2.01 -16.76 -21.11
CA GLY B 191 3.35 -16.68 -21.63
C GLY B 191 4.36 -17.20 -20.62
N GLY B 192 5.53 -17.62 -21.12
CA GLY B 192 6.45 -18.27 -20.22
C GLY B 192 7.86 -18.30 -20.78
N SER B 193 8.75 -18.91 -20.02
CA SER B 193 10.17 -18.95 -20.33
C SER B 193 10.70 -20.35 -20.54
N ALA B 194 10.06 -21.37 -19.97
CA ALA B 194 10.58 -22.73 -20.07
C ALA B 194 9.45 -23.73 -20.25
N TYR B 195 8.32 -23.29 -20.78
CA TYR B 195 7.20 -24.17 -21.05
C TYR B 195 7.33 -24.72 -22.47
N PRO B 196 7.32 -26.04 -22.67
CA PRO B 196 7.66 -26.58 -23.99
C PRO B 196 6.48 -26.81 -24.92
N ARG B 197 5.36 -26.17 -24.65
CA ARG B 197 4.15 -26.39 -25.43
C ARG B 197 3.51 -25.05 -25.76
N ASP B 198 2.57 -25.09 -26.70
CA ASP B 198 1.87 -23.88 -27.09
C ASP B 198 0.73 -23.61 -26.10
N TRP B 199 0.17 -22.39 -26.19
CA TRP B 199 -0.80 -21.90 -25.21
C TRP B 199 -2.20 -21.87 -25.81
N ASP B 200 -3.18 -22.25 -25.01
CA ASP B 200 -4.59 -22.14 -25.38
C ASP B 200 -5.11 -20.81 -24.88
N TYR B 201 -4.87 -19.75 -25.68
CA TYR B 201 -5.31 -18.41 -25.34
C TYR B 201 -6.84 -18.31 -25.26
N ALA B 202 -7.54 -19.02 -26.15
CA ALA B 202 -9.00 -19.07 -26.06
C ALA B 202 -9.46 -19.45 -24.66
N ARG B 203 -8.85 -20.49 -24.09
CA ARG B 203 -9.22 -20.89 -22.75
C ARG B 203 -8.85 -19.84 -21.73
N PHE B 204 -7.69 -19.18 -21.91
CA PHE B 204 -7.32 -18.08 -21.04
C PHE B 204 -8.33 -16.94 -21.12
N ARG B 205 -8.86 -16.67 -22.31
CA ARG B 205 -9.86 -15.60 -22.42
C ARG B 205 -11.15 -16.00 -21.72
N ALA B 206 -11.53 -17.26 -21.80
CA ALA B 206 -12.71 -17.74 -21.09
C ALA B 206 -12.53 -17.59 -19.58
N ILE B 207 -11.38 -18.00 -19.04
CA ILE B 207 -11.12 -17.82 -17.62
C ILE B 207 -11.11 -16.34 -17.27
N ALA B 208 -10.39 -15.54 -18.07
CA ALA B 208 -10.32 -14.11 -17.82
C ALA B 208 -11.71 -13.49 -17.75
N ASP B 209 -12.62 -13.92 -18.64
CA ASP B 209 -13.98 -13.40 -18.63
C ASP B 209 -14.77 -13.85 -17.42
N LYS B 210 -14.54 -15.08 -16.94
CA LYS B 210 -15.30 -15.56 -15.79
C LYS B 210 -14.97 -14.76 -14.54
N VAL B 211 -13.68 -14.47 -14.31
CA VAL B 211 -13.27 -13.81 -13.09
C VAL B 211 -13.18 -12.29 -13.23
N GLY B 212 -13.36 -11.76 -14.44
CA GLY B 212 -13.32 -10.33 -14.64
C GLY B 212 -11.95 -9.71 -14.74
N ALA B 213 -10.95 -10.48 -15.17
CA ALA B 213 -9.59 -9.99 -15.23
C ALA B 213 -9.20 -9.51 -16.64
N LEU B 214 -8.26 -8.57 -16.67
CA LEU B 214 -7.54 -8.29 -17.91
C LEU B 214 -6.61 -9.45 -18.25
N LEU B 215 -6.42 -9.67 -19.55
CA LEU B 215 -5.63 -10.80 -20.05
C LEU B 215 -4.43 -10.26 -20.81
N LEU B 216 -3.23 -10.57 -20.32
CA LEU B 216 -1.99 -10.10 -20.93
C LEU B 216 -1.19 -11.33 -21.34
N CYS B 217 -0.63 -11.30 -22.55
CA CYS B 217 0.32 -12.31 -22.98
C CYS B 217 1.71 -11.72 -23.08
N ASP B 218 2.66 -12.36 -22.41
CA ASP B 218 4.08 -12.05 -22.57
C ASP B 218 4.68 -13.08 -23.54
N MET B 219 4.80 -12.73 -24.82
CA MET B 219 5.21 -13.71 -25.82
C MET B 219 6.70 -13.68 -26.11
N ALA B 220 7.50 -13.10 -25.22
CA ALA B 220 8.92 -12.84 -25.46
C ALA B 220 9.66 -14.03 -26.06
N HIS B 221 9.50 -15.23 -25.49
CA HIS B 221 10.30 -16.34 -25.99
C HIS B 221 9.88 -16.77 -27.38
N ILE B 222 8.59 -16.63 -27.71
CA ILE B 222 8.06 -17.17 -28.95
C ILE B 222 7.68 -16.08 -29.96
N SER B 223 8.03 -14.81 -29.68
CA SER B 223 7.58 -13.71 -30.54
C SER B 223 7.96 -13.97 -31.99
N GLY B 224 9.15 -14.51 -32.23
CA GLY B 224 9.52 -14.85 -33.60
C GLY B 224 8.60 -15.91 -34.20
N LEU B 225 8.25 -16.92 -33.40
CA LEU B 225 7.33 -17.94 -33.88
C LEU B 225 5.94 -17.36 -34.13
N VAL B 226 5.48 -16.48 -33.24
CA VAL B 226 4.16 -15.87 -33.42
C VAL B 226 4.12 -15.04 -34.71
N ALA B 227 5.17 -14.23 -34.93
CA ALA B 227 5.19 -13.36 -36.11
C ALA B 227 5.11 -14.19 -37.39
N ALA B 228 5.85 -15.30 -37.42
CA ALA B 228 5.90 -16.24 -38.52
C ALA B 228 4.67 -17.12 -38.62
N GLN B 229 3.69 -16.94 -37.72
CA GLN B 229 2.49 -17.76 -37.70
C GLN B 229 2.84 -19.24 -37.58
N GLU B 230 3.88 -19.51 -36.80
CA GLU B 230 4.28 -20.85 -36.39
C GLU B 230 3.94 -21.11 -34.93
N ALA B 231 3.17 -20.23 -34.31
CA ALA B 231 2.62 -20.43 -32.99
C ALA B 231 1.20 -19.84 -32.97
N ALA B 232 0.37 -20.35 -32.07
CA ALA B 232 -0.95 -19.77 -31.86
C ALA B 232 -0.85 -18.27 -31.57
N ASN B 233 -1.87 -17.52 -32.02
CA ASN B 233 -1.83 -16.07 -32.03
C ASN B 233 -2.41 -15.51 -30.74
N PRO B 234 -1.60 -14.93 -29.84
CA PRO B 234 -2.17 -14.33 -28.63
C PRO B 234 -2.99 -13.09 -28.90
N PHE B 235 -2.74 -12.37 -30.00
CA PHE B 235 -3.49 -11.14 -30.28
C PHE B 235 -4.96 -11.41 -30.53
N GLU B 236 -5.30 -12.64 -30.88
CA GLU B 236 -6.70 -12.97 -31.09
C GLU B 236 -7.50 -12.84 -29.81
N TYR B 237 -6.87 -13.02 -28.64
CA TYR B 237 -7.63 -13.14 -27.41
C TYR B 237 -7.16 -12.24 -26.27
N CYS B 238 -5.95 -11.72 -26.30
CA CYS B 238 -5.45 -10.95 -25.18
C CYS B 238 -5.70 -9.47 -25.37
N ASP B 239 -5.86 -8.76 -24.24
CA ASP B 239 -6.03 -7.31 -24.26
C ASP B 239 -4.73 -6.60 -24.57
N VAL B 240 -3.63 -7.17 -24.11
CA VAL B 240 -2.32 -6.53 -24.18
C VAL B 240 -1.31 -7.66 -24.42
N VAL B 241 -0.29 -7.38 -25.23
CA VAL B 241 0.76 -8.34 -25.52
C VAL B 241 2.09 -7.63 -25.29
N THR B 242 2.93 -8.19 -24.43
CA THR B 242 4.28 -7.69 -24.24
C THR B 242 5.28 -8.69 -24.81
N THR B 243 6.48 -8.21 -25.09
CA THR B 243 7.50 -9.11 -25.64
C THR B 243 8.87 -8.48 -25.54
N THR B 244 9.89 -9.32 -25.58
CA THR B 244 11.21 -8.84 -25.94
C THR B 244 11.39 -8.91 -27.44
N THR B 245 12.49 -8.33 -27.91
CA THR B 245 12.82 -8.37 -29.32
C THR B 245 14.13 -9.07 -29.62
N HIS B 246 14.86 -9.54 -28.61
CA HIS B 246 16.16 -10.13 -28.85
C HIS B 246 16.20 -11.65 -28.85
N LYS B 247 15.09 -12.33 -28.56
CA LYS B 247 15.15 -13.78 -28.49
C LYS B 247 14.83 -14.37 -29.85
N SER B 248 13.71 -15.10 -29.96
CA SER B 248 13.37 -15.74 -31.23
C SER B 248 13.08 -14.71 -32.32
N LEU B 249 12.76 -13.46 -31.95
CA LEU B 249 12.55 -12.43 -32.95
C LEU B 249 13.84 -11.99 -33.61
N ARG B 250 14.99 -12.20 -32.96
CA ARG B 250 16.32 -12.02 -33.56
C ARG B 250 16.68 -10.56 -33.75
N GLY B 251 16.22 -9.68 -32.87
CA GLY B 251 16.52 -8.29 -33.03
C GLY B 251 17.45 -7.77 -31.96
N PRO B 252 17.44 -6.46 -31.76
CA PRO B 252 18.19 -5.87 -30.63
C PRO B 252 17.52 -6.20 -29.30
N ARG B 253 18.19 -5.84 -28.22
CA ARG B 253 17.63 -6.00 -26.88
C ARG B 253 16.71 -4.81 -26.59
N ALA B 254 15.41 -5.05 -26.51
CA ALA B 254 14.38 -4.02 -26.36
C ALA B 254 13.10 -4.73 -25.97
N GLY B 255 12.07 -3.92 -25.64
CA GLY B 255 10.75 -4.44 -25.40
C GLY B 255 9.71 -3.64 -26.14
N MET B 256 8.52 -4.24 -26.28
CA MET B 256 7.36 -3.63 -26.92
C MET B 256 6.11 -3.98 -26.11
N ILE B 257 5.14 -3.06 -26.10
CA ILE B 257 3.82 -3.30 -25.51
C ILE B 257 2.78 -3.02 -26.57
N PHE B 258 2.06 -4.07 -26.99
CA PHE B 258 0.93 -4.00 -27.88
C PHE B 258 -0.36 -3.92 -27.07
N TYR B 259 -1.35 -3.19 -27.59
CA TYR B 259 -2.57 -2.95 -26.83
C TYR B 259 -3.73 -2.76 -27.79
N ARG B 260 -4.92 -3.18 -27.36
CA ARG B 260 -6.11 -3.03 -28.19
C ARG B 260 -6.54 -1.57 -28.23
N LYS B 261 -7.17 -1.20 -29.35
CA LYS B 261 -7.82 0.09 -29.56
C LYS B 261 -9.15 -0.16 -30.24
N GLY B 262 -10.07 0.79 -30.10
CA GLY B 262 -11.34 0.70 -30.78
C GLY B 262 -12.43 0.06 -29.96
N PRO B 263 -13.53 -0.31 -30.60
CA PRO B 263 -14.72 -0.77 -29.87
C PRO B 263 -14.44 -2.05 -29.09
N LYS B 264 -14.99 -2.11 -27.90
CA LYS B 264 -14.91 -3.33 -27.12
C LYS B 264 -15.99 -4.32 -27.56
N PRO B 265 -15.71 -5.61 -27.50
CA PRO B 265 -16.71 -6.63 -27.90
C PRO B 265 -17.89 -6.62 -26.96
N PRO B 266 -18.96 -7.36 -27.29
CA PRO B 266 -20.16 -7.37 -26.44
C PRO B 266 -19.83 -7.78 -25.01
N LYS B 267 -20.40 -7.06 -24.06
CA LYS B 267 -20.08 -7.20 -22.66
C LYS B 267 -21.35 -7.39 -21.86
N LYS B 268 -21.24 -8.19 -20.80
CA LYS B 268 -22.37 -8.40 -19.90
C LYS B 268 -22.74 -7.09 -19.22
N GLY B 269 -23.79 -6.43 -19.70
CA GLY B 269 -24.30 -5.23 -19.07
C GLY B 269 -23.31 -4.09 -18.91
N GLN B 270 -22.69 -3.66 -20.01
CA GLN B 270 -21.85 -2.47 -20.02
C GLN B 270 -22.05 -1.77 -21.36
N PRO B 271 -21.91 -0.45 -21.40
CA PRO B 271 -22.63 0.35 -22.40
C PRO B 271 -22.30 -0.03 -23.84
N GLU B 272 -23.30 0.14 -24.71
CA GLU B 272 -23.06 0.12 -26.14
C GLU B 272 -22.06 1.21 -26.50
N GLY B 273 -21.26 0.93 -27.53
CA GLY B 273 -20.29 1.89 -28.01
C GLY B 273 -19.03 2.01 -27.18
N ALA B 274 -18.92 1.27 -26.09
CA ALA B 274 -17.71 1.34 -25.27
C ALA B 274 -16.49 0.98 -26.09
N VAL B 275 -15.40 1.73 -25.88
CA VAL B 275 -14.16 1.49 -26.61
C VAL B 275 -13.01 1.33 -25.62
N TYR B 276 -11.95 0.68 -26.10
CA TYR B 276 -10.77 0.44 -25.27
C TYR B 276 -10.10 1.75 -24.90
N ASP B 277 -9.56 1.82 -23.68
CA ASP B 277 -8.79 2.98 -23.23
C ASP B 277 -7.41 2.55 -22.69
N PHE B 278 -6.77 1.60 -23.37
CA PHE B 278 -5.42 1.21 -22.98
C PHE B 278 -4.37 2.18 -23.49
N GLU B 279 -4.56 2.72 -24.70
CA GLU B 279 -3.47 3.42 -25.38
C GLU B 279 -2.86 4.50 -24.51
N ASP B 280 -3.67 5.41 -23.99
CA ASP B 280 -3.12 6.53 -23.25
C ASP B 280 -2.46 6.07 -21.96
N LYS B 281 -3.08 5.12 -21.26
CA LYS B 281 -2.51 4.61 -20.02
C LYS B 281 -1.14 3.97 -20.26
N ILE B 282 -1.03 3.16 -21.31
CA ILE B 282 0.23 2.47 -21.57
C ILE B 282 1.32 3.47 -21.97
N ASN B 283 0.98 4.42 -22.84
CA ASN B 283 1.95 5.41 -23.27
C ASN B 283 2.47 6.21 -22.07
N PHE B 284 1.55 6.66 -21.21
CA PHE B 284 1.92 7.48 -20.07
C PHE B 284 2.73 6.70 -19.03
N ALA B 285 2.46 5.40 -18.86
CA ALA B 285 3.25 4.61 -17.93
C ALA B 285 4.70 4.51 -18.38
N VAL B 286 4.91 4.23 -19.68
CA VAL B 286 6.26 4.21 -20.22
C VAL B 286 6.91 5.58 -20.04
N PHE B 287 6.22 6.63 -20.43
CA PHE B 287 6.76 7.96 -20.25
C PHE B 287 5.61 8.94 -20.15
N PRO B 288 5.59 9.84 -19.17
CA PRO B 288 6.67 10.16 -18.22
C PRO B 288 6.81 9.31 -16.95
N ALA B 289 5.93 8.35 -16.70
CA ALA B 289 5.91 7.72 -15.37
C ALA B 289 7.20 6.94 -15.10
N LEU B 290 7.61 6.07 -16.01
CA LEU B 290 8.68 5.13 -15.70
C LEU B 290 10.01 5.44 -16.36
N GLN B 291 10.03 5.64 -17.67
CA GLN B 291 11.29 5.79 -18.39
C GLN B 291 11.61 7.26 -18.61
N GLY B 292 12.84 7.49 -19.07
CA GLY B 292 13.27 8.81 -19.50
C GLY B 292 13.30 8.86 -21.01
N GLY B 293 14.39 9.34 -21.59
CA GLY B 293 14.52 9.38 -23.02
C GLY B 293 14.57 7.98 -23.60
N PRO B 294 13.85 7.76 -24.70
CA PRO B 294 13.96 6.47 -25.38
C PRO B 294 15.36 6.28 -25.94
N HIS B 295 15.75 5.02 -26.10
CA HIS B 295 17.06 4.70 -26.67
C HIS B 295 16.86 4.51 -28.17
N ASN B 296 17.05 5.60 -28.93
CA ASN B 296 16.70 5.64 -30.35
C ASN B 296 17.57 4.70 -31.20
N HIS B 297 18.78 4.37 -30.75
CA HIS B 297 19.56 3.36 -31.45
C HIS B 297 18.90 1.97 -31.35
N GLN B 298 18.27 1.64 -30.21
CA GLN B 298 17.52 0.39 -30.11
C GLN B 298 16.28 0.42 -30.99
N ILE B 299 15.62 1.58 -31.06
CA ILE B 299 14.38 1.68 -31.83
C ILE B 299 14.67 1.52 -33.30
N GLY B 300 15.65 2.25 -33.82
CA GLY B 300 16.03 2.10 -35.22
C GLY B 300 16.52 0.69 -35.51
N ALA B 301 17.28 0.10 -34.58
CA ALA B 301 17.74 -1.27 -34.76
C ALA B 301 16.57 -2.23 -34.78
N LEU B 302 15.56 -1.98 -33.94
CA LEU B 302 14.38 -2.83 -33.92
C LEU B 302 13.62 -2.73 -35.23
N ALA B 303 13.50 -1.51 -35.78
CA ALA B 303 12.83 -1.36 -37.08
C ALA B 303 13.50 -2.24 -38.12
N VAL B 304 14.84 -2.33 -38.09
CA VAL B 304 15.52 -3.22 -39.03
C VAL B 304 15.14 -4.67 -38.75
N ALA B 305 15.16 -5.06 -37.48
CA ALA B 305 14.83 -6.42 -37.11
C ALA B 305 13.43 -6.79 -37.56
N LEU B 306 12.49 -5.86 -37.40
CA LEU B 306 11.11 -6.14 -37.72
C LEU B 306 10.90 -6.26 -39.22
N LYS B 307 11.61 -5.44 -40.01
CA LYS B 307 11.58 -5.64 -41.45
C LYS B 307 12.14 -7.01 -41.82
N GLN B 308 13.22 -7.44 -41.15
CA GLN B 308 13.77 -8.76 -41.45
C GLN B 308 12.83 -9.88 -41.03
N ALA B 309 12.06 -9.68 -39.96
CA ALA B 309 11.17 -10.73 -39.47
C ALA B 309 9.98 -10.94 -40.39
N ASN B 310 9.62 -9.94 -41.15
CA ASN B 310 8.41 -10.00 -41.97
C ASN B 310 8.73 -10.43 -43.39
N THR B 311 9.44 -11.55 -43.53
CA THR B 311 9.91 -12.03 -44.82
C THR B 311 9.61 -13.51 -44.96
N PRO B 312 9.51 -14.03 -46.19
CA PRO B 312 9.35 -15.47 -46.34
C PRO B 312 10.49 -16.23 -45.71
N GLY B 313 11.71 -15.71 -45.81
CA GLY B 313 12.86 -16.34 -45.17
C GLY B 313 12.73 -16.50 -43.67
N PHE B 314 12.16 -15.50 -43.00
CA PHE B 314 12.06 -15.63 -41.54
C PHE B 314 11.06 -16.71 -41.16
N LYS B 315 9.97 -16.84 -41.92
CA LYS B 315 9.03 -17.93 -41.64
C LYS B 315 9.71 -19.28 -41.82
N VAL B 316 10.59 -19.42 -42.82
CA VAL B 316 11.34 -20.66 -42.96
C VAL B 316 12.23 -20.88 -41.73
N TYR B 317 12.91 -19.82 -41.29
CA TYR B 317 13.72 -19.91 -40.08
C TYR B 317 12.88 -20.34 -38.87
N ALA B 318 11.68 -19.81 -38.73
CA ALA B 318 10.83 -20.20 -37.60
C ALA B 318 10.44 -21.66 -37.67
N LYS B 319 10.05 -22.14 -38.86
CA LYS B 319 9.77 -23.56 -39.03
C LYS B 319 10.99 -24.39 -38.69
N GLN B 320 12.17 -23.96 -39.17
CA GLN B 320 13.38 -24.72 -38.91
C GLN B 320 13.70 -24.75 -37.42
N VAL B 321 13.47 -23.63 -36.73
CA VAL B 321 13.68 -23.59 -35.30
C VAL B 321 12.87 -24.68 -34.60
N LYS B 322 11.57 -24.76 -34.91
CA LYS B 322 10.73 -25.78 -34.30
C LYS B 322 11.18 -27.18 -34.70
N ALA B 323 11.47 -27.38 -35.98
CA ALA B 323 11.88 -28.69 -36.46
C ALA B 323 13.17 -29.14 -35.82
N ASN B 324 14.07 -28.18 -35.55
CA ASN B 324 15.34 -28.49 -34.90
C ASN B 324 15.13 -28.84 -33.44
N ALA B 325 14.28 -28.08 -32.74
CA ALA B 325 13.94 -28.44 -31.37
C ALA B 325 13.37 -29.83 -31.30
N VAL B 326 12.47 -30.17 -32.23
CA VAL B 326 11.86 -31.50 -32.23
C VAL B 326 12.92 -32.56 -32.50
N ALA B 327 13.77 -32.33 -33.50
CA ALA B 327 14.80 -33.32 -33.81
C ALA B 327 15.74 -33.55 -32.63
N LEU B 328 16.12 -32.48 -31.93
CA LEU B 328 16.97 -32.65 -30.75
C LEU B 328 16.24 -33.44 -29.67
N GLY B 329 14.97 -33.11 -29.42
CA GLY B 329 14.21 -33.84 -28.43
C GLY B 329 14.02 -35.30 -28.78
N ASN B 330 13.74 -35.59 -30.05
CA ASN B 330 13.60 -36.99 -30.45
C ASN B 330 14.92 -37.74 -30.30
N TYR B 331 16.04 -37.08 -30.58
CA TYR B 331 17.33 -37.76 -30.44
C TYR B 331 17.59 -38.12 -29.00
N LEU B 332 17.32 -37.20 -28.08
CA LEU B 332 17.56 -37.48 -26.67
C LEU B 332 16.63 -38.58 -26.15
N MET B 333 15.38 -38.58 -26.57
CA MET B 333 14.48 -39.63 -26.12
C MET B 333 14.83 -40.99 -26.72
N SER B 334 15.44 -40.99 -27.91
CA SER B 334 15.85 -42.26 -28.49
C SER B 334 17.08 -42.84 -27.80
N LYS B 335 17.88 -41.98 -27.17
CA LYS B 335 19.00 -42.45 -26.35
C LYS B 335 18.56 -42.88 -24.96
N GLY B 336 17.28 -42.77 -24.62
CA GLY B 336 16.78 -43.13 -23.32
C GLY B 336 16.54 -41.97 -22.38
N TYR B 337 16.94 -40.76 -22.75
CA TYR B 337 16.73 -39.61 -21.89
C TYR B 337 15.26 -39.23 -21.88
N GLN B 338 14.85 -38.52 -20.83
CA GLN B 338 13.46 -38.14 -20.67
C GLN B 338 13.33 -36.62 -20.68
N ILE B 339 12.47 -36.14 -21.57
CA ILE B 339 12.21 -34.72 -21.71
C ILE B 339 10.78 -34.46 -21.29
N VAL B 340 10.54 -33.24 -20.81
CA VAL B 340 9.27 -32.92 -20.17
C VAL B 340 8.18 -32.83 -21.22
N THR B 341 7.05 -33.51 -20.97
CA THR B 341 5.93 -33.70 -21.90
C THR B 341 6.29 -34.57 -23.11
N ASN B 342 7.47 -35.18 -23.11
CA ASN B 342 7.88 -36.13 -24.16
C ASN B 342 7.85 -35.48 -25.55
N GLY B 343 8.24 -34.22 -25.62
CA GLY B 343 8.23 -33.50 -26.88
C GLY B 343 8.18 -32.01 -26.68
N THR B 344 8.10 -31.30 -27.80
CA THR B 344 7.98 -29.86 -27.77
C THR B 344 7.12 -29.41 -28.93
N GLU B 345 6.47 -28.27 -28.75
CA GLU B 345 5.77 -27.59 -29.83
C GLU B 345 6.41 -26.25 -30.16
N ASN B 346 7.52 -25.91 -29.53
CA ASN B 346 8.14 -24.63 -29.81
C ASN B 346 9.65 -24.74 -30.04
N HIS B 347 10.40 -23.78 -29.52
CA HIS B 347 11.80 -23.57 -29.80
C HIS B 347 12.72 -24.24 -28.79
N LEU B 348 12.16 -24.81 -27.73
CA LEU B 348 12.98 -25.27 -26.63
C LEU B 348 12.62 -26.69 -26.24
N VAL B 349 13.54 -27.31 -25.50
CA VAL B 349 13.33 -28.62 -24.92
C VAL B 349 13.66 -28.53 -23.44
N LEU B 350 12.86 -29.20 -22.60
CA LEU B 350 13.10 -29.33 -21.16
C LEU B 350 13.56 -30.76 -20.87
N TRP B 351 14.81 -30.91 -20.43
CA TRP B 351 15.43 -32.21 -20.22
C TRP B 351 15.40 -32.54 -18.73
N ASP B 352 14.79 -33.67 -18.37
CA ASP B 352 14.70 -34.11 -16.99
C ASP B 352 15.92 -34.98 -16.67
N LEU B 353 16.73 -34.52 -15.71
CA LEU B 353 17.99 -35.20 -15.38
C LEU B 353 17.88 -36.09 -14.15
N ARG B 354 16.76 -36.06 -13.43
CA ARG B 354 16.59 -36.92 -12.26
C ARG B 354 16.84 -38.41 -12.56
N PRO B 355 16.27 -39.01 -13.61
CA PRO B 355 16.52 -40.43 -13.86
C PRO B 355 17.99 -40.76 -14.06
N LEU B 356 18.84 -39.76 -14.28
CA LEU B 356 20.26 -40.01 -14.44
C LEU B 356 21.02 -39.91 -13.12
N GLY B 357 20.41 -39.33 -12.09
CA GLY B 357 21.13 -39.10 -10.86
C GLY B 357 22.02 -37.89 -10.89
N LEU B 358 21.84 -37.00 -11.87
CA LEU B 358 22.62 -35.78 -11.99
C LEU B 358 21.72 -34.58 -11.78
N THR B 359 22.36 -33.46 -11.42
CA THR B 359 21.70 -32.20 -11.20
C THR B 359 21.97 -31.25 -12.36
N GLY B 360 21.00 -30.38 -12.64
CA GLY B 360 21.19 -29.37 -13.67
C GLY B 360 22.47 -28.58 -13.48
N ASN B 361 22.86 -28.32 -12.22
CA ASN B 361 24.09 -27.60 -11.95
C ASN B 361 25.29 -28.31 -12.56
N LYS B 362 25.44 -29.62 -12.29
CA LYS B 362 26.61 -30.34 -12.76
C LYS B 362 26.67 -30.37 -14.28
N VAL B 363 25.54 -30.66 -14.92
CA VAL B 363 25.50 -30.71 -16.38
C VAL B 363 25.85 -29.34 -16.96
N GLU B 364 25.21 -28.29 -16.44
CA GLU B 364 25.51 -26.93 -16.91
C GLU B 364 26.98 -26.59 -16.74
N LYS B 365 27.55 -26.95 -15.58
CA LYS B 365 28.96 -26.67 -15.32
C LYS B 365 29.87 -27.39 -16.30
N LEU B 366 29.70 -28.71 -16.43
CA LEU B 366 30.53 -29.49 -17.35
C LEU B 366 30.39 -28.97 -18.78
N CYS B 367 29.14 -28.78 -19.23
CA CYS B 367 28.88 -28.30 -20.57
C CYS B 367 29.61 -26.98 -20.85
N ASP B 368 29.60 -26.07 -19.88
CA ASP B 368 30.23 -24.77 -20.10
C ASP B 368 31.73 -24.93 -20.32
N LEU B 369 32.36 -25.81 -19.54
CA LEU B 369 33.79 -26.07 -19.75
C LEU B 369 34.07 -26.75 -21.08
N CYS B 370 33.03 -27.28 -21.76
CA CYS B 370 33.18 -27.90 -23.07
C CYS B 370 32.60 -27.04 -24.18
N SER B 371 32.46 -25.73 -23.94
CA SER B 371 31.94 -24.77 -24.90
C SER B 371 30.49 -25.05 -25.29
N ILE B 372 29.71 -25.72 -24.44
CA ILE B 372 28.27 -25.89 -24.64
C ILE B 372 27.54 -25.08 -23.57
N THR B 373 26.80 -24.04 -23.99
CA THR B 373 26.07 -23.22 -23.03
C THR B 373 24.59 -23.57 -23.07
N LEU B 374 24.07 -24.03 -21.94
CA LEU B 374 22.65 -24.12 -21.67
C LEU B 374 22.45 -23.62 -20.24
N ASN B 375 21.23 -23.72 -19.71
CA ASN B 375 21.03 -23.38 -18.31
C ASN B 375 20.18 -24.42 -17.61
N LYS B 376 20.51 -24.65 -16.34
CA LYS B 376 19.71 -25.48 -15.45
C LYS B 376 18.31 -24.90 -15.30
N ASN B 377 17.37 -25.76 -14.91
CA ASN B 377 15.96 -25.38 -14.94
C ASN B 377 15.16 -26.39 -14.13
N ALA B 378 14.19 -25.90 -13.36
CA ALA B 378 13.36 -26.80 -12.56
C ALA B 378 12.58 -27.75 -13.47
N VAL B 379 12.11 -28.84 -12.88
CA VAL B 379 11.45 -29.89 -13.66
C VAL B 379 10.08 -30.20 -13.07
N PHE B 380 9.15 -30.55 -13.96
CA PHE B 380 7.77 -30.95 -13.66
C PHE B 380 7.17 -30.17 -12.50
N GLY B 381 7.43 -28.86 -12.46
CA GLY B 381 6.88 -28.03 -11.42
C GLY B 381 7.43 -28.28 -10.04
N ASP B 382 8.54 -29.03 -9.91
CA ASP B 382 9.10 -29.32 -8.60
C ASP B 382 9.61 -28.04 -7.95
N SER B 383 8.76 -27.40 -7.14
CA SER B 383 9.10 -26.19 -6.40
C SER B 383 9.70 -26.61 -5.07
N SER B 384 11.02 -26.58 -4.96
CA SER B 384 11.65 -26.90 -3.68
C SER B 384 12.80 -25.96 -3.36
N ALA B 385 13.91 -26.06 -4.09
CA ALA B 385 15.14 -25.48 -3.56
C ALA B 385 16.02 -24.96 -4.70
N LEU B 386 17.31 -24.88 -4.41
CA LEU B 386 18.36 -24.40 -5.30
C LEU B 386 18.97 -25.51 -6.15
N ALA B 387 18.35 -26.68 -6.16
CA ALA B 387 18.86 -27.84 -6.89
C ALA B 387 17.92 -28.17 -8.05
N PRO B 388 17.98 -27.42 -9.15
CA PRO B 388 17.17 -27.78 -10.33
C PRO B 388 17.52 -29.17 -10.84
N GLY B 389 16.49 -29.92 -11.21
CA GLY B 389 16.71 -31.26 -11.71
C GLY B 389 16.71 -31.37 -13.22
N GLY B 390 16.88 -30.25 -13.93
CA GLY B 390 16.86 -30.29 -15.38
C GLY B 390 17.67 -29.17 -16.01
N VAL B 391 17.78 -29.25 -17.34
CA VAL B 391 18.35 -28.17 -18.13
C VAL B 391 17.34 -27.79 -19.20
N ARG B 392 17.40 -26.54 -19.63
CA ARG B 392 16.57 -26.04 -20.70
C ARG B 392 17.45 -25.82 -21.93
N ILE B 393 17.00 -26.30 -23.07
CA ILE B 393 17.75 -26.18 -24.31
C ILE B 393 16.87 -25.54 -25.35
N GLY B 394 17.45 -24.62 -26.12
CA GLY B 394 16.70 -23.91 -27.14
C GLY B 394 17.44 -23.89 -28.47
N ALA B 395 16.65 -23.90 -29.54
CA ALA B 395 17.17 -23.97 -30.90
C ALA B 395 17.39 -22.64 -31.64
N PRO B 396 16.88 -21.48 -31.21
CA PRO B 396 17.00 -20.28 -32.06
C PRO B 396 18.41 -19.90 -32.45
N ALA B 397 19.37 -19.93 -31.53
CA ALA B 397 20.68 -19.34 -31.83
C ALA B 397 21.44 -20.19 -32.87
N MET B 398 21.52 -21.51 -32.65
CA MET B 398 22.27 -22.33 -33.60
C MET B 398 21.52 -22.47 -34.92
N THR B 399 20.19 -22.46 -34.89
CA THR B 399 19.46 -22.45 -36.16
C THR B 399 19.83 -21.22 -36.98
N SER B 400 20.06 -20.08 -36.30
CA SER B 400 20.43 -18.87 -37.02
C SER B 400 21.79 -19.02 -37.70
N ARG B 401 22.65 -19.89 -37.18
CA ARG B 401 23.91 -20.14 -37.87
C ARG B 401 23.75 -21.12 -39.04
N GLY B 402 22.53 -21.46 -39.42
CA GLY B 402 22.29 -22.34 -40.54
C GLY B 402 22.12 -23.81 -40.23
N LEU B 403 22.08 -24.19 -38.95
CA LEU B 403 21.99 -25.61 -38.59
C LEU B 403 20.59 -26.15 -38.80
N VAL B 404 20.50 -27.40 -39.29
CA VAL B 404 19.22 -28.06 -39.52
C VAL B 404 19.17 -29.36 -38.72
N GLU B 405 18.20 -30.25 -39.03
CA GLU B 405 17.90 -31.36 -38.13
C GLU B 405 19.12 -32.22 -37.84
N LYS B 406 19.85 -32.63 -38.88
CA LYS B 406 20.96 -33.55 -38.66
C LYS B 406 22.07 -32.89 -37.84
N ASP B 407 22.22 -31.56 -37.96
CA ASP B 407 23.17 -30.84 -37.12
C ASP B 407 22.70 -30.82 -35.68
N PHE B 408 21.40 -30.64 -35.47
CA PHE B 408 20.88 -30.71 -34.10
C PHE B 408 20.89 -32.14 -33.57
N GLU B 409 20.89 -33.14 -34.45
CA GLU B 409 21.13 -34.49 -33.96
C GLU B 409 22.58 -34.67 -33.52
N GLN B 410 23.53 -34.05 -34.23
CA GLN B 410 24.91 -34.05 -33.75
C GLN B 410 25.01 -33.34 -32.41
N ILE B 411 24.27 -32.24 -32.23
CA ILE B 411 24.25 -31.57 -30.93
C ILE B 411 23.76 -32.52 -29.85
N GLY B 412 22.75 -33.33 -30.18
CA GLY B 412 22.29 -34.32 -29.23
C GLY B 412 23.37 -35.31 -28.85
N GLU B 413 24.22 -35.67 -29.81
CA GLU B 413 25.29 -36.62 -29.51
C GLU B 413 26.39 -35.97 -28.67
N PHE B 414 26.70 -34.69 -28.96
CA PHE B 414 27.59 -33.94 -28.08
C PHE B 414 27.05 -33.88 -26.66
N LEU B 415 25.75 -33.55 -26.52
CA LEU B 415 25.15 -33.49 -25.19
C LEU B 415 25.19 -34.86 -24.53
N SER B 416 25.01 -35.92 -25.30
CA SER B 416 25.11 -37.27 -24.74
C SER B 416 26.51 -37.53 -24.20
N ARG B 417 27.55 -37.23 -24.98
CA ARG B 417 28.91 -37.37 -24.47
C ARG B 417 29.12 -36.54 -23.19
N ALA B 418 28.58 -35.33 -23.15
CA ALA B 418 28.75 -34.50 -21.96
C ALA B 418 28.09 -35.12 -20.74
N VAL B 419 26.84 -35.58 -20.88
CA VAL B 419 26.17 -36.18 -19.73
C VAL B 419 26.83 -37.51 -19.35
N THR B 420 27.34 -38.25 -20.33
CA THR B 420 28.13 -39.44 -20.01
C THR B 420 29.39 -39.05 -19.25
N LEU B 421 30.08 -37.99 -19.70
CA LEU B 421 31.25 -37.52 -18.96
C LEU B 421 30.88 -37.09 -17.55
N THR B 422 29.69 -36.50 -17.38
CA THR B 422 29.27 -36.02 -16.06
C THR B 422 29.02 -37.19 -15.12
N LEU B 423 28.36 -38.24 -15.60
CA LEU B 423 28.16 -39.44 -14.79
C LEU B 423 29.51 -40.01 -14.35
N ASP B 424 30.49 -40.05 -15.26
CA ASP B 424 31.78 -40.64 -14.93
C ASP B 424 32.51 -39.82 -13.88
N ILE B 425 32.38 -38.49 -13.95
CA ILE B 425 33.04 -37.64 -12.96
C ILE B 425 32.35 -37.79 -11.60
N GLN B 426 31.02 -37.92 -11.60
CA GLN B 426 30.33 -38.21 -10.35
C GLN B 426 30.64 -39.62 -9.85
N LYS B 427 30.89 -40.55 -10.77
CA LYS B 427 31.22 -41.91 -10.37
C LYS B 427 32.53 -41.94 -9.58
N THR B 428 33.50 -41.13 -9.98
CA THR B 428 34.82 -41.14 -9.36
C THR B 428 34.89 -40.28 -8.11
N TYR B 429 34.21 -39.12 -8.08
CA TYR B 429 34.36 -38.18 -6.99
C TYR B 429 33.11 -38.01 -6.11
N GLY B 430 31.94 -38.43 -6.56
CA GLY B 430 30.75 -38.40 -5.72
C GLY B 430 29.85 -37.22 -6.02
N LYS B 431 28.65 -37.28 -5.44
CA LYS B 431 27.57 -36.33 -5.70
C LYS B 431 27.68 -35.03 -4.90
N LEU B 432 28.86 -34.69 -4.38
CA LEU B 432 29.07 -33.40 -3.72
C LEU B 432 29.86 -32.50 -4.65
N LEU B 433 29.42 -31.24 -4.78
CA LEU B 433 29.92 -30.38 -5.85
C LEU B 433 31.41 -30.08 -5.69
N LYS B 434 31.84 -29.80 -4.46
CA LYS B 434 33.24 -29.44 -4.23
C LYS B 434 34.19 -30.59 -4.56
N ASP B 435 33.70 -31.83 -4.57
CA ASP B 435 34.49 -32.97 -5.02
C ASP B 435 34.28 -33.24 -6.50
N PHE B 436 33.06 -33.08 -6.99
CA PHE B 436 32.79 -33.18 -8.41
C PHE B 436 33.74 -32.28 -9.20
N ASN B 437 34.02 -31.10 -8.64
CA ASN B 437 34.86 -30.12 -9.32
C ASN B 437 36.26 -30.65 -9.63
N LYS B 438 36.78 -31.55 -8.78
CA LYS B 438 38.14 -32.06 -8.99
C LYS B 438 38.27 -32.74 -10.35
N GLY B 439 37.18 -33.33 -10.86
CA GLY B 439 37.22 -33.94 -12.18
C GLY B 439 37.15 -32.98 -13.33
N LEU B 440 36.76 -31.72 -13.07
CA LEU B 440 36.63 -30.70 -14.09
C LEU B 440 37.97 -30.07 -14.48
N VAL B 441 39.06 -30.40 -13.80
CA VAL B 441 40.36 -29.82 -14.08
C VAL B 441 41.30 -30.88 -14.62
N ASN B 442 42.04 -30.52 -15.67
CA ASN B 442 43.00 -31.41 -16.34
C ASN B 442 42.37 -32.76 -16.69
N ASN B 443 41.20 -32.68 -17.31
CA ASN B 443 40.45 -33.86 -17.74
C ASN B 443 40.62 -33.97 -19.26
N LYS B 444 41.45 -34.92 -19.70
CA LYS B 444 41.70 -35.06 -21.13
C LYS B 444 40.42 -35.38 -21.91
N ASP B 445 39.52 -36.18 -21.33
CA ASP B 445 38.26 -36.49 -22.01
C ASP B 445 37.43 -35.23 -22.21
N LEU B 446 37.38 -34.38 -21.19
CA LEU B 446 36.73 -33.09 -21.31
C LEU B 446 37.44 -32.23 -22.35
N ASP B 447 38.77 -32.23 -22.32
CA ASP B 447 39.53 -31.47 -23.31
C ASP B 447 39.20 -31.94 -24.72
N GLN B 448 39.10 -33.25 -24.92
CA GLN B 448 38.77 -33.79 -26.24
C GLN B 448 37.36 -33.37 -26.66
N LEU B 449 36.38 -33.53 -25.77
CA LEU B 449 35.02 -33.12 -26.09
C LEU B 449 34.97 -31.63 -26.44
N LYS B 450 35.52 -30.77 -25.59
CA LYS B 450 35.53 -29.34 -25.85
C LYS B 450 36.10 -29.01 -27.23
N ALA B 451 37.22 -29.65 -27.58
CA ALA B 451 37.83 -29.40 -28.89
C ALA B 451 36.95 -29.90 -30.03
N ASP B 452 36.26 -31.03 -29.84
CA ASP B 452 35.37 -31.52 -30.88
C ASP B 452 34.15 -30.60 -31.00
N VAL B 453 33.68 -30.07 -29.87
CA VAL B 453 32.59 -29.10 -29.88
C VAL B 453 33.00 -27.85 -30.67
N GLU B 454 34.22 -27.36 -30.43
CA GLU B 454 34.63 -26.10 -31.04
C GLU B 454 34.89 -26.26 -32.54
N LYS B 455 35.48 -27.39 -32.94
CA LYS B 455 35.65 -27.65 -34.38
C LYS B 455 34.30 -27.76 -35.07
N PHE B 456 33.32 -28.39 -34.41
CA PHE B 456 31.96 -28.41 -34.94
C PHE B 456 31.42 -27.00 -35.10
N SER B 457 31.45 -26.19 -34.04
CA SER B 457 30.84 -24.87 -34.13
C SER B 457 31.58 -24.00 -35.14
N ALA B 458 32.91 -24.07 -35.16
CA ALA B 458 33.69 -23.24 -36.06
C ALA B 458 33.26 -23.38 -37.52
N SER B 459 32.74 -24.55 -37.90
CA SER B 459 32.48 -24.84 -39.30
C SER B 459 31.19 -24.22 -39.84
N TYR B 460 30.48 -23.41 -39.06
CA TYR B 460 29.24 -22.79 -39.53
C TYR B 460 29.41 -21.28 -39.63
N GLU B 461 28.62 -20.68 -40.51
CA GLU B 461 28.62 -19.23 -40.64
C GLU B 461 28.13 -18.56 -39.35
N MET B 462 28.45 -17.27 -39.22
CA MET B 462 28.09 -16.47 -38.05
C MET B 462 27.50 -15.13 -38.49
N PRO B 463 26.24 -14.86 -38.17
CA PRO B 463 25.69 -13.54 -38.46
C PRO B 463 26.24 -12.50 -37.50
N GLY B 464 26.30 -11.25 -37.98
CA GLY B 464 26.62 -10.10 -37.14
C GLY B 464 28.01 -9.55 -37.36
N PHE B 465 28.97 -10.40 -37.74
CA PHE B 465 30.31 -9.94 -38.07
C PHE B 465 30.93 -10.95 -39.02
N LEU B 466 32.13 -10.64 -39.49
CA LEU B 466 32.86 -11.48 -40.43
C LEU B 466 33.95 -12.22 -39.68
N MET B 467 33.77 -13.53 -39.51
CA MET B 467 34.81 -14.36 -38.90
C MET B 467 36.14 -14.24 -39.63
N SER B 468 36.12 -14.04 -40.94
CA SER B 468 37.38 -13.87 -41.66
C SER B 468 38.15 -12.65 -41.19
N GLU B 469 37.49 -11.69 -40.54
CA GLU B 469 38.13 -10.46 -40.12
C GLU B 469 38.39 -10.38 -38.64
N MET B 470 37.91 -11.35 -37.86
CA MET B 470 38.03 -11.29 -36.41
C MET B 470 39.48 -11.49 -35.97
N LYS B 471 39.79 -10.98 -34.78
CA LYS B 471 41.16 -11.02 -34.29
C LYS B 471 41.62 -12.43 -33.94
N TYR B 472 40.75 -13.23 -33.31
CA TYR B 472 41.13 -14.56 -32.83
C TYR B 472 40.40 -15.61 -33.67
N LYS B 473 41.07 -16.13 -34.70
CA LYS B 473 40.46 -17.19 -35.48
C LYS B 473 40.81 -18.57 -34.95
N ASP B 474 41.96 -18.70 -34.31
CA ASP B 474 42.43 -19.98 -33.79
C ASP B 474 41.77 -20.30 -32.46
N ALA C 3 -28.27 31.34 35.55
CA ALA C 3 -29.19 30.72 36.51
C ALA C 3 -29.45 29.23 36.21
N MET C 4 -28.46 28.37 36.47
CA MET C 4 -28.50 26.99 36.00
C MET C 4 -29.64 26.19 36.64
N GLU C 5 -30.18 25.25 35.86
CA GLU C 5 -31.21 24.35 36.34
C GLU C 5 -30.66 23.46 37.45
N PRO C 6 -31.45 23.16 38.49
CA PRO C 6 -30.93 22.35 39.61
C PRO C 6 -30.44 20.97 39.16
N VAL C 7 -29.36 20.51 39.80
CA VAL C 7 -28.72 19.26 39.38
C VAL C 7 -29.70 18.11 39.42
N SER C 8 -30.56 18.07 40.44
CA SER C 8 -31.45 16.94 40.64
C SER C 8 -32.50 16.84 39.55
N SER C 9 -32.94 17.96 38.98
CA SER C 9 -34.01 17.90 37.98
C SER C 9 -33.56 17.16 36.73
N TRP C 10 -32.43 17.55 36.13
CA TRP C 10 -31.95 16.87 34.93
C TRP C 10 -31.06 15.67 35.24
N GLY C 11 -30.36 15.68 36.39
CA GLY C 11 -29.31 14.72 36.62
C GLY C 11 -29.64 13.51 37.47
N ASN C 12 -30.66 13.60 38.31
CA ASN C 12 -31.04 12.49 39.17
C ASN C 12 -32.44 11.98 38.89
N THR C 13 -33.23 12.69 38.10
CA THR C 13 -34.57 12.22 37.77
C THR C 13 -34.48 10.96 36.92
N SER C 14 -35.43 10.05 37.15
CA SER C 14 -35.38 8.75 36.51
C SER C 14 -35.73 8.84 35.02
N LEU C 15 -35.41 7.76 34.30
CA LEU C 15 -35.63 7.72 32.86
C LEU C 15 -37.11 7.90 32.51
N VAL C 16 -38.00 7.29 33.30
CA VAL C 16 -39.41 7.26 32.90
C VAL C 16 -39.99 8.67 32.82
N SER C 17 -39.60 9.57 33.73
CA SER C 17 -40.11 10.93 33.62
C SER C 17 -39.25 11.82 32.72
N VAL C 18 -37.95 11.55 32.61
CA VAL C 18 -37.09 12.38 31.77
C VAL C 18 -37.39 12.13 30.29
N ASP C 19 -37.54 10.87 29.87
CA ASP C 19 -37.66 10.50 28.45
C ASP C 19 -38.69 9.39 28.28
N PRO C 20 -39.97 9.69 28.49
CA PRO C 20 -41.00 8.65 28.38
C PRO C 20 -41.02 7.96 27.03
N GLU C 21 -40.68 8.68 25.96
CA GLU C 21 -40.56 8.05 24.65
C GLU C 21 -39.56 6.91 24.67
N ILE C 22 -38.30 7.18 25.06
CA ILE C 22 -37.29 6.13 25.08
C ILE C 22 -37.65 5.06 26.11
N HIS C 23 -38.20 5.47 27.24
CA HIS C 23 -38.56 4.49 28.27
C HIS C 23 -39.60 3.51 27.74
N ASP C 24 -40.62 4.03 27.06
CA ASP C 24 -41.65 3.17 26.49
C ASP C 24 -41.08 2.20 25.48
N LEU C 25 -40.20 2.68 24.59
CA LEU C 25 -39.64 1.79 23.59
C LEU C 25 -38.80 0.69 24.23
N ILE C 26 -38.11 0.97 25.34
CA ILE C 26 -37.35 -0.11 25.97
C ILE C 26 -38.31 -1.12 26.58
N GLU C 27 -39.44 -0.65 27.13
CA GLU C 27 -40.43 -1.58 27.68
C GLU C 27 -41.04 -2.43 26.58
N LYS C 28 -41.23 -1.85 25.39
CA LYS C 28 -41.69 -2.66 24.26
C LYS C 28 -40.66 -3.69 23.85
N GLU C 29 -39.38 -3.31 23.85
CA GLU C 29 -38.32 -4.25 23.49
C GLU C 29 -38.10 -5.31 24.57
N LYS C 30 -38.32 -4.96 25.85
CA LYS C 30 -38.33 -5.98 26.90
C LYS C 30 -39.43 -7.02 26.62
N ARG C 31 -40.65 -6.55 26.36
CA ARG C 31 -41.73 -7.48 26.07
C ARG C 31 -41.41 -8.35 24.85
N ARG C 32 -40.84 -7.75 23.81
CA ARG C 32 -40.53 -8.53 22.62
C ARG C 32 -39.53 -9.64 22.95
N GLN C 33 -38.59 -9.37 23.85
CA GLN C 33 -37.55 -10.35 24.14
C GLN C 33 -38.09 -11.61 24.81
N CYS C 34 -39.18 -11.52 25.58
CA CYS C 34 -39.72 -12.71 26.24
C CYS C 34 -40.97 -13.30 25.59
N ARG C 35 -41.51 -12.68 24.55
CA ARG C 35 -42.72 -13.20 23.92
C ARG C 35 -42.45 -14.02 22.66
N GLY C 36 -41.19 -14.19 22.28
CA GLY C 36 -40.86 -14.97 21.09
C GLY C 36 -39.83 -16.04 21.41
N ILE C 37 -39.44 -16.75 20.34
CA ILE C 37 -38.45 -17.81 20.44
C ILE C 37 -37.19 -17.28 19.75
N GLU C 38 -36.20 -16.89 20.56
CA GLU C 38 -34.98 -16.27 20.04
C GLU C 38 -33.97 -17.36 19.70
N LEU C 39 -33.71 -17.54 18.40
CA LEU C 39 -32.83 -18.59 17.92
C LEU C 39 -31.61 -18.07 17.18
N ILE C 40 -31.41 -16.74 17.15
CA ILE C 40 -30.18 -16.16 16.62
C ILE C 40 -29.01 -16.69 17.44
N ALA C 41 -28.09 -17.42 16.79
CA ALA C 41 -27.04 -18.11 17.52
C ALA C 41 -26.09 -17.15 18.23
N SER C 42 -26.06 -15.89 17.83
CA SER C 42 -25.13 -14.92 18.38
C SER C 42 -25.74 -14.13 19.52
N GLU C 43 -26.99 -14.39 19.88
CA GLU C 43 -27.70 -13.63 20.90
C GLU C 43 -27.79 -14.42 22.21
N ASN C 44 -27.92 -13.67 23.30
CA ASN C 44 -28.07 -14.25 24.61
C ASN C 44 -28.83 -13.27 25.48
N PHE C 45 -29.19 -13.70 26.68
CA PHE C 45 -29.83 -12.84 27.68
C PHE C 45 -28.90 -12.78 28.88
N THR C 46 -28.31 -11.63 29.12
CA THR C 46 -27.33 -11.46 30.17
C THR C 46 -28.02 -11.14 31.49
N SER C 47 -27.26 -11.17 32.58
CA SER C 47 -27.83 -11.10 33.92
C SER C 47 -28.11 -9.65 34.35
N PHE C 48 -29.04 -9.52 35.29
CA PHE C 48 -29.30 -8.21 35.87
C PHE C 48 -28.04 -7.63 36.52
N ALA C 49 -27.22 -8.48 37.14
CA ALA C 49 -25.97 -8.03 37.74
C ALA C 49 -25.03 -7.40 36.71
N VAL C 50 -24.89 -8.04 35.53
CA VAL C 50 -24.10 -7.44 34.46
C VAL C 50 -24.70 -6.11 34.05
N ILE C 51 -26.02 -6.07 33.91
CA ILE C 51 -26.70 -4.86 33.44
C ILE C 51 -26.53 -3.71 34.44
N GLU C 52 -26.51 -4.03 35.75
CA GLU C 52 -26.34 -2.98 36.74
C GLU C 52 -24.94 -2.37 36.68
N ALA C 53 -23.91 -3.20 36.45
CA ALA C 53 -22.55 -2.69 36.28
C ALA C 53 -22.43 -1.91 34.98
N LEU C 54 -23.09 -2.40 33.93
CA LEU C 54 -23.08 -1.72 32.65
C LEU C 54 -23.70 -0.32 32.75
N GLY C 55 -24.77 -0.18 33.53
CA GLY C 55 -25.43 1.09 33.70
C GLY C 55 -25.01 1.73 35.00
N SER C 56 -23.78 2.23 35.05
CA SER C 56 -23.23 2.72 36.31
C SER C 56 -22.34 3.91 36.03
N ALA C 57 -21.83 4.48 37.13
CA ALA C 57 -20.99 5.67 37.06
C ALA C 57 -19.64 5.41 36.43
N LEU C 58 -19.31 4.14 36.11
CA LEU C 58 -18.06 3.86 35.40
C LEU C 58 -18.01 4.53 34.03
N THR C 59 -19.17 4.84 33.45
CA THR C 59 -19.19 5.49 32.15
C THR C 59 -18.53 6.88 32.17
N ASN C 60 -18.37 7.50 33.34
CA ASN C 60 -17.86 8.86 33.44
C ASN C 60 -16.35 8.97 33.33
N LYS C 61 -15.61 7.87 33.50
CA LYS C 61 -14.16 7.93 33.67
C LYS C 61 -13.42 7.79 32.35
N TYR C 62 -12.52 8.72 32.06
CA TYR C 62 -11.50 8.56 31.04
C TYR C 62 -10.26 7.93 31.68
N SER C 63 -9.79 6.81 31.12
CA SER C 63 -8.67 6.06 31.70
C SER C 63 -7.75 5.48 30.62
N GLU C 64 -7.32 6.32 29.68
CA GLU C 64 -6.44 5.84 28.62
C GLU C 64 -5.15 5.26 29.19
N GLY C 65 -4.71 4.15 28.59
CA GLY C 65 -3.56 3.40 29.08
C GLY C 65 -3.95 2.02 29.56
N ILE C 66 -3.14 1.44 30.42
CA ILE C 66 -3.43 0.15 31.06
C ILE C 66 -3.20 0.33 32.56
N PRO C 67 -3.73 -0.58 33.40
CA PRO C 67 -3.51 -0.46 34.84
C PRO C 67 -2.03 -0.27 35.16
N GLY C 68 -1.76 0.62 36.12
CA GLY C 68 -0.41 0.93 36.50
C GLY C 68 0.41 1.68 35.46
N ASN C 69 -0.08 1.81 34.23
CA ASN C 69 0.60 2.57 33.19
C ASN C 69 -0.42 3.43 32.45
N ARG C 70 -1.07 4.32 33.20
CA ARG C 70 -2.09 5.20 32.67
C ARG C 70 -1.49 6.52 32.21
N TYR C 71 -2.24 7.22 31.36
CA TYR C 71 -1.81 8.53 30.89
C TYR C 71 -2.11 9.63 31.89
N TYR C 72 -3.04 9.42 32.82
CA TYR C 72 -3.38 10.46 33.80
C TYR C 72 -4.03 9.82 35.02
N GLY C 73 -4.62 10.65 35.87
CA GLY C 73 -4.96 10.27 37.23
C GLY C 73 -6.42 9.85 37.41
N GLY C 74 -6.81 9.71 38.68
CA GLY C 74 -8.14 9.26 39.06
C GLY C 74 -8.44 7.79 38.84
N ASN C 75 -7.44 6.98 38.52
CA ASN C 75 -7.65 5.61 38.09
C ASN C 75 -7.43 4.57 39.19
N GLU C 76 -7.47 4.97 40.47
CA GLU C 76 -7.16 3.99 41.52
C GLU C 76 -8.12 2.82 41.47
N PHE C 77 -9.42 3.09 41.38
CA PHE C 77 -10.37 2.00 41.35
C PHE C 77 -10.65 1.48 39.95
N ILE C 78 -10.49 2.31 38.91
CA ILE C 78 -10.56 1.78 37.55
C ILE C 78 -9.49 0.72 37.34
N ASP C 79 -8.30 0.93 37.88
CA ASP C 79 -7.23 -0.07 37.77
C ASP C 79 -7.61 -1.37 38.46
N GLU C 80 -8.14 -1.27 39.69
CA GLU C 80 -8.54 -2.48 40.39
C GLU C 80 -9.61 -3.25 39.63
N ILE C 81 -10.53 -2.53 39.00
CA ILE C 81 -11.58 -3.18 38.24
C ILE C 81 -11.00 -3.86 37.00
N GLU C 82 -10.18 -3.12 36.23
CA GLU C 82 -9.63 -3.71 35.01
C GLU C 82 -8.67 -4.85 35.34
N ASN C 83 -7.89 -4.72 36.42
CA ASN C 83 -7.01 -5.82 36.81
C ASN C 83 -7.83 -7.06 37.13
N LEU C 84 -8.92 -6.86 37.87
CA LEU C 84 -9.81 -7.94 38.24
C LEU C 84 -10.45 -8.57 37.01
N CYS C 85 -10.84 -7.74 36.05
CA CYS C 85 -11.41 -8.26 34.81
C CYS C 85 -10.41 -9.15 34.07
N ARG C 86 -9.15 -8.66 33.94
CA ARG C 86 -8.14 -9.43 33.22
C ARG C 86 -7.83 -10.74 33.92
N SER C 87 -7.68 -10.72 35.25
CA SER C 87 -7.33 -11.94 35.94
C SER C 87 -8.51 -12.91 36.00
N ARG C 88 -9.73 -12.41 36.08
CA ARG C 88 -10.89 -13.30 35.96
C ARG C 88 -11.01 -13.84 34.54
N ALA C 89 -10.59 -13.07 33.55
CA ALA C 89 -10.61 -13.56 32.18
C ALA C 89 -9.67 -14.73 32.00
N LEU C 90 -8.42 -14.59 32.47
CA LEU C 90 -7.46 -15.67 32.37
C LEU C 90 -7.93 -16.89 33.15
N GLU C 91 -8.52 -16.68 34.33
CA GLU C 91 -9.04 -17.78 35.12
C GLU C 91 -10.16 -18.50 34.38
N ALA C 92 -11.12 -17.74 33.85
CA ALA C 92 -12.27 -18.38 33.21
C ALA C 92 -11.84 -19.28 32.06
N PHE C 93 -10.73 -18.97 31.39
CA PHE C 93 -10.26 -19.78 30.27
C PHE C 93 -9.00 -20.60 30.61
N HIS C 94 -8.67 -20.72 31.90
CA HIS C 94 -7.71 -21.71 32.39
C HIS C 94 -6.31 -21.44 31.85
N CYS C 95 -5.95 -20.16 31.83
CA CYS C 95 -4.64 -19.72 31.36
C CYS C 95 -3.69 -19.53 32.53
N ASP C 96 -2.49 -20.07 32.40
CA ASP C 96 -1.41 -19.69 33.31
C ASP C 96 -1.04 -18.24 33.00
N PRO C 97 -1.12 -17.32 33.96
CA PRO C 97 -0.82 -15.91 33.66
C PRO C 97 0.63 -15.67 33.28
N ALA C 98 1.54 -16.58 33.62
CA ALA C 98 2.91 -16.46 33.16
C ALA C 98 3.03 -16.75 31.67
N ALA C 99 2.08 -17.50 31.11
CA ALA C 99 2.10 -17.86 29.70
C ALA C 99 1.09 -17.09 28.85
N TRP C 100 0.09 -16.45 29.47
CA TRP C 100 -0.96 -15.75 28.75
C TRP C 100 -1.25 -14.42 29.39
N GLY C 101 -1.49 -13.41 28.55
CA GLY C 101 -2.04 -12.14 28.98
C GLY C 101 -3.30 -11.83 28.19
N VAL C 102 -4.00 -10.77 28.60
CA VAL C 102 -5.25 -10.40 27.94
C VAL C 102 -5.47 -8.90 28.05
N ASN C 103 -5.97 -8.32 26.96
CA ASN C 103 -6.39 -6.93 26.88
C ASN C 103 -7.91 -6.93 26.81
N VAL C 104 -8.56 -6.29 27.79
CA VAL C 104 -10.01 -6.32 27.92
C VAL C 104 -10.67 -5.03 27.41
N GLN C 105 -9.91 -4.13 26.78
CA GLN C 105 -10.47 -2.86 26.34
C GLN C 105 -11.16 -2.82 24.97
N PRO C 106 -11.05 -3.83 24.08
CA PRO C 106 -11.76 -3.72 22.79
C PRO C 106 -13.24 -3.43 22.99
N TYR C 107 -13.77 -2.48 22.23
CA TYR C 107 -15.18 -2.11 22.44
C TYR C 107 -16.13 -3.23 22.05
N SER C 108 -15.76 -4.04 21.07
CA SER C 108 -16.60 -5.15 20.65
C SER C 108 -15.71 -6.19 19.95
N GLY C 109 -16.33 -7.10 19.21
CA GLY C 109 -15.59 -8.18 18.59
C GLY C 109 -14.85 -7.77 17.34
N SER C 110 -15.51 -6.99 16.47
CA SER C 110 -14.82 -6.47 15.31
C SER C 110 -13.70 -5.51 15.69
N PRO C 111 -13.83 -4.66 16.72
CA PRO C 111 -12.65 -3.90 17.18
C PRO C 111 -11.54 -4.78 17.70
N ALA C 112 -11.87 -5.86 18.42
CA ALA C 112 -10.83 -6.76 18.88
C ALA C 112 -10.07 -7.39 17.71
N ASN C 113 -10.80 -7.85 16.70
CA ASN C 113 -10.13 -8.49 15.57
C ASN C 113 -9.25 -7.50 14.83
N PHE C 114 -9.76 -6.30 14.57
CA PHE C 114 -8.95 -5.35 13.82
C PHE C 114 -7.75 -4.88 14.61
N ALA C 115 -7.87 -4.83 15.94
CA ALA C 115 -6.72 -4.49 16.78
C ALA C 115 -5.66 -5.57 16.71
N ALA C 116 -6.08 -6.84 16.86
CA ALA C 116 -5.15 -7.94 16.73
C ALA C 116 -4.41 -7.88 15.40
N TYR C 117 -5.13 -7.65 14.29
CA TYR C 117 -4.46 -7.60 12.99
C TYR C 117 -3.47 -6.47 12.93
N THR C 118 -3.86 -5.30 13.44
CA THR C 118 -2.98 -4.14 13.43
C THR C 118 -1.72 -4.39 14.24
N ALA C 119 -1.84 -5.11 15.36
CA ALA C 119 -0.70 -5.41 16.20
C ALA C 119 0.24 -6.41 15.53
N LEU C 120 -0.29 -7.37 14.79
CA LEU C 120 0.49 -8.50 14.30
C LEU C 120 1.01 -8.30 12.88
N LEU C 121 0.42 -7.40 12.10
CA LEU C 121 0.64 -7.33 10.67
C LEU C 121 0.88 -5.90 10.21
N GLN C 122 1.59 -5.78 9.12
CA GLN C 122 1.73 -4.55 8.36
C GLN C 122 0.59 -4.43 7.35
N PRO C 123 0.27 -3.21 6.91
CA PRO C 123 -0.78 -3.06 5.90
C PRO C 123 -0.47 -3.91 4.68
N HIS C 124 -1.52 -4.53 4.12
CA HIS C 124 -1.47 -5.37 2.92
C HIS C 124 -0.87 -6.75 3.18
N ASP C 125 -0.46 -7.06 4.42
CA ASP C 125 -0.06 -8.43 4.74
C ASP C 125 -1.21 -9.39 4.47
N ARG C 126 -0.87 -10.66 4.21
CA ARG C 126 -1.85 -11.66 3.82
C ARG C 126 -2.49 -12.35 5.01
N ILE C 127 -3.80 -12.55 4.93
CA ILE C 127 -4.62 -13.17 5.95
C ILE C 127 -5.49 -14.23 5.30
N MET C 128 -5.70 -15.35 5.99
CA MET C 128 -6.67 -16.35 5.54
C MET C 128 -7.67 -16.62 6.67
N GLY C 129 -8.96 -16.67 6.32
CA GLY C 129 -9.98 -17.01 7.28
C GLY C 129 -11.07 -17.84 6.63
N LEU C 130 -11.94 -18.40 7.48
CA LEU C 130 -13.03 -19.21 6.98
C LEU C 130 -13.95 -18.38 6.10
N ASP C 131 -14.26 -18.92 4.90
CA ASP C 131 -15.15 -18.25 3.96
C ASP C 131 -16.50 -17.97 4.61
N LEU C 132 -17.05 -16.79 4.36
CA LEU C 132 -18.39 -16.47 4.88
C LEU C 132 -19.44 -17.50 4.48
N PRO C 133 -19.63 -17.86 3.21
CA PRO C 133 -20.60 -18.92 2.88
C PRO C 133 -20.25 -20.29 3.48
N SER C 134 -19.02 -20.48 3.96
CA SER C 134 -18.64 -21.71 4.63
C SER C 134 -18.78 -21.61 6.14
N GLY C 135 -19.33 -20.50 6.64
CA GLY C 135 -19.61 -20.33 8.04
C GLY C 135 -18.72 -19.32 8.74
N GLY C 136 -17.83 -18.65 8.00
CA GLY C 136 -16.92 -17.68 8.60
C GLY C 136 -17.62 -16.37 8.94
N HIS C 137 -16.80 -15.37 9.21
CA HIS C 137 -17.30 -14.07 9.59
C HIS C 137 -16.62 -12.97 8.78
N LEU C 138 -17.38 -11.89 8.55
CA LEU C 138 -16.90 -10.76 7.76
C LEU C 138 -15.50 -10.32 8.19
N THR C 139 -15.26 -10.22 9.51
CA THR C 139 -14.03 -9.63 10.01
C THR C 139 -12.80 -10.48 9.72
N HIS C 140 -12.99 -11.71 9.24
CA HIS C 140 -11.88 -12.56 8.81
C HIS C 140 -11.55 -12.37 7.34
N GLY C 141 -12.24 -11.46 6.67
CA GLY C 141 -12.02 -11.16 5.27
C GLY C 141 -13.27 -11.38 4.46
N TYR C 142 -13.55 -10.47 3.54
CA TYR C 142 -14.61 -10.75 2.59
C TYR C 142 -14.54 -9.79 1.42
N TYR C 143 -14.39 -10.32 0.22
CA TYR C 143 -14.56 -9.57 -1.01
C TYR C 143 -15.48 -10.35 -1.94
N THR C 144 -16.16 -9.63 -2.83
CA THR C 144 -17.19 -10.17 -3.68
C THR C 144 -16.57 -10.72 -4.96
N SER C 145 -17.39 -11.47 -5.71
CA SER C 145 -16.95 -11.95 -7.01
C SER C 145 -16.56 -10.80 -7.91
N GLY C 146 -17.17 -9.63 -7.73
CA GLY C 146 -16.82 -8.48 -8.55
C GLY C 146 -15.52 -7.81 -8.15
N GLY C 147 -14.98 -8.16 -6.99
CA GLY C 147 -13.79 -7.52 -6.47
C GLY C 147 -14.05 -6.44 -5.45
N LYS C 148 -15.31 -6.17 -5.12
CA LYS C 148 -15.60 -5.18 -4.10
C LYS C 148 -15.11 -5.68 -2.74
N LYS C 149 -14.31 -4.87 -2.08
CA LYS C 149 -13.78 -5.21 -0.76
C LYS C 149 -14.79 -4.79 0.30
N ILE C 150 -15.34 -5.76 1.02
CA ILE C 150 -16.45 -5.55 1.92
C ILE C 150 -15.99 -5.33 3.36
N SER C 151 -15.12 -6.20 3.85
CA SER C 151 -14.57 -6.02 5.18
C SER C 151 -13.37 -5.09 5.14
N ALA C 152 -13.20 -4.31 6.21
CA ALA C 152 -11.97 -3.56 6.40
C ALA C 152 -10.77 -4.50 6.43
N THR C 153 -10.97 -5.72 6.91
CA THR C 153 -9.93 -6.73 6.82
C THR C 153 -9.41 -6.86 5.40
N SER C 154 -10.32 -6.90 4.42
CA SER C 154 -9.94 -7.02 3.01
C SER C 154 -9.57 -5.68 2.40
N ILE C 155 -10.02 -4.57 2.98
CA ILE C 155 -9.56 -3.27 2.53
C ILE C 155 -8.09 -3.06 2.88
N TYR C 156 -7.74 -3.25 4.16
CA TYR C 156 -6.41 -2.88 4.64
C TYR C 156 -5.42 -4.04 4.65
N PHE C 157 -5.88 -5.27 4.49
CA PHE C 157 -5.01 -6.42 4.38
C PHE C 157 -5.41 -7.20 3.11
N GLU C 158 -4.67 -8.27 2.81
CA GLU C 158 -4.94 -9.12 1.64
C GLU C 158 -5.48 -10.45 2.13
N SER C 159 -6.77 -10.70 1.94
CA SER C 159 -7.37 -11.90 2.48
C SER C 159 -7.66 -12.92 1.39
N LEU C 160 -7.64 -14.19 1.78
CA LEU C 160 -8.09 -15.27 0.93
C LEU C 160 -8.80 -16.29 1.82
N PRO C 161 -10.04 -16.64 1.51
CA PRO C 161 -10.79 -17.56 2.38
C PRO C 161 -10.51 -19.02 2.09
N TYR C 162 -10.74 -19.86 3.10
CA TYR C 162 -10.81 -21.30 2.93
C TYR C 162 -12.23 -21.78 3.19
N LYS C 163 -12.56 -22.96 2.66
CA LYS C 163 -13.95 -23.40 2.53
C LYS C 163 -14.18 -24.73 3.24
N VAL C 164 -15.46 -25.03 3.46
CA VAL C 164 -15.83 -26.39 3.85
C VAL C 164 -15.89 -27.28 2.62
N ASN C 165 -15.85 -28.59 2.85
CA ASN C 165 -16.20 -29.57 1.83
C ASN C 165 -17.65 -29.39 1.39
N PHE C 166 -17.85 -29.17 0.09
CA PHE C 166 -19.17 -28.89 -0.47
C PHE C 166 -20.11 -30.09 -0.39
N THR C 167 -19.57 -31.28 -0.14
CA THR C 167 -20.35 -32.50 0.01
C THR C 167 -20.67 -32.81 1.46
N THR C 168 -19.69 -32.69 2.35
CA THR C 168 -19.86 -33.14 3.72
C THR C 168 -20.09 -32.01 4.71
N GLY C 169 -19.81 -30.76 4.33
CA GLY C 169 -19.99 -29.65 5.24
C GLY C 169 -18.89 -29.44 6.26
N TYR C 170 -17.90 -30.33 6.33
CA TYR C 170 -16.74 -30.19 7.21
C TYR C 170 -15.65 -29.35 6.55
N ILE C 171 -14.91 -28.59 7.37
CA ILE C 171 -13.75 -27.86 6.87
C ILE C 171 -12.85 -28.82 6.09
N ASP C 172 -12.47 -28.41 4.87
CA ASP C 172 -11.54 -29.19 4.05
C ASP C 172 -10.13 -28.78 4.43
N TYR C 173 -9.53 -29.53 5.36
CA TYR C 173 -8.22 -29.14 5.89
C TYR C 173 -7.11 -29.33 4.85
N ASP C 174 -7.23 -30.31 3.97
CA ASP C 174 -6.19 -30.49 2.95
C ASP C 174 -6.23 -29.36 1.92
N LYS C 175 -7.43 -28.91 1.51
CA LYS C 175 -7.51 -27.74 0.64
C LYS C 175 -6.94 -26.50 1.32
N LEU C 176 -7.18 -26.36 2.64
CA LEU C 176 -6.64 -25.21 3.36
C LEU C 176 -5.11 -25.21 3.33
N GLU C 177 -4.51 -26.37 3.61
CA GLU C 177 -3.05 -26.47 3.56
C GLU C 177 -2.54 -26.16 2.16
N GLU C 178 -3.22 -26.68 1.14
CA GLU C 178 -2.81 -26.39 -0.23
C GLU C 178 -2.83 -24.90 -0.49
N LYS C 179 -3.93 -24.24 -0.10
CA LYS C 179 -4.04 -22.80 -0.36
C LYS C 179 -3.03 -22.01 0.45
N ALA C 180 -2.85 -22.36 1.72
CA ALA C 180 -1.90 -21.64 2.57
C ALA C 180 -0.48 -21.75 2.03
N LEU C 181 -0.11 -22.93 1.50
CA LEU C 181 1.21 -23.11 0.91
C LEU C 181 1.40 -22.24 -0.33
N ASP C 182 0.33 -22.04 -1.10
CA ASP C 182 0.39 -21.17 -2.28
C ASP C 182 0.37 -19.69 -1.91
N PHE C 183 -0.55 -19.31 -1.03
CA PHE C 183 -0.83 -17.92 -0.68
C PHE C 183 0.21 -17.35 0.28
N ARG C 184 0.71 -18.16 1.21
CA ARG C 184 1.63 -17.79 2.28
C ARG C 184 1.05 -16.64 3.10
N PRO C 185 -0.03 -16.89 3.84
CA PRO C 185 -0.52 -15.86 4.77
C PRO C 185 0.46 -15.64 5.90
N LYS C 186 0.55 -14.39 6.36
CA LYS C 186 1.24 -14.12 7.61
C LYS C 186 0.38 -14.44 8.81
N LEU C 187 -0.93 -14.50 8.63
CA LEU C 187 -1.87 -14.76 9.71
C LEU C 187 -2.93 -15.72 9.21
N LEU C 188 -3.08 -16.84 9.92
CA LEU C 188 -4.12 -17.81 9.62
C LEU C 188 -5.12 -17.77 10.75
N ILE C 189 -6.40 -17.59 10.41
CA ILE C 189 -7.45 -17.40 11.40
C ILE C 189 -8.35 -18.63 11.40
N CYS C 190 -8.68 -19.12 12.61
CA CYS C 190 -9.67 -20.18 12.77
C CYS C 190 -10.79 -19.67 13.66
N GLY C 191 -11.92 -20.36 13.60
CA GLY C 191 -13.14 -19.93 14.26
C GLY C 191 -14.16 -19.41 13.25
N GLY C 192 -15.42 -19.43 13.65
CA GLY C 192 -16.46 -18.97 12.74
C GLY C 192 -17.77 -18.62 13.41
N SER C 193 -18.76 -18.34 12.56
CA SER C 193 -20.08 -17.87 12.96
C SER C 193 -21.20 -18.87 12.71
N ALA C 194 -21.06 -19.77 11.75
CA ALA C 194 -22.16 -20.68 11.41
C ALA C 194 -21.62 -22.07 11.08
N TYR C 195 -20.66 -22.56 11.86
CA TYR C 195 -20.06 -23.87 11.64
C TYR C 195 -20.47 -24.81 12.75
N PRO C 196 -21.15 -25.95 12.46
CA PRO C 196 -21.71 -26.76 13.54
C PRO C 196 -20.76 -27.81 14.13
N ARG C 197 -19.44 -27.69 13.97
CA ARG C 197 -18.53 -28.69 14.50
C ARG C 197 -17.40 -28.02 15.26
N ASP C 198 -16.72 -28.81 16.09
CA ASP C 198 -15.54 -28.28 16.77
C ASP C 198 -14.38 -28.19 15.77
N TRP C 199 -13.24 -27.64 16.23
CA TRP C 199 -12.12 -27.29 15.38
C TRP C 199 -10.90 -28.13 15.75
N ASP C 200 -10.13 -28.50 14.73
CA ASP C 200 -8.89 -29.24 14.93
C ASP C 200 -7.74 -28.23 14.96
N TYR C 201 -7.53 -27.67 16.16
CA TYR C 201 -6.50 -26.65 16.35
C TYR C 201 -5.11 -27.21 16.15
N ALA C 202 -4.91 -28.48 16.52
CA ALA C 202 -3.63 -29.12 16.29
C ALA C 202 -3.29 -29.12 14.81
N ARG C 203 -4.28 -29.40 13.97
CA ARG C 203 -4.03 -29.39 12.53
C ARG C 203 -3.82 -27.97 12.02
N PHE C 204 -4.58 -26.99 12.54
CA PHE C 204 -4.31 -25.61 12.18
C PHE C 204 -2.89 -25.21 12.55
N ARG C 205 -2.42 -25.64 13.73
CA ARG C 205 -1.04 -25.40 14.14
C ARG C 205 -0.04 -26.07 13.20
N ALA C 206 -0.30 -27.34 12.85
CA ALA C 206 0.56 -28.00 11.87
C ALA C 206 0.59 -27.22 10.55
N ILE C 207 -0.58 -26.70 10.13
CA ILE C 207 -0.61 -25.93 8.90
C ILE C 207 0.10 -24.59 9.08
N ALA C 208 -0.15 -23.90 10.20
CA ALA C 208 0.49 -22.60 10.40
C ALA C 208 2.01 -22.74 10.41
N ASP C 209 2.54 -23.75 11.10
CA ASP C 209 3.98 -23.96 11.16
C ASP C 209 4.57 -24.32 9.79
N LYS C 210 3.83 -25.05 8.95
CA LYS C 210 4.33 -25.40 7.62
C LYS C 210 4.55 -24.18 6.75
N VAL C 211 3.68 -23.18 6.88
CA VAL C 211 3.77 -21.98 6.04
C VAL C 211 4.39 -20.80 6.78
N GLY C 212 4.77 -20.97 8.05
CA GLY C 212 5.35 -19.88 8.80
C GLY C 212 4.36 -18.81 9.22
N ALA C 213 3.11 -19.17 9.47
CA ALA C 213 2.04 -18.23 9.78
C ALA C 213 1.80 -18.12 11.27
N LEU C 214 1.29 -16.96 11.69
CA LEU C 214 0.70 -16.83 13.01
C LEU C 214 -0.69 -17.43 13.02
N LEU C 215 -1.10 -17.95 14.16
CA LEU C 215 -2.36 -18.68 14.28
C LEU C 215 -3.22 -18.00 15.35
N LEU C 216 -4.34 -17.45 14.91
CA LEU C 216 -5.30 -16.77 15.77
C LEU C 216 -6.62 -17.53 15.74
N CYS C 217 -7.25 -17.69 16.90
CA CYS C 217 -8.61 -18.21 16.99
C CYS C 217 -9.56 -17.10 17.37
N ASP C 218 -10.62 -16.94 16.59
CA ASP C 218 -11.74 -16.07 16.95
C ASP C 218 -12.82 -16.98 17.53
N MET C 219 -12.85 -17.09 18.85
CA MET C 219 -13.76 -18.01 19.52
C MET C 219 -15.08 -17.35 19.98
N ALA C 220 -15.48 -16.24 19.34
CA ALA C 220 -16.64 -15.47 19.78
C ALA C 220 -17.87 -16.34 20.03
N HIS C 221 -18.27 -17.15 19.06
CA HIS C 221 -19.54 -17.87 19.21
C HIS C 221 -19.48 -18.92 20.29
N ILE C 222 -18.31 -19.53 20.48
CA ILE C 222 -18.18 -20.65 21.39
C ILE C 222 -17.47 -20.25 22.68
N SER C 223 -17.33 -18.94 22.93
CA SER C 223 -16.56 -18.47 24.08
C SER C 223 -17.00 -19.16 25.37
N GLY C 224 -18.31 -19.32 25.55
CA GLY C 224 -18.80 -19.95 26.77
C GLY C 224 -18.49 -21.43 26.82
N LEU C 225 -18.61 -22.12 25.67
CA LEU C 225 -18.33 -23.54 25.67
C LEU C 225 -16.87 -23.79 26.02
N VAL C 226 -15.97 -22.95 25.53
CA VAL C 226 -14.55 -23.18 25.78
C VAL C 226 -14.21 -22.93 27.25
N ALA C 227 -14.71 -21.82 27.82
CA ALA C 227 -14.50 -21.53 29.23
C ALA C 227 -15.01 -22.69 30.09
N ALA C 228 -16.20 -23.20 29.76
CA ALA C 228 -16.78 -24.34 30.47
C ALA C 228 -16.11 -25.66 30.13
N GLN C 229 -15.06 -25.66 29.30
CA GLN C 229 -14.35 -26.89 28.93
C GLN C 229 -15.30 -27.88 28.23
N GLU C 230 -16.21 -27.33 27.43
CA GLU C 230 -17.18 -28.09 26.63
C GLU C 230 -16.89 -27.99 25.13
N ALA C 231 -15.68 -27.58 24.77
CA ALA C 231 -15.23 -27.46 23.39
C ALA C 231 -13.72 -27.53 23.44
N ALA C 232 -13.11 -27.88 22.32
CA ALA C 232 -11.66 -27.97 22.29
C ALA C 232 -11.07 -26.61 22.68
N ASN C 233 -9.88 -26.65 23.27
CA ASN C 233 -9.25 -25.44 23.78
C ASN C 233 -8.32 -24.84 22.73
N PRO C 234 -8.68 -23.72 22.09
CA PRO C 234 -7.76 -23.09 21.15
C PRO C 234 -6.47 -22.59 21.81
N PHE C 235 -6.49 -22.36 23.12
CA PHE C 235 -5.30 -21.83 23.77
C PHE C 235 -4.13 -22.82 23.74
N GLU C 236 -4.39 -24.12 23.61
CA GLU C 236 -3.28 -25.06 23.55
C GLU C 236 -2.47 -24.95 22.26
N TYR C 237 -2.98 -24.25 21.25
CA TYR C 237 -2.35 -24.28 19.93
C TYR C 237 -2.17 -22.92 19.26
N CYS C 238 -2.98 -21.92 19.61
CA CYS C 238 -2.97 -20.65 18.90
C CYS C 238 -2.08 -19.64 19.61
N ASP C 239 -1.52 -18.71 18.81
CA ASP C 239 -0.74 -17.60 19.38
C ASP C 239 -1.64 -16.57 20.05
N VAL C 240 -2.80 -16.30 19.44
CA VAL C 240 -3.70 -15.24 19.87
C VAL C 240 -5.14 -15.78 19.81
N VAL C 241 -5.95 -15.41 20.79
CA VAL C 241 -7.37 -15.75 20.80
C VAL C 241 -8.14 -14.46 21.01
N THR C 242 -8.97 -14.10 20.04
CA THR C 242 -9.91 -13.02 20.23
C THR C 242 -11.30 -13.59 20.49
N THR C 243 -12.18 -12.72 21.00
CA THR C 243 -13.54 -13.13 21.30
C THR C 243 -14.39 -11.90 21.56
N THR C 244 -15.70 -12.10 21.45
CA THR C 244 -16.68 -11.22 22.03
C THR C 244 -17.07 -11.78 23.40
N THR C 245 -17.88 -11.02 24.12
CA THR C 245 -18.32 -11.47 25.43
C THR C 245 -19.84 -11.55 25.56
N HIS C 246 -20.60 -11.22 24.51
CA HIS C 246 -22.06 -11.16 24.59
C HIS C 246 -22.76 -12.36 23.96
N LYS C 247 -22.01 -13.36 23.50
CA LYS C 247 -22.66 -14.51 22.88
C LYS C 247 -22.80 -15.62 23.90
N SER C 248 -22.26 -16.82 23.62
CA SER C 248 -22.38 -17.92 24.57
C SER C 248 -21.74 -17.60 25.93
N LEU C 249 -20.83 -16.62 25.99
CA LEU C 249 -20.25 -16.23 27.27
C LEU C 249 -21.25 -15.48 28.14
N ARG C 250 -22.31 -14.94 27.54
CA ARG C 250 -23.46 -14.40 28.26
C ARG C 250 -23.09 -13.16 29.10
N GLY C 251 -22.24 -12.29 28.55
CA GLY C 251 -21.86 -11.07 29.23
C GLY C 251 -22.30 -9.81 28.50
N PRO C 252 -21.62 -8.69 28.77
CA PRO C 252 -21.86 -7.47 28.00
C PRO C 252 -21.27 -7.58 26.59
N ARG C 253 -21.65 -6.62 25.74
CA ARG C 253 -21.04 -6.49 24.42
C ARG C 253 -19.69 -5.83 24.59
N ALA C 254 -18.62 -6.59 24.33
CA ALA C 254 -17.24 -6.16 24.43
C ALA C 254 -16.42 -7.25 23.77
N GLY C 255 -15.12 -6.97 23.61
CA GLY C 255 -14.20 -7.95 23.07
C GLY C 255 -12.96 -8.08 23.95
N MET C 256 -12.25 -9.19 23.76
CA MET C 256 -11.00 -9.45 24.46
C MET C 256 -9.97 -9.97 23.48
N ILE C 257 -8.69 -9.71 23.77
CA ILE C 257 -7.58 -10.26 23.00
C ILE C 257 -6.65 -10.95 23.98
N PHE C 258 -6.58 -12.28 23.91
CA PHE C 258 -5.57 -13.06 24.63
C PHE C 258 -4.35 -13.25 23.74
N TYR C 259 -3.17 -13.31 24.38
CA TYR C 259 -1.93 -13.46 23.63
C TYR C 259 -0.93 -14.24 24.48
N ARG C 260 -0.03 -14.96 23.81
CA ARG C 260 0.95 -15.74 24.55
C ARG C 260 2.05 -14.85 25.13
N LYS C 261 2.58 -15.29 26.27
CA LYS C 261 3.69 -14.61 26.94
C LYS C 261 4.71 -15.67 27.34
N GLY C 262 5.94 -15.22 27.55
CA GLY C 262 6.97 -16.07 28.11
C GLY C 262 7.66 -16.91 27.06
N PRO C 263 8.32 -17.98 27.50
CA PRO C 263 9.17 -18.76 26.59
C PRO C 263 8.38 -19.38 25.44
N LYS C 264 8.96 -19.30 24.24
CA LYS C 264 8.40 -19.99 23.10
C LYS C 264 8.74 -21.48 23.17
N PRO C 265 7.86 -22.35 22.69
CA PRO C 265 8.19 -23.77 22.58
C PRO C 265 9.24 -23.98 21.51
N PRO C 266 9.93 -25.13 21.51
CA PRO C 266 10.96 -25.36 20.51
C PRO C 266 10.40 -25.38 19.10
N LYS C 267 11.12 -24.73 18.19
CA LYS C 267 10.84 -24.78 16.76
C LYS C 267 12.17 -24.67 16.03
N LYS C 268 12.28 -25.35 14.90
CA LYS C 268 13.50 -25.26 14.11
C LYS C 268 13.67 -23.85 13.58
N GLY C 269 14.92 -23.36 13.60
CA GLY C 269 15.21 -22.00 13.22
C GLY C 269 14.88 -20.95 14.26
N GLN C 270 14.55 -21.37 15.48
CA GLN C 270 14.17 -20.47 16.57
C GLN C 270 15.28 -20.42 17.61
N PRO C 271 15.75 -19.24 18.00
CA PRO C 271 16.84 -19.16 18.99
C PRO C 271 16.39 -19.73 20.33
N GLU C 272 17.31 -20.45 20.98
CA GLU C 272 17.06 -20.94 22.33
C GLU C 272 16.75 -19.78 23.26
N GLY C 273 15.78 -19.97 24.14
CA GLY C 273 15.36 -18.93 25.05
C GLY C 273 14.52 -17.82 24.43
N ALA C 274 14.15 -17.93 23.16
CA ALA C 274 13.30 -16.93 22.55
C ALA C 274 11.99 -16.84 23.31
N VAL C 275 11.46 -15.62 23.43
CA VAL C 275 10.23 -15.41 24.19
C VAL C 275 9.22 -14.73 23.29
N TYR C 276 7.95 -14.91 23.65
CA TYR C 276 6.88 -14.27 22.89
C TYR C 276 6.95 -12.76 23.04
N ASP C 277 6.52 -12.07 21.99
CA ASP C 277 6.55 -10.61 21.90
C ASP C 277 5.21 -10.08 21.42
N PHE C 278 4.12 -10.59 21.98
CA PHE C 278 2.80 -10.14 21.56
C PHE C 278 2.28 -9.00 22.41
N GLU C 279 2.63 -8.97 23.69
CA GLU C 279 1.90 -8.15 24.65
C GLU C 279 1.99 -6.68 24.31
N ASP C 280 3.21 -6.17 24.09
CA ASP C 280 3.36 -4.75 23.82
C ASP C 280 2.73 -4.38 22.48
N LYS C 281 2.85 -5.25 21.47
CA LYS C 281 2.23 -4.96 20.18
C LYS C 281 0.71 -4.86 20.29
N ILE C 282 0.09 -5.82 20.99
CA ILE C 282 -1.37 -5.84 21.05
C ILE C 282 -1.88 -4.69 21.92
N ASN C 283 -1.22 -4.42 23.04
CA ASN C 283 -1.65 -3.29 23.85
C ASN C 283 -1.58 -2.00 23.05
N PHE C 284 -0.47 -1.81 22.32
CA PHE C 284 -0.24 -0.56 21.62
C PHE C 284 -1.23 -0.38 20.47
N ALA C 285 -1.60 -1.47 19.79
CA ALA C 285 -2.58 -1.37 18.73
C ALA C 285 -3.94 -0.94 19.28
N VAL C 286 -4.37 -1.55 20.38
CA VAL C 286 -5.64 -1.15 21.01
C VAL C 286 -5.62 0.31 21.43
N PHE C 287 -4.56 0.71 22.14
CA PHE C 287 -4.39 2.08 22.54
C PHE C 287 -2.89 2.28 22.63
N PRO C 288 -2.33 3.34 22.03
CA PRO C 288 -3.06 4.48 21.46
C PRO C 288 -3.41 4.39 19.96
N ALA C 289 -3.14 3.27 19.30
CA ALA C 289 -3.21 3.28 17.83
C ALA C 289 -4.64 3.37 17.34
N LEU C 290 -5.54 2.55 17.87
CA LEU C 290 -6.91 2.42 17.33
C LEU C 290 -7.98 3.06 18.18
N GLN C 291 -8.01 2.79 19.49
CA GLN C 291 -9.09 3.27 20.34
C GLN C 291 -8.64 4.48 21.17
N GLY C 292 -9.62 5.10 21.80
CA GLY C 292 -9.39 6.17 22.75
C GLY C 292 -9.60 5.66 24.15
N GLY C 293 -10.50 6.28 24.90
CA GLY C 293 -10.77 5.83 26.25
C GLY C 293 -11.50 4.51 26.28
N PRO C 294 -11.11 3.63 27.19
CA PRO C 294 -11.87 2.39 27.41
C PRO C 294 -13.27 2.70 27.92
N HIS C 295 -14.17 1.76 27.69
CA HIS C 295 -15.54 1.90 28.20
C HIS C 295 -15.60 1.13 29.52
N ASN C 296 -15.29 1.83 30.61
CA ASN C 296 -15.09 1.18 31.90
C ASN C 296 -16.37 0.52 32.41
N HIS C 297 -17.54 1.02 31.98
CA HIS C 297 -18.77 0.33 32.37
C HIS C 297 -18.87 -1.04 31.72
N GLN C 298 -18.40 -1.17 30.47
CA GLN C 298 -18.33 -2.50 29.83
C GLN C 298 -17.33 -3.40 30.55
N ILE C 299 -16.16 -2.84 30.87
CA ILE C 299 -15.14 -3.63 31.56
C ILE C 299 -15.64 -4.08 32.90
N GLY C 300 -16.29 -3.17 33.64
CA GLY C 300 -16.92 -3.56 34.89
C GLY C 300 -17.98 -4.63 34.70
N ALA C 301 -18.87 -4.45 33.72
CA ALA C 301 -19.87 -5.49 33.46
C ALA C 301 -19.20 -6.79 33.02
N LEU C 302 -18.07 -6.70 32.32
CA LEU C 302 -17.38 -7.91 31.88
C LEU C 302 -16.79 -8.68 33.06
N ALA C 303 -16.17 -7.98 34.02
CA ALA C 303 -15.65 -8.68 35.19
C ALA C 303 -16.76 -9.49 35.87
N VAL C 304 -17.99 -8.97 35.88
CA VAL C 304 -19.10 -9.69 36.49
C VAL C 304 -19.41 -10.96 35.70
N ALA C 305 -19.57 -10.85 34.39
CA ALA C 305 -19.89 -12.00 33.55
C ALA C 305 -18.82 -13.08 33.64
N LEU C 306 -17.56 -12.68 33.73
CA LEU C 306 -16.46 -13.64 33.84
C LEU C 306 -16.50 -14.39 35.16
N LYS C 307 -16.87 -13.71 36.25
CA LYS C 307 -17.07 -14.41 37.50
C LYS C 307 -18.21 -15.41 37.39
N GLN C 308 -19.33 -14.98 36.81
CA GLN C 308 -20.49 -15.87 36.66
C GLN C 308 -20.18 -17.05 35.75
N ALA C 309 -19.27 -16.86 34.79
CA ALA C 309 -18.96 -17.95 33.85
C ALA C 309 -18.04 -18.99 34.47
N ASN C 310 -17.23 -18.60 35.46
CA ASN C 310 -16.31 -19.55 36.07
C ASN C 310 -16.95 -20.23 37.28
N THR C 311 -18.12 -20.82 37.10
CA THR C 311 -18.87 -21.45 38.17
C THR C 311 -19.28 -22.86 37.75
N PRO C 312 -19.60 -23.73 38.72
CA PRO C 312 -20.21 -25.02 38.35
C PRO C 312 -21.55 -24.83 37.66
N GLY C 313 -22.32 -23.83 38.08
CA GLY C 313 -23.59 -23.56 37.43
C GLY C 313 -23.44 -23.23 35.95
N PHE C 314 -22.46 -22.39 35.62
CA PHE C 314 -22.31 -22.01 34.23
C PHE C 314 -21.86 -23.19 33.37
N LYS C 315 -21.10 -24.13 33.94
CA LYS C 315 -20.71 -25.32 33.18
C LYS C 315 -21.90 -26.20 32.87
N VAL C 316 -22.81 -26.39 33.84
CA VAL C 316 -24.06 -27.09 33.56
C VAL C 316 -24.81 -26.41 32.42
N TYR C 317 -24.83 -25.07 32.43
CA TYR C 317 -25.48 -24.33 31.35
C TYR C 317 -24.84 -24.63 30.00
N ALA C 318 -23.50 -24.67 29.93
CA ALA C 318 -22.86 -24.93 28.65
C ALA C 318 -23.13 -26.36 28.15
N LYS C 319 -23.19 -27.32 29.08
CA LYS C 319 -23.59 -28.67 28.70
C LYS C 319 -25.02 -28.69 28.19
N GLN C 320 -25.90 -27.91 28.84
CA GLN C 320 -27.30 -27.90 28.43
C GLN C 320 -27.46 -27.27 27.05
N VAL C 321 -26.66 -26.23 26.77
CA VAL C 321 -26.68 -25.59 25.45
C VAL C 321 -26.41 -26.62 24.36
N LYS C 322 -25.33 -27.40 24.51
CA LYS C 322 -24.98 -28.42 23.52
C LYS C 322 -26.05 -29.51 23.46
N ALA C 323 -26.55 -29.93 24.62
CA ALA C 323 -27.59 -30.96 24.65
C ALA C 323 -28.87 -30.47 24.00
N ASN C 324 -29.17 -29.17 24.15
CA ASN C 324 -30.36 -28.64 23.50
C ASN C 324 -30.17 -28.55 21.99
N ALA C 325 -28.99 -28.11 21.54
CA ALA C 325 -28.71 -28.09 20.11
C ALA C 325 -28.78 -29.49 19.52
N VAL C 326 -28.30 -30.49 20.28
CA VAL C 326 -28.34 -31.86 19.77
C VAL C 326 -29.78 -32.38 19.74
N ALA C 327 -30.56 -32.09 20.79
CA ALA C 327 -31.95 -32.53 20.81
C ALA C 327 -32.77 -31.88 19.69
N LEU C 328 -32.46 -30.62 19.36
CA LEU C 328 -33.15 -29.98 18.25
C LEU C 328 -32.75 -30.60 16.92
N GLY C 329 -31.44 -30.84 16.73
CA GLY C 329 -30.98 -31.44 15.49
C GLY C 329 -31.49 -32.86 15.30
N ASN C 330 -31.50 -33.66 16.36
CA ASN C 330 -32.03 -35.00 16.25
C ASN C 330 -33.54 -35.01 16.11
N TYR C 331 -34.21 -33.95 16.52
CA TYR C 331 -35.66 -33.86 16.28
C TYR C 331 -35.92 -33.59 14.79
N LEU C 332 -35.22 -32.63 14.23
CA LEU C 332 -35.45 -32.31 12.82
C LEU C 332 -35.08 -33.49 11.91
N MET C 333 -33.93 -34.13 12.17
CA MET C 333 -33.56 -35.31 11.39
C MET C 333 -34.59 -36.43 11.55
N SER C 334 -35.22 -36.53 12.73
CA SER C 334 -36.26 -37.54 12.88
C SER C 334 -37.50 -37.22 12.07
N LYS C 335 -37.61 -35.99 11.57
CA LYS C 335 -38.82 -35.57 10.83
C LYS C 335 -38.59 -35.52 9.33
N GLY C 336 -37.41 -35.91 8.87
CA GLY C 336 -37.08 -35.92 7.47
C GLY C 336 -36.21 -34.75 7.04
N TYR C 337 -36.11 -33.72 7.87
CA TYR C 337 -35.29 -32.57 7.55
C TYR C 337 -33.81 -32.94 7.61
N GLN C 338 -32.98 -32.16 6.94
CA GLN C 338 -31.55 -32.41 6.86
C GLN C 338 -30.79 -31.24 7.45
N ILE C 339 -29.82 -31.54 8.32
CA ILE C 339 -28.90 -30.55 8.86
C ILE C 339 -27.50 -30.84 8.35
N VAL C 340 -26.72 -29.76 8.19
CA VAL C 340 -25.37 -29.89 7.65
C VAL C 340 -24.48 -30.65 8.62
N THR C 341 -23.74 -31.64 8.11
CA THR C 341 -22.93 -32.60 8.85
C THR C 341 -23.77 -33.54 9.71
N ASN C 342 -25.11 -33.50 9.57
CA ASN C 342 -26.00 -34.47 10.20
C ASN C 342 -25.87 -34.47 11.72
N GLY C 343 -25.66 -33.31 12.30
CA GLY C 343 -25.50 -33.20 13.74
C GLY C 343 -24.81 -31.91 14.11
N THR C 344 -24.39 -31.86 15.38
CA THR C 344 -23.64 -30.71 15.87
C THR C 344 -22.82 -31.11 17.09
N GLU C 345 -21.71 -30.40 17.28
CA GLU C 345 -20.87 -30.52 18.46
C GLU C 345 -20.84 -29.22 19.26
N ASN C 346 -21.64 -28.23 18.89
CA ASN C 346 -21.65 -26.95 19.61
C ASN C 346 -23.08 -26.46 19.84
N HIS C 347 -23.25 -25.15 19.84
CA HIS C 347 -24.45 -24.47 20.29
C HIS C 347 -25.48 -24.24 19.19
N LEU C 348 -25.19 -24.64 17.94
CA LEU C 348 -26.03 -24.26 16.82
C LEU C 348 -26.26 -25.44 15.88
N VAL C 349 -27.34 -25.34 15.10
CA VAL C 349 -27.63 -26.27 14.01
C VAL C 349 -27.75 -25.48 12.71
N LEU C 350 -27.28 -26.09 11.63
CA LEU C 350 -27.36 -25.54 10.28
C LEU C 350 -28.35 -26.39 9.49
N TRP C 351 -29.48 -25.82 9.14
CA TRP C 351 -30.59 -26.54 8.53
C TRP C 351 -30.54 -26.37 7.01
N ASP C 352 -30.42 -27.47 6.28
CA ASP C 352 -30.46 -27.44 4.82
C ASP C 352 -31.93 -27.44 4.37
N LEU C 353 -32.35 -26.34 3.73
CA LEU C 353 -33.72 -26.18 3.26
C LEU C 353 -33.92 -26.58 1.81
N ARG C 354 -32.83 -26.78 1.07
CA ARG C 354 -32.95 -27.07 -0.36
C ARG C 354 -33.71 -28.36 -0.68
N PRO C 355 -33.57 -29.46 0.06
CA PRO C 355 -34.41 -30.64 -0.22
C PRO C 355 -35.90 -30.35 -0.15
N LEU C 356 -36.31 -29.32 0.59
CA LEU C 356 -37.70 -28.92 0.65
C LEU C 356 -38.10 -28.04 -0.52
N GLY C 357 -37.15 -27.66 -1.38
CA GLY C 357 -37.44 -26.67 -2.39
C GLY C 357 -37.70 -25.28 -1.82
N LEU C 358 -37.20 -25.00 -0.62
CA LEU C 358 -37.33 -23.70 0.02
C LEU C 358 -36.00 -22.97 0.02
N THR C 359 -36.10 -21.67 0.26
CA THR C 359 -34.94 -20.81 0.51
C THR C 359 -34.95 -20.36 1.97
N GLY C 360 -33.76 -20.01 2.48
CA GLY C 360 -33.67 -19.49 3.83
C GLY C 360 -34.35 -18.15 4.01
N ASN C 361 -34.53 -17.38 2.92
CA ASN C 361 -35.19 -16.08 3.01
C ASN C 361 -36.67 -16.24 3.32
N LYS C 362 -37.34 -17.18 2.65
CA LYS C 362 -38.76 -17.41 2.92
C LYS C 362 -38.99 -17.85 4.37
N VAL C 363 -38.11 -18.70 4.88
CA VAL C 363 -38.30 -19.25 6.22
C VAL C 363 -38.02 -18.19 7.29
N GLU C 364 -36.95 -17.40 7.11
CA GLU C 364 -36.63 -16.36 8.08
C GLU C 364 -37.75 -15.33 8.19
N LYS C 365 -38.37 -14.98 7.05
CA LYS C 365 -39.42 -13.96 7.09
C LYS C 365 -40.71 -14.50 7.67
N LEU C 366 -41.10 -15.73 7.30
CA LEU C 366 -42.29 -16.31 7.90
C LEU C 366 -42.11 -16.51 9.39
N CYS C 367 -40.89 -16.89 9.80
CA CYS C 367 -40.66 -17.11 11.22
C CYS C 367 -40.78 -15.82 12.02
N ASP C 368 -40.29 -14.70 11.46
CA ASP C 368 -40.42 -13.42 12.16
C ASP C 368 -41.89 -13.04 12.35
N LEU C 369 -42.70 -13.25 11.33
CA LEU C 369 -44.13 -12.92 11.40
C LEU C 369 -44.85 -13.70 12.49
N CYS C 370 -44.25 -14.76 13.03
CA CYS C 370 -44.87 -15.51 14.12
C CYS C 370 -43.92 -15.63 15.31
N SER C 371 -42.98 -14.68 15.44
CA SER C 371 -42.18 -14.46 16.65
C SER C 371 -41.08 -15.50 16.85
N ILE C 372 -40.59 -16.09 15.78
CA ILE C 372 -39.39 -16.93 15.81
C ILE C 372 -38.29 -16.17 15.08
N THR C 373 -37.22 -15.85 15.80
CA THR C 373 -36.08 -15.12 15.25
C THR C 373 -34.96 -16.11 14.98
N LEU C 374 -34.66 -16.32 13.70
CA LEU C 374 -33.49 -17.05 13.24
C LEU C 374 -33.01 -16.32 12.00
N ASN C 375 -31.88 -16.75 11.45
CA ASN C 375 -31.40 -16.07 10.25
C ASN C 375 -31.05 -17.06 9.17
N LYS C 376 -31.33 -16.66 7.93
CA LYS C 376 -30.90 -17.39 6.74
C LYS C 376 -29.39 -17.51 6.70
N ASN C 377 -28.92 -18.54 6.00
CA ASN C 377 -27.51 -18.90 6.05
C ASN C 377 -27.18 -19.78 4.86
N ALA C 378 -26.00 -19.57 4.28
CA ALA C 378 -25.56 -20.41 3.19
C ALA C 378 -25.19 -21.79 3.73
N VAL C 379 -25.42 -22.81 2.93
CA VAL C 379 -25.20 -24.20 3.32
C VAL C 379 -24.15 -24.81 2.41
N PHE C 380 -23.27 -25.64 3.01
CA PHE C 380 -22.23 -26.38 2.30
C PHE C 380 -21.27 -25.45 1.55
N GLY C 381 -21.10 -24.23 2.06
CA GLY C 381 -20.18 -23.28 1.44
C GLY C 381 -20.63 -22.69 0.11
N ASP C 382 -21.91 -22.86 -0.26
CA ASP C 382 -22.40 -22.33 -1.53
C ASP C 382 -22.39 -20.80 -1.52
N SER C 383 -21.80 -20.20 -2.57
CA SER C 383 -21.87 -18.77 -2.80
C SER C 383 -22.50 -18.38 -4.13
N SER C 384 -22.55 -19.30 -5.10
CA SER C 384 -23.24 -19.07 -6.35
C SER C 384 -24.74 -18.95 -6.18
N ALA C 385 -25.29 -19.52 -5.11
CA ALA C 385 -26.73 -19.55 -4.91
C ALA C 385 -27.30 -18.12 -4.89
N LEU C 386 -28.41 -17.94 -5.61
CA LEU C 386 -29.11 -16.65 -5.63
C LEU C 386 -29.39 -16.18 -4.21
N ALA C 387 -29.97 -17.06 -3.40
CA ALA C 387 -30.32 -16.80 -2.01
C ALA C 387 -29.77 -17.93 -1.15
N PRO C 388 -29.63 -17.71 0.16
CA PRO C 388 -29.16 -18.80 1.04
C PRO C 388 -30.12 -19.99 1.03
N GLY C 389 -29.54 -21.19 1.03
CA GLY C 389 -30.29 -22.43 1.07
C GLY C 389 -30.58 -22.99 2.44
N GLY C 390 -30.24 -22.27 3.52
CA GLY C 390 -30.57 -22.75 4.85
C GLY C 390 -30.83 -21.65 5.86
N VAL C 391 -31.01 -22.05 7.12
CA VAL C 391 -31.10 -21.12 8.23
C VAL C 391 -30.19 -21.61 9.34
N ARG C 392 -29.77 -20.68 10.19
CA ARG C 392 -28.95 -20.99 11.35
C ARG C 392 -29.81 -20.81 12.59
N ILE C 393 -29.70 -21.77 13.51
CA ILE C 393 -30.48 -21.78 14.74
C ILE C 393 -29.53 -22.03 15.91
N GLY C 394 -29.63 -21.22 16.96
CA GLY C 394 -28.77 -21.34 18.12
C GLY C 394 -29.58 -21.63 19.37
N ALA C 395 -28.94 -22.32 20.31
CA ALA C 395 -29.57 -22.64 21.59
C ALA C 395 -29.21 -21.74 22.79
N PRO C 396 -28.12 -20.94 22.77
CA PRO C 396 -27.76 -20.22 24.02
C PRO C 396 -28.86 -19.36 24.62
N ALA C 397 -29.64 -18.63 23.80
CA ALA C 397 -30.57 -17.65 24.35
C ALA C 397 -31.74 -18.31 25.09
N MET C 398 -32.43 -19.26 24.44
CA MET C 398 -33.55 -19.92 25.11
C MET C 398 -33.08 -20.85 26.21
N THR C 399 -31.87 -21.41 26.09
CA THR C 399 -31.31 -22.18 27.20
C THR C 399 -31.13 -21.31 28.43
N SER C 400 -30.74 -20.04 28.22
CA SER C 400 -30.61 -19.10 29.35
C SER C 400 -31.94 -18.83 30.01
N ARG C 401 -33.04 -19.06 29.32
CA ARG C 401 -34.36 -18.96 29.91
C ARG C 401 -34.80 -20.25 30.59
N GLY C 402 -33.92 -21.24 30.67
CA GLY C 402 -34.19 -22.45 31.41
C GLY C 402 -34.70 -23.62 30.60
N LEU C 403 -34.79 -23.50 29.29
CA LEU C 403 -35.36 -24.59 28.48
C LEU C 403 -34.39 -25.77 28.42
N VAL C 404 -34.91 -26.98 28.65
CA VAL C 404 -34.12 -28.20 28.52
C VAL C 404 -34.48 -28.93 27.21
N GLU C 405 -34.18 -30.23 27.13
CA GLU C 405 -34.27 -30.92 25.84
C GLU C 405 -35.69 -30.96 25.31
N LYS C 406 -36.66 -31.25 26.18
CA LYS C 406 -38.05 -31.37 25.75
C LYS C 406 -38.59 -30.06 25.21
N ASP C 407 -38.12 -28.94 25.74
CA ASP C 407 -38.57 -27.64 25.24
C ASP C 407 -38.01 -27.36 23.86
N PHE C 408 -36.77 -27.79 23.61
CA PHE C 408 -36.20 -27.60 22.29
C PHE C 408 -36.78 -28.57 21.29
N GLU C 409 -37.40 -29.63 21.77
CA GLU C 409 -38.11 -30.60 20.89
C GLU C 409 -39.43 -29.92 20.52
N GLN C 410 -40.02 -29.21 21.47
CA GLN C 410 -41.25 -28.46 21.22
C GLN C 410 -40.90 -27.32 20.26
N ILE C 411 -39.70 -26.75 20.37
CA ILE C 411 -39.26 -25.69 19.42
C ILE C 411 -39.16 -26.31 18.03
N GLY C 412 -38.65 -27.55 17.95
CA GLY C 412 -38.58 -28.29 16.69
C GLY C 412 -39.93 -28.42 16.03
N GLU C 413 -40.98 -28.70 16.81
CA GLU C 413 -42.34 -28.86 16.25
C GLU C 413 -42.82 -27.50 15.75
N PHE C 414 -42.46 -26.45 16.45
CA PHE C 414 -42.84 -25.11 16.00
C PHE C 414 -42.15 -24.79 14.69
N LEU C 415 -40.90 -25.24 14.54
CA LEU C 415 -40.17 -24.97 13.29
C LEU C 415 -40.78 -25.83 12.18
N SER C 416 -41.17 -27.06 12.48
CA SER C 416 -41.85 -27.93 11.49
C SER C 416 -43.10 -27.24 10.98
N ARG C 417 -43.88 -26.70 11.89
CA ARG C 417 -45.13 -26.01 11.52
C ARG C 417 -44.76 -24.82 10.66
N ALA C 418 -43.69 -24.14 11.02
CA ALA C 418 -43.30 -22.97 10.25
C ALA C 418 -42.94 -23.33 8.80
N VAL C 419 -42.11 -24.36 8.62
CA VAL C 419 -41.70 -24.71 7.26
C VAL C 419 -42.84 -25.39 6.51
N THR C 420 -43.71 -26.11 7.21
CA THR C 420 -44.92 -26.62 6.56
C THR C 420 -45.78 -25.47 6.06
N LEU C 421 -46.05 -24.50 6.93
CA LEU C 421 -46.86 -23.35 6.53
C LEU C 421 -46.16 -22.51 5.47
N THR C 422 -44.83 -22.45 5.52
CA THR C 422 -44.08 -21.78 4.46
C THR C 422 -44.31 -22.48 3.12
N LEU C 423 -44.24 -23.81 3.11
CA LEU C 423 -44.48 -24.57 1.90
C LEU C 423 -45.94 -24.44 1.45
N ASP C 424 -46.88 -24.41 2.40
CA ASP C 424 -48.29 -24.17 2.06
C ASP C 424 -48.43 -22.93 1.19
N ILE C 425 -47.76 -21.84 1.59
CA ILE C 425 -47.80 -20.59 0.84
C ILE C 425 -47.13 -20.76 -0.52
N GLN C 426 -46.08 -21.57 -0.60
CA GLN C 426 -45.36 -21.74 -1.86
C GLN C 426 -46.16 -22.55 -2.86
N LYS C 427 -46.94 -23.54 -2.38
CA LYS C 427 -47.82 -24.26 -3.28
C LYS C 427 -48.77 -23.30 -4.00
N THR C 428 -49.40 -22.40 -3.23
CA THR C 428 -50.49 -21.58 -3.74
C THR C 428 -50.05 -20.26 -4.36
N TYR C 429 -48.78 -19.89 -4.25
CA TYR C 429 -48.30 -18.68 -4.88
C TYR C 429 -46.98 -18.82 -5.62
N GLY C 430 -46.37 -20.00 -5.61
CA GLY C 430 -45.12 -20.18 -6.30
C GLY C 430 -43.92 -19.69 -5.50
N LYS C 431 -42.79 -19.60 -6.19
CA LYS C 431 -41.53 -19.23 -5.56
C LYS C 431 -41.17 -17.76 -5.70
N LEU C 432 -41.84 -17.03 -6.59
CA LEU C 432 -41.59 -15.61 -6.74
C LEU C 432 -42.00 -14.88 -5.47
N LEU C 433 -41.07 -14.13 -4.87
CA LEU C 433 -41.34 -13.55 -3.56
C LEU C 433 -42.43 -12.49 -3.61
N LYS C 434 -42.55 -11.76 -4.73
CA LYS C 434 -43.67 -10.85 -4.90
C LYS C 434 -44.99 -11.60 -4.72
N ASP C 435 -45.06 -12.83 -5.23
CA ASP C 435 -46.22 -13.68 -5.04
C ASP C 435 -46.21 -14.34 -3.66
N PHE C 436 -45.03 -14.77 -3.19
CA PHE C 436 -44.95 -15.38 -1.86
C PHE C 436 -45.40 -14.41 -0.78
N ASN C 437 -45.11 -13.12 -0.95
CA ASN C 437 -45.56 -12.10 0.00
C ASN C 437 -47.07 -12.05 0.14
N LYS C 438 -47.81 -12.49 -0.88
CA LYS C 438 -49.27 -12.45 -0.81
C LYS C 438 -49.81 -13.35 0.29
N GLY C 439 -49.13 -14.45 0.58
CA GLY C 439 -49.54 -15.35 1.65
C GLY C 439 -49.21 -14.88 3.05
N LEU C 440 -48.40 -13.84 3.17
CA LEU C 440 -47.96 -13.32 4.46
C LEU C 440 -48.93 -12.29 5.05
N VAL C 441 -50.16 -12.24 4.57
CA VAL C 441 -51.16 -11.30 5.07
C VAL C 441 -52.51 -12.00 5.14
N ASN C 442 -53.24 -11.74 6.23
CA ASN C 442 -54.58 -12.29 6.43
C ASN C 442 -54.55 -13.82 6.40
N ASN C 443 -53.53 -14.40 7.02
CA ASN C 443 -53.27 -15.83 7.03
C ASN C 443 -53.61 -16.37 8.42
N LYS C 444 -54.73 -17.08 8.53
CA LYS C 444 -55.18 -17.57 9.82
C LYS C 444 -54.23 -18.62 10.39
N ASP C 445 -53.69 -19.50 9.54
CA ASP C 445 -52.79 -20.53 10.02
C ASP C 445 -51.54 -19.93 10.67
N LEU C 446 -51.06 -18.82 10.11
CA LEU C 446 -49.92 -18.12 10.70
C LEU C 446 -50.33 -17.40 11.98
N ASP C 447 -51.60 -16.99 12.09
CA ASP C 447 -52.09 -16.42 13.33
C ASP C 447 -52.04 -17.43 14.46
N GLN C 448 -52.51 -18.65 14.20
CA GLN C 448 -52.47 -19.67 15.24
C GLN C 448 -51.04 -19.96 15.67
N LEU C 449 -50.10 -19.95 14.71
CA LEU C 449 -48.71 -20.23 15.04
C LEU C 449 -48.10 -19.11 15.89
N LYS C 450 -48.33 -17.85 15.50
CA LYS C 450 -47.85 -16.74 16.30
C LYS C 450 -48.39 -16.82 17.72
N ALA C 451 -49.66 -17.19 17.87
CA ALA C 451 -50.27 -17.28 19.18
C ALA C 451 -49.64 -18.39 20.02
N ASP C 452 -49.54 -19.58 19.46
CA ASP C 452 -48.95 -20.70 20.19
C ASP C 452 -47.51 -20.40 20.61
N VAL C 453 -46.74 -19.79 19.71
CA VAL C 453 -45.37 -19.45 20.04
C VAL C 453 -45.32 -18.42 21.17
N GLU C 454 -46.19 -17.42 21.13
CA GLU C 454 -46.14 -16.38 22.15
C GLU C 454 -46.56 -16.90 23.51
N LYS C 455 -47.57 -17.77 23.55
CA LYS C 455 -47.92 -18.40 24.83
C LYS C 455 -46.80 -19.31 25.31
N PHE C 456 -46.19 -20.05 24.38
CA PHE C 456 -45.06 -20.90 24.73
C PHE C 456 -43.94 -20.09 25.39
N SER C 457 -43.56 -18.96 24.77
CA SER C 457 -42.44 -18.18 25.28
C SER C 457 -42.74 -17.56 26.62
N ALA C 458 -43.96 -17.03 26.80
CA ALA C 458 -44.32 -16.37 28.04
C ALA C 458 -44.24 -17.30 29.25
N SER C 459 -44.30 -18.61 29.04
CA SER C 459 -44.30 -19.54 30.17
C SER C 459 -42.93 -19.75 30.82
N TYR C 460 -41.89 -19.01 30.39
CA TYR C 460 -40.55 -19.18 30.93
C TYR C 460 -40.07 -17.89 31.59
N GLU C 461 -39.10 -18.03 32.49
CA GLU C 461 -38.51 -16.89 33.15
C GLU C 461 -37.62 -16.10 32.18
N MET C 462 -37.19 -14.93 32.63
CA MET C 462 -36.38 -14.04 31.83
C MET C 462 -35.30 -13.41 32.70
N PRO C 463 -34.03 -13.69 32.43
CA PRO C 463 -32.95 -12.99 33.13
C PRO C 463 -32.82 -11.55 32.65
N GLY C 464 -32.17 -10.73 33.46
CA GLY C 464 -31.90 -9.35 33.09
C GLY C 464 -32.89 -8.36 33.66
N PHE C 465 -34.17 -8.72 33.69
CA PHE C 465 -35.21 -7.89 34.27
C PHE C 465 -36.36 -8.78 34.73
N LEU C 466 -37.31 -8.18 35.45
CA LEU C 466 -38.43 -8.90 36.05
C LEU C 466 -39.67 -8.78 35.15
N MET C 467 -40.08 -9.92 34.59
CA MET C 467 -41.32 -9.93 33.82
C MET C 467 -42.50 -9.45 34.66
N SER C 468 -42.48 -9.73 35.96
CA SER C 468 -43.61 -9.36 36.81
C SER C 468 -43.79 -7.85 36.86
N GLU C 469 -42.71 -7.09 36.69
CA GLU C 469 -42.75 -5.64 36.85
C GLU C 469 -42.72 -4.88 35.53
N MET C 470 -42.68 -5.56 34.39
CA MET C 470 -42.55 -4.84 33.13
C MET C 470 -43.84 -4.08 32.81
N LYS C 471 -43.70 -3.10 31.92
CA LYS C 471 -44.83 -2.23 31.59
C LYS C 471 -45.90 -2.97 30.81
N TYR C 472 -45.49 -3.78 29.83
CA TYR C 472 -46.41 -4.44 28.91
C TYR C 472 -46.48 -5.93 29.23
N LYS C 473 -47.55 -6.33 29.92
CA LYS C 473 -47.80 -7.73 30.27
C LYS C 473 -49.02 -8.28 29.52
N ALA D 3 -28.42 -30.21 37.93
CA ALA D 3 -29.52 -29.34 37.54
C ALA D 3 -29.00 -27.92 37.35
N MET D 4 -29.62 -27.17 36.44
CA MET D 4 -29.14 -25.84 36.14
C MET D 4 -29.44 -24.90 37.30
N GLU D 5 -28.55 -23.95 37.50
CA GLU D 5 -28.84 -22.86 38.41
C GLU D 5 -30.09 -22.14 37.93
N PRO D 6 -31.13 -22.02 38.76
CA PRO D 6 -32.38 -21.39 38.31
C PRO D 6 -32.16 -19.99 37.74
N VAL D 7 -33.00 -19.63 36.78
CA VAL D 7 -32.84 -18.38 36.05
C VAL D 7 -32.77 -17.20 36.99
N SER D 8 -33.62 -17.19 38.02
CA SER D 8 -33.64 -16.06 38.94
C SER D 8 -32.33 -15.97 39.72
N SER D 9 -31.73 -17.11 40.05
CA SER D 9 -30.54 -17.12 40.90
C SER D 9 -29.38 -16.38 40.25
N TRP D 10 -28.99 -16.80 39.04
CA TRP D 10 -27.89 -16.12 38.38
C TRP D 10 -28.34 -14.87 37.65
N GLY D 11 -29.61 -14.79 37.23
CA GLY D 11 -29.97 -13.84 36.19
C GLY D 11 -30.85 -12.67 36.56
N ASN D 12 -31.46 -12.70 37.75
CA ASN D 12 -32.22 -11.58 38.26
C ASN D 12 -31.70 -11.04 39.58
N THR D 13 -30.72 -11.68 40.20
CA THR D 13 -30.18 -11.20 41.47
C THR D 13 -29.35 -9.94 41.24
N SER D 14 -29.37 -9.05 42.22
CA SER D 14 -28.70 -7.77 42.11
C SER D 14 -27.19 -7.94 42.06
N LEU D 15 -26.52 -6.88 41.57
CA LEU D 15 -25.07 -6.88 41.52
C LEU D 15 -24.45 -6.98 42.92
N VAL D 16 -25.08 -6.36 43.93
CA VAL D 16 -24.47 -6.39 45.24
C VAL D 16 -24.34 -7.82 45.76
N SER D 17 -25.28 -8.71 45.39
CA SER D 17 -25.23 -10.09 45.84
C SER D 17 -24.41 -10.99 44.93
N VAL D 18 -24.47 -10.75 43.62
CA VAL D 18 -23.80 -11.62 42.67
C VAL D 18 -22.29 -11.39 42.70
N ASP D 19 -21.87 -10.13 42.79
CA ASP D 19 -20.44 -9.79 42.75
C ASP D 19 -20.17 -8.64 43.71
N PRO D 20 -20.11 -8.93 45.02
CA PRO D 20 -19.83 -7.86 45.99
C PRO D 20 -18.51 -7.16 45.73
N GLU D 21 -17.52 -7.88 45.19
CA GLU D 21 -16.22 -7.29 44.92
C GLU D 21 -16.32 -6.16 43.89
N ILE D 22 -17.02 -6.41 42.78
CA ILE D 22 -17.16 -5.36 41.77
C ILE D 22 -18.08 -4.26 42.27
N HIS D 23 -19.17 -4.62 42.95
CA HIS D 23 -20.07 -3.63 43.51
C HIS D 23 -19.33 -2.68 44.44
N ASP D 24 -18.46 -3.22 45.30
CA ASP D 24 -17.69 -2.38 46.22
C ASP D 24 -16.75 -1.46 45.48
N LEU D 25 -16.15 -1.95 44.39
CA LEU D 25 -15.25 -1.11 43.61
C LEU D 25 -16.00 0.02 42.91
N ILE D 26 -17.21 -0.25 42.43
CA ILE D 26 -17.98 0.82 41.82
C ILE D 26 -18.44 1.83 42.89
N GLU D 27 -18.73 1.35 44.10
CA GLU D 27 -19.05 2.25 45.20
C GLU D 27 -17.86 3.11 45.60
N LYS D 28 -16.65 2.53 45.57
CA LYS D 28 -15.46 3.34 45.83
C LYS D 28 -15.23 4.37 44.72
N GLU D 29 -15.56 4.03 43.48
CA GLU D 29 -15.39 4.97 42.37
C GLU D 29 -16.45 6.07 42.38
N LYS D 30 -17.67 5.76 42.84
CA LYS D 30 -18.70 6.78 43.01
C LYS D 30 -18.29 7.81 44.07
N ARG D 31 -17.66 7.35 45.16
CA ARG D 31 -17.17 8.30 46.15
C ARG D 31 -16.06 9.17 45.55
N ARG D 32 -15.12 8.55 44.83
CA ARG D 32 -14.04 9.31 44.21
C ARG D 32 -14.58 10.43 43.32
N GLN D 33 -15.65 10.15 42.57
CA GLN D 33 -16.16 11.13 41.61
C GLN D 33 -16.79 12.34 42.29
N CYS D 34 -17.35 12.20 43.50
CA CYS D 34 -17.93 13.37 44.17
C CYS D 34 -17.11 13.85 45.35
N ARG D 35 -15.89 13.35 45.52
CA ARG D 35 -15.01 13.83 46.56
C ARG D 35 -13.74 14.45 46.01
N GLY D 36 -13.57 14.46 44.69
CA GLY D 36 -12.42 15.07 44.06
C GLY D 36 -12.83 16.26 43.20
N ILE D 37 -11.83 17.05 42.83
CA ILE D 37 -12.02 18.14 41.88
C ILE D 37 -11.65 17.59 40.50
N GLU D 38 -12.65 17.41 39.65
CA GLU D 38 -12.52 16.66 38.40
C GLU D 38 -12.36 17.64 37.24
N LEU D 39 -11.13 17.76 36.74
CA LEU D 39 -10.78 18.79 35.76
C LEU D 39 -10.36 18.22 34.41
N ILE D 40 -10.47 16.91 34.20
CA ILE D 40 -10.20 16.36 32.88
C ILE D 40 -11.22 16.91 31.89
N ALA D 41 -10.73 17.65 30.90
CA ALA D 41 -11.62 18.42 30.04
C ALA D 41 -12.50 17.54 29.16
N SER D 42 -12.14 16.28 28.99
CA SER D 42 -12.94 15.34 28.21
C SER D 42 -13.92 14.54 29.05
N GLU D 43 -13.95 14.76 30.37
CA GLU D 43 -14.83 14.02 31.25
C GLU D 43 -16.05 14.86 31.60
N ASN D 44 -17.14 14.17 31.92
CA ASN D 44 -18.33 14.84 32.43
C ASN D 44 -19.03 13.88 33.38
N PHE D 45 -20.14 14.35 33.97
CA PHE D 45 -20.97 13.52 34.84
C PHE D 45 -22.33 13.41 34.16
N THR D 46 -22.59 12.28 33.50
CA THR D 46 -23.87 12.14 32.79
C THR D 46 -25.01 11.89 33.79
N SER D 47 -26.22 11.89 33.26
CA SER D 47 -27.41 11.89 34.10
C SER D 47 -27.83 10.47 34.46
N PHE D 48 -28.64 10.37 35.52
CA PHE D 48 -29.23 9.10 35.90
C PHE D 48 -30.09 8.52 34.78
N ALA D 49 -30.82 9.40 34.07
CA ALA D 49 -31.68 8.93 32.97
C ALA D 49 -30.85 8.28 31.87
N VAL D 50 -29.77 8.94 31.43
CA VAL D 50 -28.88 8.31 30.46
C VAL D 50 -28.41 6.95 30.97
N ILE D 51 -28.13 6.86 32.27
CA ILE D 51 -27.56 5.64 32.80
C ILE D 51 -28.60 4.53 32.89
N GLU D 52 -29.86 4.87 33.18
CA GLU D 52 -30.89 3.84 33.16
C GLU D 52 -31.13 3.26 31.77
N ALA D 53 -30.97 4.07 30.72
CA ALA D 53 -31.03 3.49 29.37
C ALA D 53 -29.77 2.71 29.04
N LEU D 54 -28.61 3.19 29.51
CA LEU D 54 -27.35 2.50 29.22
C LEU D 54 -27.34 1.09 29.80
N GLY D 55 -27.87 0.93 31.01
CA GLY D 55 -27.98 -0.37 31.63
C GLY D 55 -29.36 -0.93 31.43
N SER D 56 -29.63 -1.51 30.26
CA SER D 56 -30.96 -2.00 29.98
C SER D 56 -30.89 -3.21 29.06
N ALA D 57 -32.06 -3.81 28.83
CA ALA D 57 -32.16 -4.98 27.98
C ALA D 57 -31.80 -4.69 26.53
N LEU D 58 -31.56 -3.42 26.17
CA LEU D 58 -31.13 -3.10 24.82
C LEU D 58 -29.80 -3.76 24.49
N THR D 59 -29.00 -4.08 25.51
CA THR D 59 -27.71 -4.73 25.26
C THR D 59 -27.87 -6.11 24.61
N ASN D 60 -29.07 -6.70 24.64
CA ASN D 60 -29.25 -8.09 24.20
C ASN D 60 -29.44 -8.28 22.70
N LYS D 61 -29.73 -7.21 21.94
CA LYS D 61 -30.26 -7.38 20.59
C LYS D 61 -29.20 -7.15 19.53
N TYR D 62 -29.06 -8.11 18.61
CA TYR D 62 -28.20 -7.95 17.44
C TYR D 62 -28.99 -7.24 16.34
N SER D 63 -28.41 -6.17 15.79
CA SER D 63 -29.16 -5.35 14.84
C SER D 63 -28.24 -4.76 13.78
N GLU D 64 -27.33 -5.58 13.25
CA GLU D 64 -26.50 -5.15 12.12
C GLU D 64 -27.38 -4.66 10.98
N GLY D 65 -26.92 -3.60 10.31
CA GLY D 65 -27.67 -2.93 9.28
C GLY D 65 -28.01 -1.52 9.71
N ILE D 66 -28.97 -0.90 9.04
CA ILE D 66 -29.49 0.42 9.43
C ILE D 66 -30.99 0.26 9.59
N PRO D 67 -31.68 1.20 10.23
CA PRO D 67 -33.15 1.08 10.38
C PRO D 67 -33.83 0.90 9.04
N GLY D 68 -34.78 -0.04 9.01
CA GLY D 68 -35.45 -0.36 7.77
C GLY D 68 -34.61 -1.16 6.81
N ASN D 69 -33.37 -1.50 7.18
CA ASN D 69 -32.53 -2.34 6.33
C ASN D 69 -31.56 -3.11 7.24
N ARG D 70 -32.11 -4.02 8.02
CA ARG D 70 -31.34 -4.85 8.94
C ARG D 70 -31.16 -6.24 8.34
N TYR D 71 -30.03 -6.87 8.68
CA TYR D 71 -29.79 -8.23 8.20
C TYR D 71 -30.71 -9.23 8.88
N TYR D 72 -31.09 -8.96 10.13
CA TYR D 72 -31.86 -9.87 10.97
C TYR D 72 -33.25 -9.30 11.24
N GLY D 73 -34.17 -10.19 11.62
CA GLY D 73 -35.49 -9.78 12.00
C GLY D 73 -35.57 -9.31 13.45
N GLY D 74 -36.79 -8.95 13.86
CA GLY D 74 -37.05 -8.59 15.24
C GLY D 74 -36.55 -7.23 15.67
N ASN D 75 -36.30 -6.32 14.74
CA ASN D 75 -35.72 -5.02 15.09
C ASN D 75 -36.72 -3.86 15.05
N GLU D 76 -38.04 -4.17 15.09
CA GLU D 76 -39.07 -3.12 15.07
C GLU D 76 -38.76 -1.99 16.04
N PHE D 77 -38.42 -2.32 17.28
CA PHE D 77 -38.27 -1.29 18.29
C PHE D 77 -36.84 -0.73 18.37
N ILE D 78 -35.83 -1.55 18.06
CA ILE D 78 -34.48 -0.99 17.86
C ILE D 78 -34.53 0.11 16.80
N ASP D 79 -35.25 -0.15 15.71
CA ASP D 79 -35.37 0.85 14.63
C ASP D 79 -35.96 2.16 15.14
N GLU D 80 -37.03 2.10 15.93
CA GLU D 80 -37.64 3.34 16.41
C GLU D 80 -36.67 4.12 17.28
N ILE D 81 -35.96 3.41 18.16
CA ILE D 81 -34.97 4.04 19.03
C ILE D 81 -33.85 4.67 18.21
N GLU D 82 -33.27 3.92 17.26
CA GLU D 82 -32.19 4.47 16.46
C GLU D 82 -32.69 5.61 15.57
N ASN D 83 -33.92 5.50 15.06
CA ASN D 83 -34.48 6.61 14.31
C ASN D 83 -34.68 7.83 15.20
N LEU D 84 -35.21 7.62 16.40
CA LEU D 84 -35.35 8.70 17.35
C LEU D 84 -34.00 9.34 17.66
N CYS D 85 -32.97 8.51 17.89
CA CYS D 85 -31.65 9.05 18.20
C CYS D 85 -31.11 9.89 17.04
N ARG D 86 -31.25 9.40 15.80
CA ARG D 86 -30.73 10.15 14.66
C ARG D 86 -31.44 11.49 14.49
N SER D 87 -32.76 11.48 14.59
CA SER D 87 -33.49 12.73 14.37
C SER D 87 -33.26 13.72 15.51
N ARG D 88 -33.11 13.23 16.73
CA ARG D 88 -32.75 14.12 17.83
C ARG D 88 -31.33 14.66 17.67
N ALA D 89 -30.45 13.86 17.05
CA ALA D 89 -29.08 14.31 16.75
C ALA D 89 -29.10 15.47 15.78
N LEU D 90 -29.81 15.34 14.66
CA LEU D 90 -29.96 16.43 13.71
C LEU D 90 -30.61 17.65 14.35
N GLU D 91 -31.65 17.45 15.17
CA GLU D 91 -32.30 18.59 15.82
C GLU D 91 -31.35 19.30 16.78
N ALA D 92 -30.62 18.54 17.60
CA ALA D 92 -29.72 19.16 18.58
C ALA D 92 -28.68 20.07 17.91
N PHE D 93 -28.20 19.69 16.73
CA PHE D 93 -27.21 20.49 16.04
C PHE D 93 -27.79 21.31 14.91
N HIS D 94 -29.13 21.39 14.83
CA HIS D 94 -29.83 22.37 14.02
C HIS D 94 -29.64 22.09 12.52
N CYS D 95 -29.70 20.82 12.16
CA CYS D 95 -29.52 20.40 10.79
C CYS D 95 -30.88 20.13 10.15
N ASP D 96 -31.09 20.71 8.97
CA ASP D 96 -32.19 20.29 8.11
C ASP D 96 -31.94 18.85 7.67
N PRO D 97 -32.84 17.90 7.97
CA PRO D 97 -32.58 16.49 7.60
C PRO D 97 -32.50 16.26 6.11
N ALA D 98 -32.96 17.20 5.30
CA ALA D 98 -32.80 17.08 3.85
C ALA D 98 -31.39 17.41 3.40
N ALA D 99 -30.63 18.11 4.23
CA ALA D 99 -29.27 18.50 3.88
C ALA D 99 -28.22 17.79 4.71
N TRP D 100 -28.62 17.12 5.79
CA TRP D 100 -27.69 16.41 6.66
C TRP D 100 -28.29 15.08 7.08
N GLY D 101 -27.43 14.06 7.17
CA GLY D 101 -27.78 12.82 7.82
C GLY D 101 -26.71 12.47 8.85
N VAL D 102 -26.99 11.49 9.68
CA VAL D 102 -26.10 11.12 10.76
C VAL D 102 -26.13 9.62 10.98
N ASN D 103 -24.97 9.07 11.35
CA ASN D 103 -24.88 7.66 11.75
C ASN D 103 -24.49 7.67 13.21
N VAL D 104 -25.28 6.99 14.05
CA VAL D 104 -25.11 7.07 15.49
C VAL D 104 -24.52 5.78 16.05
N GLN D 105 -24.05 4.90 15.19
CA GLN D 105 -23.54 3.59 15.62
C GLN D 105 -22.09 3.53 16.07
N PRO D 106 -21.20 4.50 15.76
CA PRO D 106 -19.80 4.29 16.16
C PRO D 106 -19.72 4.07 17.65
N TYR D 107 -18.92 3.07 18.03
CA TYR D 107 -18.81 2.73 19.44
C TYR D 107 -18.28 3.89 20.27
N SER D 108 -17.43 4.73 19.69
CA SER D 108 -16.84 5.84 20.42
C SER D 108 -16.28 6.84 19.42
N GLY D 109 -15.45 7.76 19.88
CA GLY D 109 -14.91 8.78 18.99
C GLY D 109 -13.89 8.24 18.02
N SER D 110 -12.90 7.51 18.52
CA SER D 110 -11.90 6.96 17.60
C SER D 110 -12.54 6.06 16.56
N PRO D 111 -13.51 5.19 16.86
CA PRO D 111 -14.20 4.47 15.78
C PRO D 111 -14.91 5.38 14.81
N ALA D 112 -15.52 6.46 15.30
CA ALA D 112 -16.19 7.40 14.39
C ALA D 112 -15.20 7.98 13.41
N ASN D 113 -14.02 8.37 13.90
CA ASN D 113 -13.06 9.01 13.02
C ASN D 113 -12.53 8.02 11.99
N PHE D 114 -12.16 6.81 12.43
CA PHE D 114 -11.62 5.84 11.48
C PHE D 114 -12.67 5.44 10.44
N ALA D 115 -13.94 5.31 10.85
CA ALA D 115 -14.97 4.95 9.86
C ALA D 115 -15.17 6.08 8.87
N ALA D 116 -15.06 7.35 9.32
CA ALA D 116 -15.14 8.46 8.39
C ALA D 116 -13.99 8.42 7.38
N TYR D 117 -12.76 8.20 7.85
CA TYR D 117 -11.63 8.13 6.92
C TYR D 117 -11.82 6.98 5.93
N THR D 118 -12.23 5.83 6.44
CA THR D 118 -12.45 4.66 5.60
C THR D 118 -13.53 4.92 4.56
N ALA D 119 -14.57 5.66 4.95
CA ALA D 119 -15.62 5.99 3.99
C ALA D 119 -15.11 6.96 2.93
N LEU D 120 -14.26 7.91 3.32
CA LEU D 120 -13.90 8.97 2.38
C LEU D 120 -12.60 8.73 1.63
N LEU D 121 -11.71 7.88 2.13
CA LEU D 121 -10.38 7.79 1.55
C LEU D 121 -10.00 6.36 1.22
N GLN D 122 -9.07 6.24 0.26
CA GLN D 122 -8.35 5.02 -0.02
C GLN D 122 -7.17 4.88 0.94
N PRO D 123 -6.75 3.66 1.25
CA PRO D 123 -5.52 3.49 2.02
C PRO D 123 -4.38 4.29 1.42
N HIS D 124 -3.65 4.99 2.28
CA HIS D 124 -2.48 5.83 2.01
C HIS D 124 -2.84 7.21 1.47
N ASP D 125 -4.11 7.58 1.37
CA ASP D 125 -4.42 8.96 1.02
C ASP D 125 -3.90 9.93 2.10
N ARG D 126 -3.69 11.17 1.69
CA ARG D 126 -3.10 12.19 2.55
C ARG D 126 -4.14 12.89 3.42
N ILE D 127 -3.81 13.10 4.69
CA ILE D 127 -4.66 13.75 5.69
C ILE D 127 -3.83 14.80 6.41
N MET D 128 -4.43 15.97 6.69
CA MET D 128 -3.79 16.97 7.56
C MET D 128 -4.67 17.25 8.77
N GLY D 129 -4.03 17.34 9.94
CA GLY D 129 -4.72 17.56 11.20
C GLY D 129 -3.90 18.42 12.15
N LEU D 130 -4.56 18.96 13.16
CA LEU D 130 -3.87 19.85 14.08
C LEU D 130 -2.81 19.07 14.85
N ASP D 131 -1.59 19.60 14.88
CA ASP D 131 -0.47 18.93 15.54
C ASP D 131 -0.74 18.79 17.03
N LEU D 132 -0.32 17.67 17.61
CA LEU D 132 -0.57 17.46 19.04
C LEU D 132 0.00 18.57 19.92
N PRO D 133 1.24 19.01 19.79
CA PRO D 133 1.71 20.12 20.63
C PRO D 133 1.08 21.46 20.32
N SER D 134 0.26 21.56 19.27
CA SER D 134 -0.57 22.74 19.03
C SER D 134 -1.99 22.57 19.56
N GLY D 135 -2.26 21.49 20.29
CA GLY D 135 -3.59 21.24 20.83
C GLY D 135 -4.39 20.18 20.10
N GLY D 136 -3.76 19.38 19.23
CA GLY D 136 -4.48 18.39 18.45
C GLY D 136 -4.62 17.06 19.16
N HIS D 137 -5.24 16.09 18.47
CA HIS D 137 -5.52 14.76 19.01
C HIS D 137 -4.86 13.68 18.17
N LEU D 138 -4.59 12.53 18.81
CA LEU D 138 -3.95 11.41 18.12
C LEU D 138 -4.70 10.98 16.86
N THR D 139 -6.04 10.95 16.90
CA THR D 139 -6.75 10.32 15.80
C THR D 139 -6.73 11.12 14.54
N HIS D 140 -6.18 12.34 14.57
CA HIS D 140 -6.00 13.14 13.38
C HIS D 140 -4.62 12.93 12.76
N GLY D 141 -3.84 12.00 13.29
CA GLY D 141 -2.52 11.63 12.81
C GLY D 141 -1.51 11.95 13.90
N TYR D 142 -0.57 11.04 14.11
CA TYR D 142 0.61 11.35 14.90
C TYR D 142 1.73 10.39 14.54
N TYR D 143 2.92 10.95 14.31
CA TYR D 143 4.14 10.16 14.15
C TYR D 143 5.29 10.92 14.77
N THR D 144 6.26 10.16 15.31
CA THR D 144 7.35 10.75 16.05
C THR D 144 8.45 11.23 15.09
N SER D 145 9.42 11.96 15.65
CA SER D 145 10.56 12.40 14.85
C SER D 145 11.32 11.20 14.28
N GLY D 146 11.50 10.15 15.09
CA GLY D 146 12.13 8.93 14.63
C GLY D 146 11.35 8.17 13.59
N GLY D 147 10.11 8.59 13.33
CA GLY D 147 9.29 7.95 12.32
C GLY D 147 8.33 6.90 12.82
N LYS D 148 8.24 6.70 14.14
CA LYS D 148 7.30 5.73 14.67
C LYS D 148 5.88 6.19 14.41
N LYS D 149 5.09 5.32 13.77
CA LYS D 149 3.70 5.61 13.47
C LYS D 149 2.84 5.27 14.68
N ILE D 150 2.32 6.29 15.34
CA ILE D 150 1.66 6.12 16.62
C ILE D 150 0.16 5.93 16.45
N SER D 151 -0.50 6.80 15.69
CA SER D 151 -1.93 6.62 15.48
C SER D 151 -2.17 5.67 14.31
N ALA D 152 -3.29 4.94 14.38
CA ALA D 152 -3.72 4.15 13.22
C ALA D 152 -3.89 5.02 11.99
N THR D 153 -4.40 6.24 12.19
CA THR D 153 -4.54 7.19 11.10
C THR D 153 -3.24 7.37 10.35
N SER D 154 -2.11 7.39 11.07
CA SER D 154 -0.83 7.54 10.44
C SER D 154 -0.30 6.21 9.90
N ILE D 155 -0.85 5.08 10.37
CA ILE D 155 -0.45 3.78 9.84
C ILE D 155 -1.12 3.52 8.49
N TYR D 156 -2.43 3.69 8.41
CA TYR D 156 -3.17 3.35 7.21
C TYR D 156 -3.34 4.52 6.24
N PHE D 157 -3.06 5.75 6.66
CA PHE D 157 -3.08 6.90 5.77
C PHE D 157 -1.78 7.67 5.94
N GLU D 158 -1.61 8.72 5.15
CA GLU D 158 -0.41 9.55 5.16
C GLU D 158 -0.76 10.91 5.78
N SER D 159 -0.34 11.13 7.01
CA SER D 159 -0.70 12.38 7.68
C SER D 159 0.47 13.36 7.68
N LEU D 160 0.11 14.64 7.87
CA LEU D 160 1.04 15.74 8.04
C LEU D 160 0.30 16.74 8.93
N PRO D 161 0.87 17.13 10.07
CA PRO D 161 0.18 18.05 10.97
C PRO D 161 0.34 19.51 10.54
N TYR D 162 -0.64 20.32 10.95
CA TYR D 162 -0.51 21.77 10.86
C TYR D 162 -0.48 22.36 12.27
N LYS D 163 0.14 23.53 12.37
CA LYS D 163 0.56 24.05 13.65
C LYS D 163 -0.12 25.37 13.97
N VAL D 164 0.01 25.70 15.22
CA VAL D 164 -0.33 27.01 15.74
C VAL D 164 0.82 27.98 15.46
N ASN D 165 0.48 29.25 15.28
CA ASN D 165 1.47 30.30 15.20
C ASN D 165 2.26 30.37 16.50
N PHE D 166 3.59 30.43 16.39
CA PHE D 166 4.41 30.41 17.61
C PHE D 166 4.08 31.59 18.53
N THR D 167 3.98 32.79 17.97
CA THR D 167 3.83 33.99 18.80
C THR D 167 2.45 34.08 19.41
N THR D 168 1.40 33.89 18.60
CA THR D 168 0.05 34.18 19.05
C THR D 168 -0.66 33.00 19.71
N GLY D 169 -0.17 31.77 19.53
CA GLY D 169 -0.90 30.62 20.01
C GLY D 169 -2.16 30.28 19.24
N TYR D 170 -2.52 31.06 18.22
CA TYR D 170 -3.65 30.78 17.34
C TYR D 170 -3.19 30.00 16.10
N ILE D 171 -4.12 29.23 15.53
CA ILE D 171 -3.83 28.46 14.33
C ILE D 171 -3.25 29.36 13.25
N ASP D 172 -2.16 28.91 12.63
CA ASP D 172 -1.47 29.72 11.62
C ASP D 172 -2.04 29.36 10.24
N TYR D 173 -3.07 30.09 9.83
CA TYR D 173 -3.78 29.80 8.59
C TYR D 173 -2.91 30.02 7.35
N ASP D 174 -1.97 30.95 7.41
CA ASP D 174 -1.04 31.10 6.30
C ASP D 174 -0.14 29.88 6.16
N LYS D 175 0.48 29.45 7.27
CA LYS D 175 1.31 28.24 7.22
C LYS D 175 0.48 27.03 6.85
N LEU D 176 -0.76 26.96 7.34
CA LEU D 176 -1.63 25.85 6.96
C LEU D 176 -1.84 25.82 5.45
N GLU D 177 -2.26 26.94 4.87
CA GLU D 177 -2.51 26.99 3.43
C GLU D 177 -1.25 26.60 2.65
N GLU D 178 -0.11 27.20 3.02
CA GLU D 178 1.17 26.84 2.40
C GLU D 178 1.42 25.33 2.44
N LYS D 179 1.20 24.70 3.60
CA LYS D 179 1.47 23.28 3.72
C LYS D 179 0.49 22.45 2.91
N ALA D 180 -0.80 22.80 2.97
CA ALA D 180 -1.81 22.05 2.23
C ALA D 180 -1.60 22.15 0.73
N LEU D 181 -1.10 23.29 0.26
CA LEU D 181 -0.81 23.44 -1.16
C LEU D 181 0.36 22.56 -1.59
N ASP D 182 1.38 22.44 -0.73
CA ASP D 182 2.50 21.55 -1.00
C ASP D 182 2.09 20.09 -0.86
N PHE D 183 1.49 19.75 0.28
CA PHE D 183 1.23 18.36 0.62
C PHE D 183 0.07 17.78 -0.20
N ARG D 184 -0.94 18.60 -0.48
CA ARG D 184 -2.14 18.21 -1.22
C ARG D 184 -2.88 17.09 -0.50
N PRO D 185 -3.42 17.34 0.70
CA PRO D 185 -4.19 16.30 1.39
C PRO D 185 -5.52 16.08 0.69
N LYS D 186 -6.02 14.85 0.78
CA LYS D 186 -7.39 14.64 0.32
C LYS D 186 -8.40 14.92 1.41
N LEU D 187 -7.99 14.89 2.67
CA LEU D 187 -8.87 15.22 3.77
C LEU D 187 -8.15 16.21 4.67
N LEU D 188 -8.80 17.34 4.96
CA LEU D 188 -8.32 18.33 5.92
C LEU D 188 -9.23 18.32 7.15
N ILE D 189 -8.64 18.10 8.32
CA ILE D 189 -9.39 17.95 9.56
C ILE D 189 -9.22 19.21 10.40
N CYS D 190 -10.33 19.69 10.98
CA CYS D 190 -10.30 20.74 11.98
C CYS D 190 -10.94 20.23 13.27
N GLY D 191 -10.67 20.94 14.36
CA GLY D 191 -11.00 20.48 15.68
C GLY D 191 -9.77 19.96 16.43
N GLY D 192 -9.88 19.92 17.76
CA GLY D 192 -8.76 19.51 18.56
C GLY D 192 -9.21 19.13 19.95
N SER D 193 -8.24 18.91 20.84
CA SER D 193 -8.56 18.55 22.20
C SER D 193 -7.90 19.41 23.26
N ALA D 194 -6.98 20.33 22.89
CA ALA D 194 -6.39 21.22 23.88
C ALA D 194 -6.21 22.65 23.36
N TYR D 195 -6.78 22.98 22.22
CA TYR D 195 -6.74 24.32 21.67
C TYR D 195 -7.77 25.20 22.39
N PRO D 196 -7.36 26.29 23.02
CA PRO D 196 -8.26 27.05 23.89
C PRO D 196 -9.14 28.06 23.17
N ARG D 197 -9.19 28.08 21.84
CA ARG D 197 -9.92 29.09 21.10
C ARG D 197 -10.88 28.42 20.13
N ASP D 198 -11.69 29.24 19.46
CA ASP D 198 -12.67 28.72 18.52
C ASP D 198 -12.07 28.61 17.11
N TRP D 199 -12.86 28.10 16.19
CA TRP D 199 -12.39 27.73 14.87
C TRP D 199 -13.08 28.57 13.80
N ASP D 200 -12.28 29.03 12.83
CA ASP D 200 -12.79 29.77 11.68
C ASP D 200 -13.03 28.76 10.57
N TYR D 201 -14.22 28.14 10.61
CA TYR D 201 -14.53 27.11 9.63
C TYR D 201 -14.59 27.68 8.22
N ALA D 202 -14.94 28.96 8.08
CA ALA D 202 -15.00 29.55 6.75
C ALA D 202 -13.61 29.60 6.11
N ARG D 203 -12.59 29.97 6.89
CA ARG D 203 -11.24 30.02 6.33
C ARG D 203 -10.74 28.62 6.01
N PHE D 204 -11.11 27.64 6.85
CA PHE D 204 -10.79 26.25 6.57
C PHE D 204 -11.43 25.79 5.27
N ARG D 205 -12.69 26.17 5.04
CA ARG D 205 -13.34 25.80 3.79
C ARG D 205 -12.67 26.48 2.60
N ALA D 206 -12.27 27.74 2.77
CA ALA D 206 -11.55 28.44 1.71
C ALA D 206 -10.26 27.72 1.37
N ILE D 207 -9.55 27.22 2.39
CA ILE D 207 -8.32 26.48 2.14
C ILE D 207 -8.62 25.14 1.51
N ALA D 208 -9.62 24.41 2.03
CA ALA D 208 -9.92 23.10 1.49
C ALA D 208 -10.33 23.19 0.02
N ASP D 209 -11.13 24.20 -0.33
CA ASP D 209 -11.47 24.39 -1.73
C ASP D 209 -10.24 24.72 -2.57
N LYS D 210 -9.31 25.47 -2.00
CA LYS D 210 -8.14 25.89 -2.77
C LYS D 210 -7.26 24.71 -3.12
N VAL D 211 -7.24 23.67 -2.28
CA VAL D 211 -6.37 22.52 -2.51
C VAL D 211 -7.14 21.30 -2.99
N GLY D 212 -8.47 21.36 -3.04
CA GLY D 212 -9.26 20.22 -3.45
C GLY D 212 -9.40 19.15 -2.39
N ALA D 213 -9.38 19.53 -1.12
CA ALA D 213 -9.55 18.57 -0.03
C ALA D 213 -10.99 18.52 0.45
N LEU D 214 -11.41 17.36 0.95
CA LEU D 214 -12.60 17.32 1.79
C LEU D 214 -12.31 17.96 3.14
N LEU D 215 -13.35 18.55 3.74
CA LEU D 215 -13.21 19.25 5.02
C LEU D 215 -14.05 18.53 6.07
N LEU D 216 -13.37 17.96 7.07
CA LEU D 216 -14.01 17.29 8.19
C LEU D 216 -13.77 18.07 9.49
N CYS D 217 -14.80 18.18 10.31
CA CYS D 217 -14.65 18.76 11.64
C CYS D 217 -14.88 17.69 12.68
N ASP D 218 -13.93 17.54 13.60
CA ASP D 218 -14.07 16.66 14.76
C ASP D 218 -14.41 17.59 15.93
N MET D 219 -15.68 17.60 16.33
CA MET D 219 -16.16 18.56 17.33
C MET D 219 -16.34 17.93 18.70
N ALA D 220 -15.77 16.75 18.92
CA ALA D 220 -15.90 15.99 20.16
C ALA D 220 -15.88 16.87 21.42
N HIS D 221 -14.82 17.66 21.61
CA HIS D 221 -14.68 18.39 22.88
C HIS D 221 -15.77 19.44 23.04
N ILE D 222 -16.06 20.19 21.98
CA ILE D 222 -16.93 21.36 22.06
C ILE D 222 -18.35 21.02 21.60
N SER D 223 -18.68 19.73 21.52
CA SER D 223 -19.96 19.32 20.92
C SER D 223 -21.14 19.88 21.70
N GLY D 224 -21.03 19.91 23.03
CA GLY D 224 -22.08 20.54 23.81
C GLY D 224 -22.17 22.03 23.58
N LEU D 225 -21.03 22.69 23.38
CA LEU D 225 -21.08 24.13 23.12
C LEU D 225 -21.67 24.40 21.75
N VAL D 226 -21.38 23.55 20.76
CA VAL D 226 -21.95 23.73 19.43
C VAL D 226 -23.47 23.57 19.46
N ALA D 227 -23.95 22.48 20.04
CA ALA D 227 -25.38 22.28 20.25
C ALA D 227 -26.06 23.53 20.79
N ALA D 228 -25.50 24.11 21.86
CA ALA D 228 -26.08 25.27 22.53
C ALA D 228 -25.83 26.59 21.80
N GLN D 229 -25.15 26.56 20.66
CA GLN D 229 -24.82 27.78 19.92
C GLN D 229 -23.94 28.71 20.75
N GLU D 230 -23.02 28.11 21.50
CA GLU D 230 -22.00 28.79 22.27
C GLU D 230 -20.61 28.59 21.67
N ALA D 231 -20.56 28.03 20.47
CA ALA D 231 -19.34 27.84 19.69
C ALA D 231 -19.72 28.02 18.23
N ALA D 232 -18.75 28.39 17.41
CA ALA D 232 -19.02 28.55 15.99
C ALA D 232 -19.46 27.22 15.39
N ASN D 233 -20.28 27.28 14.34
CA ASN D 233 -21.00 26.13 13.85
C ASN D 233 -20.23 25.47 12.72
N PRO D 234 -19.65 24.28 12.93
CA PRO D 234 -18.93 23.64 11.83
C PRO D 234 -19.82 23.18 10.69
N PHE D 235 -21.10 22.93 10.95
CA PHE D 235 -22.00 22.46 9.91
C PHE D 235 -22.21 23.47 8.81
N GLU D 236 -21.84 24.73 9.03
CA GLU D 236 -22.01 25.72 7.97
C GLU D 236 -20.99 25.54 6.85
N TYR D 237 -19.84 24.93 7.12
CA TYR D 237 -18.79 24.87 6.11
C TYR D 237 -18.16 23.51 5.90
N CYS D 238 -18.37 22.53 6.78
CA CYS D 238 -17.73 21.23 6.64
C CYS D 238 -18.62 20.24 5.89
N ASP D 239 -17.97 19.30 5.19
CA ASP D 239 -18.66 18.22 4.49
C ASP D 239 -19.14 17.16 5.46
N VAL D 240 -18.33 16.89 6.49
CA VAL D 240 -18.58 15.83 7.46
C VAL D 240 -18.19 16.36 8.82
N VAL D 241 -18.95 15.99 9.84
CA VAL D 241 -18.68 16.38 11.22
C VAL D 241 -18.72 15.12 12.06
N THR D 242 -17.63 14.81 12.75
CA THR D 242 -17.57 13.71 13.69
C THR D 242 -17.60 14.24 15.12
N THR D 243 -18.06 13.41 16.05
CA THR D 243 -18.10 13.82 17.45
C THR D 243 -18.18 12.60 18.36
N THR D 244 -17.70 12.79 19.59
CA THR D 244 -18.08 11.93 20.69
C THR D 244 -19.32 12.51 21.35
N THR D 245 -19.92 11.72 22.22
CA THR D 245 -21.11 12.16 22.94
C THR D 245 -20.96 12.28 24.45
N HIS D 246 -19.80 11.93 25.01
CA HIS D 246 -19.65 11.85 26.46
C HIS D 246 -18.87 13.01 27.06
N LYS D 247 -18.52 14.02 26.26
CA LYS D 247 -17.70 15.09 26.79
C LYS D 247 -18.58 16.28 27.17
N SER D 248 -18.44 17.42 26.51
CA SER D 248 -19.30 18.54 26.84
C SER D 248 -20.76 18.28 26.48
N LEU D 249 -21.03 17.32 25.57
CA LEU D 249 -22.41 16.95 25.27
C LEU D 249 -23.09 16.23 26.44
N ARG D 250 -22.30 15.74 27.41
CA ARG D 250 -22.83 15.19 28.66
C ARG D 250 -23.70 13.95 28.44
N GLY D 251 -23.30 13.10 27.49
CA GLY D 251 -24.05 11.89 27.21
C GLY D 251 -23.29 10.63 27.54
N PRO D 252 -23.70 9.50 26.97
CA PRO D 252 -22.93 8.26 27.11
C PRO D 252 -21.70 8.28 26.21
N ARG D 253 -20.87 7.25 26.38
CA ARG D 253 -19.67 7.10 25.57
C ARG D 253 -20.07 6.52 24.21
N ALA D 254 -20.05 7.35 23.17
CA ALA D 254 -20.44 6.94 21.83
C ALA D 254 -19.86 7.93 20.84
N GLY D 255 -20.01 7.61 19.56
CA GLY D 255 -19.60 8.52 18.52
C GLY D 255 -20.72 8.71 17.51
N MET D 256 -20.61 9.78 16.73
CA MET D 256 -21.56 10.03 15.66
C MET D 256 -20.80 10.58 14.47
N ILE D 257 -21.32 10.32 13.26
CA ILE D 257 -20.78 10.87 12.02
C ILE D 257 -21.92 11.58 11.29
N PHE D 258 -21.85 12.92 11.19
CA PHE D 258 -22.77 13.72 10.39
C PHE D 258 -22.21 13.94 9.00
N TYR D 259 -23.09 13.94 8.00
CA TYR D 259 -22.67 14.07 6.62
C TYR D 259 -23.71 14.84 5.82
N ARG D 260 -23.26 15.60 4.83
CA ARG D 260 -24.19 16.34 3.99
C ARG D 260 -24.92 15.42 3.01
N LYS D 261 -26.16 15.79 2.69
CA LYS D 261 -27.00 15.11 1.71
C LYS D 261 -27.63 16.15 0.78
N GLY D 262 -28.09 15.69 -0.37
CA GLY D 262 -28.87 16.53 -1.25
C GLY D 262 -28.02 17.30 -2.24
N PRO D 263 -28.58 18.35 -2.84
CA PRO D 263 -27.89 19.04 -3.94
C PRO D 263 -26.56 19.63 -3.50
N LYS D 264 -25.57 19.55 -4.37
CA LYS D 264 -24.26 20.16 -4.12
C LYS D 264 -24.26 21.62 -4.56
N PRO D 265 -23.32 22.41 -4.06
CA PRO D 265 -23.17 23.80 -4.55
C PRO D 265 -22.44 23.81 -5.88
N PRO D 266 -22.41 24.95 -6.58
CA PRO D 266 -21.77 24.99 -7.90
C PRO D 266 -20.27 24.76 -7.82
N LYS D 267 -19.73 24.07 -8.83
CA LYS D 267 -18.31 23.71 -8.83
C LYS D 267 -17.71 23.81 -10.23
N LYS D 268 -17.29 22.67 -10.76
CA LYS D 268 -16.69 22.54 -12.09
C LYS D 268 -16.42 21.07 -12.34
N GLY D 269 -16.69 20.58 -13.54
CA GLY D 269 -16.66 19.14 -13.74
C GLY D 269 -17.71 18.39 -12.95
N GLN D 270 -18.61 19.10 -12.28
CA GLN D 270 -19.67 18.51 -11.50
C GLN D 270 -20.96 18.58 -12.31
N PRO D 271 -21.65 17.46 -12.53
CA PRO D 271 -22.92 17.50 -13.27
C PRO D 271 -23.92 18.38 -12.55
N GLU D 272 -24.52 19.32 -13.28
CA GLU D 272 -25.62 20.10 -12.73
C GLU D 272 -26.68 19.16 -12.20
N GLY D 273 -27.20 19.47 -11.01
CA GLY D 273 -28.08 18.54 -10.34
C GLY D 273 -27.38 17.43 -9.58
N ALA D 274 -26.08 17.54 -9.38
CA ALA D 274 -25.36 16.54 -8.60
C ALA D 274 -25.74 16.61 -7.14
N VAL D 275 -25.77 15.45 -6.49
CA VAL D 275 -26.07 15.37 -5.07
C VAL D 275 -24.90 14.72 -4.35
N TYR D 276 -24.75 15.08 -3.09
CA TYR D 276 -23.71 14.49 -2.26
C TYR D 276 -23.85 12.98 -2.22
N ASP D 277 -22.73 12.31 -2.05
CA ASP D 277 -22.69 10.85 -2.04
C ASP D 277 -22.11 10.30 -0.74
N PHE D 278 -22.22 11.06 0.35
CA PHE D 278 -21.59 10.63 1.60
C PHE D 278 -22.37 9.51 2.29
N GLU D 279 -23.70 9.56 2.22
CA GLU D 279 -24.53 8.75 3.11
C GLU D 279 -24.18 7.28 3.01
N ASP D 280 -24.17 6.73 1.80
CA ASP D 280 -24.00 5.30 1.66
C ASP D 280 -22.57 4.87 2.01
N LYS D 281 -21.57 5.67 1.63
CA LYS D 281 -20.18 5.35 1.98
C LYS D 281 -19.98 5.34 3.48
N ILE D 282 -20.51 6.34 4.16
CA ILE D 282 -20.34 6.42 5.60
C ILE D 282 -21.07 5.26 6.29
N ASN D 283 -22.33 5.02 5.93
CA ASN D 283 -23.03 3.87 6.50
C ASN D 283 -22.25 2.58 6.28
N PHE D 284 -21.80 2.38 5.05
CA PHE D 284 -21.10 1.15 4.69
C PHE D 284 -19.78 1.01 5.44
N ALA D 285 -19.05 2.11 5.61
CA ALA D 285 -17.78 2.03 6.32
C ALA D 285 -17.98 1.68 7.79
N VAL D 286 -19.08 2.15 8.39
CA VAL D 286 -19.39 1.77 9.77
C VAL D 286 -19.80 0.31 9.82
N PHE D 287 -20.74 -0.08 8.97
CA PHE D 287 -21.14 -1.46 8.86
C PHE D 287 -21.51 -1.67 7.40
N PRO D 288 -21.04 -2.75 6.75
CA PRO D 288 -20.32 -3.92 7.26
C PRO D 288 -18.79 -3.83 7.31
N ALA D 289 -18.20 -2.71 6.92
CA ALA D 289 -16.75 -2.68 6.78
C ALA D 289 -16.05 -2.83 8.13
N LEU D 290 -16.38 -1.99 9.11
CA LEU D 290 -15.57 -1.89 10.31
C LEU D 290 -16.22 -2.44 11.57
N GLN D 291 -17.46 -2.08 11.86
CA GLN D 291 -18.05 -2.52 13.12
C GLN D 291 -18.90 -3.78 12.90
N GLY D 292 -19.36 -4.36 14.00
CA GLY D 292 -20.33 -5.44 13.92
C GLY D 292 -21.69 -4.94 14.38
N GLY D 293 -22.32 -5.65 15.32
CA GLY D 293 -23.59 -5.22 15.84
C GLY D 293 -23.48 -3.92 16.61
N PRO D 294 -24.40 -3.01 16.36
CA PRO D 294 -24.43 -1.75 17.13
C PRO D 294 -24.63 -2.05 18.61
N HIS D 295 -24.21 -1.12 19.46
CA HIS D 295 -24.44 -1.23 20.90
C HIS D 295 -25.71 -0.45 21.21
N ASN D 296 -26.85 -1.15 21.15
CA ASN D 296 -28.15 -0.49 21.18
C ASN D 296 -28.43 0.24 22.48
N HIS D 297 -27.86 -0.23 23.59
CA HIS D 297 -28.05 0.47 24.85
C HIS D 297 -27.37 1.83 24.84
N GLN D 298 -26.21 1.93 24.18
CA GLN D 298 -25.56 3.23 23.97
C GLN D 298 -26.45 4.15 23.16
N ILE D 299 -27.10 3.60 22.13
CA ILE D 299 -27.88 4.43 21.21
C ILE D 299 -29.13 4.95 21.91
N GLY D 300 -29.79 4.09 22.70
CA GLY D 300 -30.92 4.56 23.47
C GLY D 300 -30.53 5.58 24.53
N ALA D 301 -29.39 5.33 25.19
CA ALA D 301 -28.90 6.30 26.16
C ALA D 301 -28.47 7.58 25.48
N LEU D 302 -27.88 7.46 24.28
CA LEU D 302 -27.55 8.65 23.51
C LEU D 302 -28.80 9.41 23.13
N ALA D 303 -29.87 8.72 22.73
CA ALA D 303 -31.12 9.41 22.43
C ALA D 303 -31.59 10.25 23.61
N VAL D 304 -31.50 9.69 24.81
CA VAL D 304 -31.91 10.44 26.00
C VAL D 304 -31.05 11.69 26.15
N ALA D 305 -29.73 11.54 26.04
CA ALA D 305 -28.81 12.66 26.17
C ALA D 305 -29.12 13.76 25.16
N LEU D 306 -29.46 13.37 23.94
CA LEU D 306 -29.73 14.35 22.88
C LEU D 306 -31.00 15.12 23.15
N LYS D 307 -31.98 14.50 23.82
CA LYS D 307 -33.15 15.26 24.28
C LYS D 307 -32.78 16.22 25.39
N GLN D 308 -31.89 15.81 26.30
CA GLN D 308 -31.52 16.67 27.43
C GLN D 308 -30.66 17.85 26.98
N ALA D 309 -29.89 17.68 25.89
CA ALA D 309 -29.03 18.76 25.40
C ALA D 309 -29.80 19.84 24.67
N ASN D 310 -30.95 19.50 24.10
CA ASN D 310 -31.73 20.44 23.30
C ASN D 310 -32.80 21.11 24.14
N THR D 311 -32.40 21.66 25.28
CA THR D 311 -33.30 22.35 26.20
C THR D 311 -32.72 23.71 26.54
N PRO D 312 -33.57 24.67 26.96
CA PRO D 312 -33.00 25.94 27.43
C PRO D 312 -32.01 25.72 28.56
N GLY D 313 -32.28 24.73 29.42
CA GLY D 313 -31.38 24.46 30.52
C GLY D 313 -29.98 24.12 30.06
N PHE D 314 -29.86 23.31 29.00
CA PHE D 314 -28.52 22.94 28.56
C PHE D 314 -27.74 24.14 28.05
N LYS D 315 -28.44 25.13 27.47
CA LYS D 315 -27.74 26.32 26.99
C LYS D 315 -27.20 27.14 28.15
N VAL D 316 -27.94 27.21 29.27
CA VAL D 316 -27.42 27.89 30.45
C VAL D 316 -26.16 27.18 30.95
N TYR D 317 -26.18 25.85 30.93
CA TYR D 317 -25.01 25.07 31.32
C TYR D 317 -23.81 25.39 30.43
N ALA D 318 -24.03 25.46 29.12
CA ALA D 318 -22.93 25.71 28.20
C ALA D 318 -22.32 27.09 28.42
N LYS D 319 -23.17 28.11 28.60
CA LYS D 319 -22.68 29.45 28.96
C LYS D 319 -21.87 29.41 30.26
N GLN D 320 -22.38 28.73 31.28
CA GLN D 320 -21.68 28.64 32.55
C GLN D 320 -20.34 27.93 32.41
N VAL D 321 -20.31 26.83 31.64
CA VAL D 321 -19.05 26.14 31.38
C VAL D 321 -18.01 27.11 30.84
N LYS D 322 -18.42 27.94 29.87
CA LYS D 322 -17.47 28.91 29.31
C LYS D 322 -17.11 29.98 30.33
N ALA D 323 -18.06 30.44 31.14
CA ALA D 323 -17.75 31.48 32.11
C ALA D 323 -16.81 30.95 33.19
N ASN D 324 -16.99 29.68 33.57
CA ASN D 324 -16.12 29.08 34.58
C ASN D 324 -14.69 28.94 34.07
N ALA D 325 -14.53 28.57 32.81
CA ALA D 325 -13.19 28.42 32.24
C ALA D 325 -12.47 29.76 32.21
N VAL D 326 -13.17 30.82 31.77
CA VAL D 326 -12.60 32.16 31.78
C VAL D 326 -12.22 32.57 33.19
N ALA D 327 -13.11 32.31 34.16
CA ALA D 327 -12.83 32.66 35.55
C ALA D 327 -11.63 31.92 36.08
N LEU D 328 -11.50 30.64 35.75
CA LEU D 328 -10.33 29.87 36.18
C LEU D 328 -9.07 30.42 35.54
N GLY D 329 -9.08 30.61 34.22
CA GLY D 329 -7.89 31.11 33.54
C GLY D 329 -7.49 32.50 33.99
N ASN D 330 -8.47 33.38 34.19
CA ASN D 330 -8.17 34.71 34.74
C ASN D 330 -7.49 34.60 36.10
N TYR D 331 -7.98 33.70 36.97
CA TYR D 331 -7.40 33.56 38.29
C TYR D 331 -5.93 33.12 38.19
N LEU D 332 -5.69 32.07 37.41
CA LEU D 332 -4.33 31.57 37.23
C LEU D 332 -3.40 32.66 36.68
N MET D 333 -3.89 33.44 35.73
CA MET D 333 -3.05 34.50 35.19
C MET D 333 -2.76 35.58 36.23
N SER D 334 -3.71 35.86 37.14
CA SER D 334 -3.44 36.85 38.18
C SER D 334 -2.42 36.37 39.20
N LYS D 335 -2.23 35.05 39.33
CA LYS D 335 -1.18 34.52 40.18
C LYS D 335 0.15 34.35 39.43
N GLY D 336 0.27 34.87 38.22
CA GLY D 336 1.51 34.84 37.45
C GLY D 336 1.70 33.61 36.60
N TYR D 337 0.65 32.83 36.37
CA TYR D 337 0.76 31.62 35.57
C TYR D 337 0.50 31.91 34.12
N GLN D 338 1.14 31.14 33.25
CA GLN D 338 1.14 31.38 31.82
C GLN D 338 0.15 30.41 31.18
N ILE D 339 -1.02 30.92 30.79
CA ILE D 339 -1.97 30.09 30.05
C ILE D 339 -1.86 30.45 28.59
N VAL D 340 -2.04 29.46 27.72
CA VAL D 340 -1.76 29.68 26.31
C VAL D 340 -2.88 30.50 25.68
N THR D 341 -2.49 31.46 24.84
CA THR D 341 -3.33 32.52 24.27
C THR D 341 -3.79 33.50 25.34
N ASN D 342 -3.28 33.38 26.57
CA ASN D 342 -3.64 34.26 27.68
C ASN D 342 -5.15 34.36 27.85
N GLY D 343 -5.84 33.25 27.61
CA GLY D 343 -7.27 33.19 27.82
C GLY D 343 -7.85 31.94 27.22
N THR D 344 -9.18 31.93 27.13
CA THR D 344 -9.90 30.84 26.50
C THR D 344 -11.23 31.35 25.96
N GLU D 345 -11.75 30.67 24.94
CA GLU D 345 -13.08 30.89 24.38
C GLU D 345 -13.96 29.65 24.49
N ASN D 346 -13.47 28.58 25.10
CA ASN D 346 -14.24 27.34 25.16
C ASN D 346 -14.27 26.80 26.58
N HIS D 347 -14.26 25.48 26.72
CA HIS D 347 -14.48 24.81 27.99
C HIS D 347 -13.21 24.52 28.76
N LEU D 348 -12.05 24.80 28.19
CA LEU D 348 -10.80 24.37 28.80
C LEU D 348 -9.83 25.53 28.92
N VAL D 349 -8.82 25.31 29.77
CA VAL D 349 -7.65 26.17 29.87
C VAL D 349 -6.42 25.29 29.69
N LEU D 350 -5.45 25.76 28.90
CA LEU D 350 -4.17 25.09 28.73
C LEU D 350 -3.06 25.93 29.34
N TRP D 351 -2.24 25.30 30.19
CA TRP D 351 -1.36 25.99 31.13
C TRP D 351 0.08 25.57 30.86
N ASP D 352 0.92 26.49 30.41
CA ASP D 352 2.32 26.18 30.15
C ASP D 352 3.09 26.23 31.47
N LEU D 353 3.68 25.11 31.87
CA LEU D 353 4.43 25.03 33.12
C LEU D 353 5.91 25.23 32.94
N ARG D 354 6.39 25.25 31.69
CA ARG D 354 7.81 25.40 31.46
C ARG D 354 8.39 26.71 31.99
N PRO D 355 7.70 27.86 31.98
CA PRO D 355 8.25 29.03 32.68
C PRO D 355 8.42 28.81 34.18
N LEU D 356 7.71 27.84 34.77
CA LEU D 356 7.89 27.51 36.18
C LEU D 356 9.01 26.51 36.41
N GLY D 357 9.66 26.04 35.35
CA GLY D 357 10.61 24.95 35.49
C GLY D 357 9.99 23.62 35.83
N LEU D 358 8.73 23.40 35.47
CA LEU D 358 8.01 22.17 35.76
C LEU D 358 7.64 21.46 34.45
N THR D 359 7.45 20.15 34.54
CA THR D 359 6.80 19.38 33.49
C THR D 359 5.45 18.89 34.00
N GLY D 360 4.53 18.65 33.04
CA GLY D 360 3.15 18.38 33.40
C GLY D 360 2.94 17.08 34.15
N ASN D 361 3.85 16.11 33.99
CA ASN D 361 3.68 14.85 34.70
C ASN D 361 3.88 15.03 36.20
N LYS D 362 4.80 15.90 36.61
CA LYS D 362 4.97 16.15 38.04
C LYS D 362 3.71 16.77 38.64
N VAL D 363 3.18 17.82 38.01
CA VAL D 363 1.98 18.47 38.54
C VAL D 363 0.80 17.49 38.52
N GLU D 364 0.65 16.72 37.44
CA GLU D 364 -0.48 15.81 37.37
C GLU D 364 -0.39 14.74 38.46
N LYS D 365 0.81 14.27 38.78
CA LYS D 365 0.94 13.25 39.81
C LYS D 365 0.65 13.82 41.20
N LEU D 366 1.17 15.01 41.51
CA LEU D 366 0.90 15.58 42.82
C LEU D 366 -0.59 15.93 42.96
N CYS D 367 -1.18 16.50 41.91
CA CYS D 367 -2.62 16.77 41.94
C CYS D 367 -3.42 15.52 42.24
N ASP D 368 -3.12 14.44 41.51
CA ASP D 368 -3.85 13.18 41.67
C ASP D 368 -3.81 12.71 43.12
N LEU D 369 -2.64 12.80 43.77
CA LEU D 369 -2.53 12.39 45.16
C LEU D 369 -3.35 13.29 46.09
N CYS D 370 -3.77 14.46 45.61
CA CYS D 370 -4.61 15.38 46.37
C CYS D 370 -6.05 15.37 45.87
N SER D 371 -6.45 14.34 45.12
CA SER D 371 -7.82 14.19 44.63
C SER D 371 -8.21 15.30 43.66
N ILE D 372 -7.21 15.85 42.96
CA ILE D 372 -7.41 16.77 41.83
C ILE D 372 -6.98 16.02 40.57
N THR D 373 -7.92 15.77 39.67
CA THR D 373 -7.64 15.03 38.45
C THR D 373 -7.63 15.96 37.25
N LEU D 374 -6.49 16.03 36.58
CA LEU D 374 -6.35 16.69 35.30
C LEU D 374 -5.44 15.79 34.48
N ASN D 375 -4.82 16.33 33.44
CA ASN D 375 -3.83 15.54 32.73
C ASN D 375 -2.76 16.44 32.18
N LYS D 376 -1.53 15.94 32.21
CA LYS D 376 -0.46 16.59 31.47
C LYS D 376 -0.84 16.72 30.01
N ASN D 377 -0.23 17.69 29.34
CA ASN D 377 -0.57 17.97 27.96
C ASN D 377 0.63 18.62 27.28
N ALA D 378 0.93 18.17 26.06
CA ALA D 378 1.97 18.82 25.27
C ALA D 378 1.63 20.28 25.03
N VAL D 379 2.67 21.11 24.92
CA VAL D 379 2.53 22.50 24.51
C VAL D 379 3.53 22.78 23.40
N PHE D 380 3.41 23.95 22.78
CA PHE D 380 4.13 24.23 21.55
C PHE D 380 5.62 23.97 21.72
N GLY D 381 6.15 23.08 20.89
CA GLY D 381 7.57 22.71 20.93
C GLY D 381 7.85 21.37 21.57
N ASP D 382 6.91 20.83 22.34
CA ASP D 382 7.13 19.57 23.06
C ASP D 382 7.36 18.41 22.09
N SER D 383 8.16 17.44 22.55
CA SER D 383 8.31 16.16 21.88
C SER D 383 8.22 14.97 22.83
N SER D 384 7.94 15.20 24.11
CA SER D 384 8.04 14.17 25.13
C SER D 384 6.70 13.45 25.32
N ALA D 385 6.76 12.10 25.32
CA ALA D 385 5.58 11.32 25.69
C ALA D 385 5.28 11.48 27.16
N LEU D 386 6.30 11.32 28.00
CA LEU D 386 6.12 11.19 29.44
C LEU D 386 6.21 12.52 30.19
N ALA D 387 6.94 13.49 29.67
CA ALA D 387 7.13 14.77 30.35
C ALA D 387 6.87 15.94 29.40
N PRO D 388 5.62 16.14 29.00
CA PRO D 388 5.27 17.37 28.27
C PRO D 388 5.35 18.56 29.21
N GLY D 389 5.16 19.75 28.63
CA GLY D 389 5.37 20.98 29.35
C GLY D 389 4.15 21.67 29.95
N GLY D 390 2.94 21.14 29.75
CA GLY D 390 1.74 21.80 30.22
C GLY D 390 0.83 20.87 31.01
N VAL D 391 -0.28 21.46 31.48
CA VAL D 391 -1.42 20.69 31.95
C VAL D 391 -2.68 21.32 31.36
N ARG D 392 -3.66 20.47 31.08
CA ARG D 392 -4.93 20.89 30.50
C ARG D 392 -6.01 20.79 31.57
N ILE D 393 -6.86 21.79 31.66
CA ILE D 393 -7.91 21.83 32.66
C ILE D 393 -9.20 22.26 31.98
N GLY D 394 -10.29 21.60 32.31
CA GLY D 394 -11.56 21.88 31.67
C GLY D 394 -12.67 21.98 32.70
N ALA D 395 -13.71 22.71 32.33
CA ALA D 395 -14.81 23.04 33.23
C ALA D 395 -16.09 22.19 33.16
N PRO D 396 -16.33 21.39 32.10
CA PRO D 396 -17.64 20.72 32.01
C PRO D 396 -18.09 19.92 33.23
N ALA D 397 -17.21 19.06 33.77
CA ALA D 397 -17.64 18.12 34.81
C ALA D 397 -18.03 18.84 36.09
N MET D 398 -17.16 19.71 36.62
CA MET D 398 -17.52 20.39 37.87
C MET D 398 -18.65 21.40 37.67
N THR D 399 -18.79 21.97 36.47
CA THR D 399 -19.98 22.80 36.20
C THR D 399 -21.23 21.95 36.28
N SER D 400 -21.15 20.69 35.82
CA SER D 400 -22.31 19.81 35.91
C SER D 400 -22.73 19.56 37.35
N ARG D 401 -21.82 19.75 38.30
CA ARG D 401 -22.15 19.64 39.72
C ARG D 401 -22.67 20.95 40.31
N GLY D 402 -22.85 21.99 39.50
CA GLY D 402 -23.44 23.24 39.94
C GLY D 402 -22.45 24.37 40.18
N LEU D 403 -21.16 24.15 39.96
CA LEU D 403 -20.17 25.16 40.31
C LEU D 403 -20.24 26.36 39.38
N VAL D 404 -20.07 27.55 39.95
CA VAL D 404 -20.09 28.79 39.18
C VAL D 404 -18.75 29.49 39.35
N GLU D 405 -18.65 30.76 38.94
CA GLU D 405 -17.34 31.40 38.80
C GLU D 405 -16.58 31.41 40.12
N LYS D 406 -17.27 31.76 41.21
CA LYS D 406 -16.64 31.80 42.51
C LYS D 406 -16.03 30.45 42.87
N ASP D 407 -16.78 29.38 42.63
CA ASP D 407 -16.26 28.05 42.93
C ASP D 407 -15.02 27.74 42.09
N PHE D 408 -14.97 28.20 40.84
CA PHE D 408 -13.80 27.94 40.02
C PHE D 408 -12.61 28.81 40.40
N GLU D 409 -12.83 29.96 41.02
CA GLU D 409 -11.69 30.68 41.56
C GLU D 409 -11.08 29.95 42.74
N GLN D 410 -11.89 29.26 43.53
CA GLN D 410 -11.31 28.44 44.60
C GLN D 410 -10.55 27.26 44.01
N ILE D 411 -11.06 26.69 42.93
CA ILE D 411 -10.31 25.64 42.24
C ILE D 411 -8.94 26.15 41.81
N GLY D 412 -8.88 27.38 41.32
CA GLY D 412 -7.60 27.98 40.98
C GLY D 412 -6.64 28.05 42.16
N GLU D 413 -7.16 28.39 43.34
CA GLU D 413 -6.30 28.49 44.51
C GLU D 413 -5.77 27.13 44.93
N PHE D 414 -6.60 26.08 44.84
CA PHE D 414 -6.13 24.72 45.04
C PHE D 414 -5.06 24.36 44.02
N LEU D 415 -5.28 24.71 42.75
CA LEU D 415 -4.29 24.42 41.72
C LEU D 415 -3.00 25.19 41.98
N SER D 416 -3.12 26.46 42.39
CA SER D 416 -1.94 27.24 42.73
C SER D 416 -1.22 26.66 43.93
N ARG D 417 -1.97 26.16 44.92
CA ARG D 417 -1.36 25.48 46.05
C ARG D 417 -0.65 24.21 45.61
N ALA D 418 -1.26 23.48 44.67
CA ALA D 418 -0.68 22.21 44.24
C ALA D 418 0.63 22.43 43.51
N VAL D 419 0.71 23.49 42.70
CA VAL D 419 1.92 23.73 41.93
C VAL D 419 3.05 24.25 42.82
N THR D 420 2.72 25.11 43.79
CA THR D 420 3.72 25.54 44.76
C THR D 420 4.31 24.35 45.51
N LEU D 421 3.47 23.36 45.84
CA LEU D 421 3.97 22.17 46.53
C LEU D 421 4.86 21.35 45.60
N THR D 422 4.48 21.25 44.32
CA THR D 422 5.34 20.60 43.34
C THR D 422 6.69 21.32 43.26
N LEU D 423 6.67 22.66 43.28
CA LEU D 423 7.91 23.43 43.24
C LEU D 423 8.74 23.21 44.50
N ASP D 424 8.08 23.17 45.67
CA ASP D 424 8.80 22.90 46.92
C ASP D 424 9.51 21.56 46.86
N ILE D 425 8.79 20.52 46.47
CA ILE D 425 9.38 19.18 46.37
C ILE D 425 10.55 19.18 45.40
N GLN D 426 10.33 19.73 44.20
CA GLN D 426 11.38 19.74 43.19
C GLN D 426 12.61 20.47 43.72
N LYS D 427 12.41 21.65 44.29
CA LYS D 427 13.50 22.43 44.85
C LYS D 427 14.29 21.62 45.88
N THR D 428 13.59 20.82 46.69
CA THR D 428 14.21 20.11 47.81
C THR D 428 14.94 18.85 47.37
N TYR D 429 14.36 18.11 46.41
CA TYR D 429 14.86 16.79 46.04
C TYR D 429 15.44 16.71 44.62
N GLY D 430 14.97 17.52 43.69
CA GLY D 430 15.49 17.52 42.33
C GLY D 430 14.41 17.17 41.32
N LYS D 431 14.80 17.27 40.04
CA LYS D 431 13.90 16.99 38.94
C LYS D 431 13.85 15.51 38.59
N LEU D 432 14.88 14.75 38.94
CA LEU D 432 14.88 13.32 38.66
C LEU D 432 13.68 12.67 39.32
N LEU D 433 13.07 11.74 38.59
CA LEU D 433 11.81 11.14 39.02
C LEU D 433 11.92 10.51 40.40
N LYS D 434 12.93 9.68 40.60
CA LYS D 434 13.13 9.03 41.89
C LYS D 434 13.48 10.01 43.00
N ASP D 435 13.97 11.20 42.64
CA ASP D 435 14.19 12.24 43.64
C ASP D 435 12.89 12.98 43.93
N PHE D 436 12.18 13.40 42.89
CA PHE D 436 10.89 14.08 43.06
C PHE D 436 9.91 13.23 43.88
N ASN D 437 9.94 11.90 43.66
CA ASN D 437 9.05 11.02 44.40
C ASN D 437 9.27 11.10 45.90
N LYS D 438 10.49 11.39 46.33
CA LYS D 438 10.79 11.38 47.76
C LYS D 438 9.88 12.35 48.53
N GLY D 439 9.41 13.40 47.85
CA GLY D 439 8.52 14.36 48.48
C GLY D 439 7.05 14.04 48.40
N LEU D 440 6.65 12.97 47.71
CA LEU D 440 5.24 12.63 47.58
C LEU D 440 4.72 11.78 48.73
N VAL D 441 5.57 11.41 49.68
CA VAL D 441 5.17 10.60 50.82
C VAL D 441 5.51 11.36 52.10
N ASN D 442 4.72 11.11 53.15
CA ASN D 442 4.88 11.79 54.43
C ASN D 442 5.04 13.29 54.22
N ASN D 443 4.13 13.86 53.44
CA ASN D 443 4.12 15.29 53.14
C ASN D 443 2.85 15.84 53.77
N LYS D 444 3.00 16.48 54.93
CA LYS D 444 1.86 16.98 55.68
C LYS D 444 1.10 18.05 54.89
N ASP D 445 1.84 18.88 54.14
CA ASP D 445 1.19 19.89 53.30
C ASP D 445 0.35 19.24 52.21
N LEU D 446 0.85 18.15 51.64
CA LEU D 446 0.05 17.34 50.72
C LEU D 446 -1.23 16.86 51.40
N ASP D 447 -1.07 16.21 52.55
CA ASP D 447 -2.21 15.68 53.30
C ASP D 447 -3.27 16.76 53.55
N GLN D 448 -2.83 17.94 53.98
CA GLN D 448 -3.77 19.02 54.25
C GLN D 448 -4.49 19.46 52.98
N LEU D 449 -3.74 19.61 51.87
CA LEU D 449 -4.36 20.02 50.60
C LEU D 449 -5.42 19.03 50.18
N LYS D 450 -5.14 17.72 50.33
CA LYS D 450 -6.12 16.70 49.98
C LYS D 450 -7.38 16.85 50.81
N ALA D 451 -7.22 17.01 52.13
CA ALA D 451 -8.37 17.17 53.01
C ALA D 451 -9.20 18.38 52.61
N ASP D 452 -8.55 19.52 52.37
CA ASP D 452 -9.25 20.71 51.88
C ASP D 452 -10.01 20.41 50.59
N VAL D 453 -9.36 19.73 49.64
CA VAL D 453 -9.95 19.50 48.33
C VAL D 453 -11.21 18.67 48.46
N GLU D 454 -11.15 17.60 49.26
CA GLU D 454 -12.27 16.68 49.37
C GLU D 454 -13.42 17.27 50.16
N LYS D 455 -13.11 18.12 51.15
CA LYS D 455 -14.15 18.83 51.89
C LYS D 455 -14.88 19.83 50.98
N PHE D 456 -14.12 20.60 50.19
CA PHE D 456 -14.71 21.46 49.17
C PHE D 456 -15.60 20.67 48.23
N SER D 457 -15.13 19.51 47.78
CA SER D 457 -15.80 18.78 46.70
C SER D 457 -17.09 18.10 47.17
N ALA D 458 -17.14 17.66 48.43
CA ALA D 458 -18.29 16.92 48.93
C ALA D 458 -19.53 17.80 49.14
N SER D 459 -19.36 19.12 49.20
CA SER D 459 -20.48 20.00 49.51
C SER D 459 -21.43 20.23 48.34
N TYR D 460 -21.10 19.74 47.15
CA TYR D 460 -21.91 19.99 45.96
C TYR D 460 -22.68 18.73 45.55
N GLU D 461 -23.76 18.95 44.81
CA GLU D 461 -24.59 17.84 44.33
C GLU D 461 -23.84 17.02 43.27
N MET D 462 -24.45 15.90 42.89
CA MET D 462 -23.86 14.94 41.96
C MET D 462 -24.94 14.25 41.13
N PRO D 463 -24.95 14.44 39.82
CA PRO D 463 -25.87 13.68 38.96
C PRO D 463 -25.38 12.27 38.69
N GLY D 464 -26.31 11.43 38.24
CA GLY D 464 -26.03 10.06 37.86
C GLY D 464 -26.40 9.03 38.92
N PHE D 465 -26.35 9.41 40.20
CA PHE D 465 -26.69 8.53 41.30
C PHE D 465 -26.94 9.40 42.53
N LEU D 466 -27.55 8.80 43.56
CA LEU D 466 -27.92 9.50 44.78
C LEU D 466 -26.84 9.34 45.85
N MET D 467 -26.15 10.44 46.17
CA MET D 467 -25.16 10.42 47.24
C MET D 467 -25.75 9.95 48.56
N SER D 468 -27.06 10.09 48.76
CA SER D 468 -27.69 9.70 50.02
C SER D 468 -27.79 8.19 50.19
N GLU D 469 -27.65 7.42 49.12
CA GLU D 469 -27.82 5.98 49.18
C GLU D 469 -26.54 5.20 48.92
N MET D 470 -25.45 5.89 48.60
CA MET D 470 -24.17 5.28 48.27
C MET D 470 -23.50 4.68 49.52
N LYS D 471 -22.59 3.73 49.28
CA LYS D 471 -22.01 2.96 50.38
C LYS D 471 -21.01 3.76 51.18
N TYR D 472 -20.19 4.59 50.53
CA TYR D 472 -19.08 5.29 51.18
C TYR D 472 -19.36 6.79 51.17
N LYS D 473 -19.71 7.33 52.33
CA LYS D 473 -19.90 8.75 52.49
C LYS D 473 -18.80 9.32 53.40
#